data_4IXH
#
_entry.id   4IXH
#
_cell.length_a   89.185
_cell.length_b   92.016
_cell.length_c   92.139
_cell.angle_alpha   90.00
_cell.angle_beta   103.85
_cell.angle_gamma   90.00
#
_symmetry.space_group_name_H-M   'P 1 21 1'
#
loop_
_entity.id
_entity.type
_entity.pdbx_description
1 polymer "Inosine-5'-monophosphate dehydrogenase"
2 non-polymer 'INOSINIC ACID'
3 non-polymer 1,2-ETHANEDIOL
4 non-polymer (2S)-2-(naphthalen-1-yloxy)-N-[2-(pyridin-4-yl)-1,3-benzoxazol-5-yl]propanamide
5 water water
#
_entity_poly.entity_id   1
_entity_poly.type   'polypeptide(L)'
_entity_poly.pdbx_seq_one_letter_code
;SNAMGTKNIGKGLTFEDILLVPNYSEVLPREVSLETKLTKNVSLKIPLISSAMDTVTEHLMAVGMARLGGIGIIHKNMDM
ESQVNEVLKVKNSGGLRVGAAIGVNEIERAKLLVEAGVDVIVLDSAHGHSLNIIRTLKEIKSKMNIDVIVGNVVTEEATK
ELIENGADGIKVGIGPGSICTTRIVAGVGVPQITAIEKCSSVASKFGIPIIADGGIRYSGDIGKALAVGASSVMIGSILA
GTEESPGEKELIGDTVYKYYRGMGSVGAMKSGSGDRYFQEKRPENKMVPEGIEGRVKYKGEMEGVVYQLVGGLRSCMGYL
GSASIEELWKKSSYVEITTSGLRESHVHDVEIVKEVMNYSK
;
_entity_poly.pdbx_strand_id   A,B,C,D
#
loop_
_chem_comp.id
_chem_comp.type
_chem_comp.name
_chem_comp.formula
EDO non-polymer 1,2-ETHANEDIOL 'C2 H6 O2'
IMP non-polymer 'INOSINIC ACID' 'C10 H13 N4 O8 P'
Q21 non-polymer (2S)-2-(naphthalen-1-yloxy)-N-[2-(pyridin-4-yl)-1,3-benzoxazol-5-yl]propanamide 'C25 H19 N3 O3'
#
# COMPACT_ATOMS: atom_id res chain seq x y z
N MET A 4 -13.46 14.22 6.02
CA MET A 4 -13.93 13.91 4.68
C MET A 4 -14.22 15.17 3.88
N GLY A 5 -14.33 15.05 2.57
CA GLY A 5 -14.71 16.15 1.70
C GLY A 5 -16.10 15.92 1.14
N THR A 6 -16.80 17.01 0.82
CA THR A 6 -18.16 16.94 0.32
C THR A 6 -18.27 16.15 -1.00
N LYS A 7 -17.20 16.17 -1.78
CA LYS A 7 -17.21 15.57 -3.11
C LYS A 7 -16.77 14.11 -3.13
N ASN A 8 -16.44 13.58 -1.96
CA ASN A 8 -16.04 12.19 -1.82
C ASN A 8 -17.27 11.29 -1.83
N ILE A 9 -17.45 10.49 -2.87
CA ILE A 9 -18.61 9.61 -2.93
C ILE A 9 -18.34 8.18 -2.45
N GLY A 10 -17.14 7.92 -1.94
CA GLY A 10 -16.84 6.61 -1.32
C GLY A 10 -15.62 5.95 -1.93
N LYS A 11 -15.28 4.75 -1.47
CA LYS A 11 -14.09 4.06 -1.98
C LYS A 11 -14.43 3.15 -3.16
N GLY A 12 -13.60 3.18 -4.17
CA GLY A 12 -13.78 2.35 -5.34
C GLY A 12 -12.83 1.18 -5.29
N LEU A 13 -13.34 0.01 -5.65
CA LEU A 13 -12.56 -1.21 -5.64
C LEU A 13 -12.26 -1.69 -7.05
N THR A 14 -11.04 -2.13 -7.27
CA THR A 14 -10.67 -2.80 -8.51
C THR A 14 -10.62 -4.32 -8.28
N PHE A 15 -10.24 -5.06 -9.32
CA PHE A 15 -10.18 -6.52 -9.25
C PHE A 15 -9.23 -6.97 -8.13
N GLU A 16 -8.09 -6.31 -8.01
CA GLU A 16 -7.07 -6.69 -7.04
C GLU A 16 -7.49 -6.44 -5.60
N ASP A 17 -8.55 -5.66 -5.40
CA ASP A 17 -8.97 -5.28 -4.07
C ASP A 17 -9.87 -6.32 -3.41
N ILE A 18 -10.37 -7.27 -4.18
CA ILE A 18 -11.35 -8.22 -3.63
C ILE A 18 -10.99 -9.67 -3.87
N LEU A 19 -11.66 -10.55 -3.12
CA LEU A 19 -11.58 -12.00 -3.34
C LEU A 19 -12.98 -12.56 -3.16
N LEU A 20 -13.37 -13.48 -4.02
CA LEU A 20 -14.66 -14.14 -3.93
C LEU A 20 -14.64 -15.19 -2.84
N VAL A 21 -15.75 -15.25 -2.08
CA VAL A 21 -15.88 -16.19 -0.98
C VAL A 21 -16.54 -17.49 -1.46
N PRO A 22 -15.91 -18.64 -1.16
CA PRO A 22 -16.46 -19.96 -1.54
C PRO A 22 -17.80 -20.22 -0.86
N ASN A 23 -18.70 -20.88 -1.59
CA ASN A 23 -20.00 -21.31 -1.09
C ASN A 23 -20.09 -22.83 -1.02
N TYR A 24 -21.07 -23.34 -0.30
CA TYR A 24 -21.47 -24.75 -0.47
C TYR A 24 -21.66 -25.08 -1.96
N SER A 25 -21.00 -26.12 -2.43
CA SER A 25 -21.09 -26.45 -3.86
C SER A 25 -21.51 -27.89 -4.14
N GLU A 26 -22.46 -28.05 -5.04
CA GLU A 26 -22.81 -29.37 -5.54
C GLU A 26 -22.51 -29.46 -7.03
N VAL A 27 -21.80 -28.47 -7.57
CA VAL A 27 -21.51 -28.48 -8.99
C VAL A 27 -20.02 -28.44 -9.28
N LEU A 28 -19.56 -29.37 -10.11
CA LEU A 28 -18.17 -29.44 -10.50
C LEU A 28 -17.86 -28.41 -11.57
N PRO A 29 -16.62 -27.92 -11.62
CA PRO A 29 -16.19 -26.99 -12.66
C PRO A 29 -16.54 -27.44 -14.10
N ARG A 30 -16.40 -28.73 -14.39
N ARG A 30 -16.39 -28.72 -14.40
CA ARG A 30 -16.72 -29.22 -15.73
CA ARG A 30 -16.72 -29.20 -15.75
C ARG A 30 -18.21 -29.15 -16.03
C ARG A 30 -18.22 -29.20 -16.03
N GLU A 31 -19.03 -29.05 -14.98
CA GLU A 31 -20.48 -29.10 -15.12
C GLU A 31 -21.18 -27.76 -15.28
N VAL A 32 -20.50 -26.65 -15.02
CA VAL A 32 -21.20 -25.36 -15.00
C VAL A 32 -21.53 -24.91 -16.43
N SER A 33 -22.62 -24.17 -16.57
CA SER A 33 -22.95 -23.59 -17.85
C SER A 33 -22.36 -22.18 -17.91
N LEU A 34 -21.58 -21.91 -18.96
CA LEU A 34 -21.00 -20.59 -19.20
C LEU A 34 -21.82 -19.76 -20.18
N GLU A 35 -22.98 -20.28 -20.57
CA GLU A 35 -23.85 -19.57 -21.50
C GLU A 35 -24.27 -18.22 -20.93
N THR A 36 -24.39 -17.21 -21.79
CA THR A 36 -24.69 -15.85 -21.33
C THR A 36 -25.32 -15.02 -22.43
N LYS A 37 -25.71 -13.80 -22.08
CA LYS A 37 -26.23 -12.90 -23.10
C LYS A 37 -25.21 -11.81 -23.39
N LEU A 38 -24.88 -11.66 -24.66
CA LEU A 38 -24.06 -10.54 -25.12
C LEU A 38 -24.93 -9.29 -25.11
N THR A 39 -26.09 -9.38 -25.76
CA THR A 39 -27.09 -8.31 -25.75
C THR A 39 -28.42 -8.93 -25.43
N LYS A 40 -29.45 -8.10 -25.29
CA LYS A 40 -30.75 -8.62 -24.90
C LYS A 40 -31.33 -9.63 -25.91
N ASN A 41 -30.79 -9.65 -27.13
CA ASN A 41 -31.25 -10.59 -28.16
C ASN A 41 -30.19 -11.56 -28.70
N VAL A 42 -28.95 -11.40 -28.24
CA VAL A 42 -27.86 -12.24 -28.74
C VAL A 42 -27.17 -12.99 -27.61
N SER A 43 -27.05 -14.30 -27.77
CA SER A 43 -26.44 -15.15 -26.75
C SER A 43 -25.08 -15.70 -27.16
N LEU A 44 -24.28 -16.07 -26.16
CA LEU A 44 -22.95 -16.59 -26.39
C LEU A 44 -22.83 -17.85 -25.56
N LYS A 45 -22.00 -18.80 -26.01
CA LYS A 45 -21.73 -20.00 -25.23
C LYS A 45 -20.72 -19.77 -24.09
N ILE A 46 -19.79 -18.83 -24.27
CA ILE A 46 -18.91 -18.37 -23.19
C ILE A 46 -18.89 -16.84 -23.17
N PRO A 47 -18.67 -16.23 -21.99
CA PRO A 47 -18.79 -14.77 -21.84
C PRO A 47 -17.51 -13.99 -22.14
N LEU A 48 -16.82 -14.30 -23.23
CA LEU A 48 -15.62 -13.59 -23.61
C LEU A 48 -15.80 -12.87 -24.94
N ILE A 49 -15.39 -11.61 -24.99
CA ILE A 49 -15.43 -10.81 -26.20
C ILE A 49 -14.03 -10.26 -26.48
N SER A 50 -13.56 -10.34 -27.72
CA SER A 50 -12.26 -9.72 -28.03
C SER A 50 -12.40 -8.23 -28.36
N SER A 51 -11.48 -7.41 -27.86
CA SER A 51 -11.54 -5.96 -28.00
C SER A 51 -11.52 -5.43 -29.44
N ALA A 52 -12.30 -4.37 -29.67
CA ALA A 52 -12.31 -3.65 -30.94
C ALA A 52 -11.07 -2.77 -31.13
N MET A 53 -9.91 -3.39 -31.30
CA MET A 53 -8.64 -2.69 -31.38
C MET A 53 -7.82 -3.20 -32.56
N ASP A 54 -7.03 -2.34 -33.18
CA ASP A 54 -6.32 -2.74 -34.40
C ASP A 54 -5.11 -3.64 -34.15
N THR A 55 -4.83 -3.93 -32.89
CA THR A 55 -3.79 -4.87 -32.56
C THR A 55 -4.40 -6.14 -31.96
N VAL A 56 -5.73 -6.19 -31.91
CA VAL A 56 -6.42 -7.33 -31.33
C VAL A 56 -7.34 -8.07 -32.30
N THR A 57 -8.35 -7.38 -32.83
CA THR A 57 -9.41 -8.09 -33.54
C THR A 57 -9.62 -7.69 -34.99
N GLU A 58 -9.24 -8.59 -35.89
CA GLU A 58 -9.74 -8.56 -37.25
C GLU A 58 -10.42 -9.90 -37.55
N HIS A 59 -10.57 -10.28 -38.81
CA HIS A 59 -11.43 -11.42 -39.13
C HIS A 59 -10.98 -12.72 -38.47
N LEU A 60 -9.68 -12.99 -38.47
CA LEU A 60 -9.16 -14.25 -37.95
C LEU A 60 -9.40 -14.45 -36.46
N MET A 61 -9.17 -13.40 -35.68
CA MET A 61 -9.45 -13.40 -34.25
C MET A 61 -10.94 -13.55 -33.97
N ALA A 62 -11.77 -12.92 -34.80
CA ALA A 62 -13.21 -13.00 -34.64
C ALA A 62 -13.74 -14.40 -34.94
N VAL A 63 -13.19 -15.04 -35.99
CA VAL A 63 -13.49 -16.42 -36.27
C VAL A 63 -13.09 -17.30 -35.09
N GLY A 64 -11.85 -17.13 -34.63
CA GLY A 64 -11.36 -17.86 -33.47
C GLY A 64 -12.29 -17.74 -32.28
N MET A 65 -12.69 -16.51 -31.97
CA MET A 65 -13.57 -16.26 -30.83
C MET A 65 -14.93 -16.96 -30.95
N ALA A 66 -15.55 -16.85 -32.13
CA ALA A 66 -16.86 -17.44 -32.38
C ALA A 66 -16.87 -18.96 -32.33
N ARG A 67 -15.84 -19.60 -32.88
CA ARG A 67 -15.68 -21.05 -32.80
C ARG A 67 -15.60 -21.57 -31.36
N LEU A 68 -15.03 -20.77 -30.47
CA LEU A 68 -14.89 -21.18 -29.07
C LEU A 68 -16.10 -20.76 -28.26
N GLY A 69 -17.09 -20.16 -28.91
CA GLY A 69 -18.33 -19.83 -28.24
C GLY A 69 -18.46 -18.38 -27.80
N GLY A 70 -17.43 -17.59 -28.09
CA GLY A 70 -17.45 -16.16 -27.77
C GLY A 70 -17.70 -15.30 -29.00
N ILE A 71 -17.10 -14.12 -29.04
CA ILE A 71 -17.30 -13.22 -30.19
C ILE A 71 -16.21 -12.17 -30.30
N GLY A 72 -15.95 -11.72 -31.52
CA GLY A 72 -14.99 -10.66 -31.74
C GLY A 72 -15.66 -9.42 -32.30
N ILE A 73 -15.18 -8.25 -31.89
CA ILE A 73 -15.69 -6.98 -32.45
C ILE A 73 -14.64 -6.42 -33.39
N ILE A 74 -14.94 -6.39 -34.69
CA ILE A 74 -14.02 -5.84 -35.67
C ILE A 74 -13.82 -4.34 -35.41
N HIS A 75 -12.56 -3.91 -35.26
CA HIS A 75 -12.25 -2.51 -35.00
C HIS A 75 -12.62 -1.59 -36.16
N LYS A 76 -12.69 -0.28 -35.90
CA LYS A 76 -13.15 0.68 -36.90
C LYS A 76 -12.03 1.47 -37.56
N ASN A 77 -10.79 1.17 -37.20
CA ASN A 77 -9.63 1.84 -37.80
C ASN A 77 -9.33 1.31 -39.20
N MET A 78 -10.30 1.46 -40.09
CA MET A 78 -10.17 1.04 -41.46
C MET A 78 -11.37 1.63 -42.21
N ASP A 79 -11.29 1.70 -43.53
CA ASP A 79 -12.40 2.21 -44.33
C ASP A 79 -13.64 1.34 -44.16
N MET A 80 -14.81 1.88 -44.50
CA MET A 80 -16.06 1.13 -44.37
C MET A 80 -16.04 -0.19 -45.15
N GLU A 81 -15.55 -0.14 -46.38
CA GLU A 81 -15.46 -1.34 -47.22
C GLU A 81 -14.58 -2.42 -46.61
N SER A 82 -13.43 -2.03 -46.07
CA SER A 82 -12.54 -2.98 -45.42
C SER A 82 -13.22 -3.64 -44.23
N GLN A 83 -14.01 -2.86 -43.50
CA GLN A 83 -14.68 -3.36 -42.32
C GLN A 83 -15.83 -4.30 -42.68
N VAL A 84 -16.63 -3.89 -43.67
CA VAL A 84 -17.68 -4.76 -44.22
C VAL A 84 -17.09 -6.10 -44.64
N ASN A 85 -15.99 -6.05 -45.37
CA ASN A 85 -15.33 -7.26 -45.85
C ASN A 85 -14.86 -8.20 -44.73
N GLU A 86 -14.26 -7.65 -43.68
CA GLU A 86 -13.85 -8.45 -42.52
C GLU A 86 -15.05 -9.19 -41.95
N VAL A 87 -16.15 -8.46 -41.77
CA VAL A 87 -17.42 -9.04 -41.33
C VAL A 87 -17.85 -10.16 -42.30
N LEU A 88 -17.67 -9.94 -43.59
CA LEU A 88 -18.01 -10.96 -44.58
C LEU A 88 -17.16 -12.23 -44.44
N LYS A 89 -15.86 -12.04 -44.20
CA LYS A 89 -14.96 -13.16 -43.93
C LYS A 89 -15.49 -14.08 -42.83
N VAL A 90 -15.89 -13.48 -41.72
CA VAL A 90 -16.41 -14.23 -40.58
C VAL A 90 -17.74 -14.91 -40.93
N LYS A 91 -18.58 -14.21 -41.67
CA LYS A 91 -19.88 -14.75 -42.06
C LYS A 91 -19.77 -15.89 -43.07
N ASN A 92 -18.76 -15.84 -43.93
CA ASN A 92 -18.56 -16.90 -44.92
C ASN A 92 -17.83 -18.11 -44.33
N SER A 93 -17.48 -18.01 -43.06
CA SER A 93 -16.82 -19.10 -42.34
C SER A 93 -17.81 -19.77 -41.38
N GLY A 94 -18.75 -20.52 -41.92
CA GLY A 94 -19.81 -21.11 -41.12
C GLY A 94 -20.89 -20.09 -40.81
N GLY A 95 -21.72 -20.36 -39.82
CA GLY A 95 -22.76 -19.41 -39.44
C GLY A 95 -22.40 -18.62 -38.19
N LEU A 96 -21.16 -18.12 -38.15
CA LEU A 96 -20.58 -17.58 -36.94
C LEU A 96 -21.07 -16.19 -36.57
N ARG A 97 -21.21 -15.92 -35.27
N ARG A 97 -21.19 -15.94 -35.27
CA ARG A 97 -21.61 -14.60 -34.83
CA ARG A 97 -21.54 -14.63 -34.72
C ARG A 97 -20.40 -13.66 -34.85
C ARG A 97 -20.36 -13.66 -34.87
N VAL A 98 -20.65 -12.37 -35.01
CA VAL A 98 -19.60 -11.36 -35.14
C VAL A 98 -20.15 -9.96 -34.87
N GLY A 99 -19.32 -9.10 -34.30
CA GLY A 99 -19.69 -7.74 -34.04
C GLY A 99 -18.79 -6.76 -34.78
N ALA A 100 -19.17 -5.49 -34.76
CA ALA A 100 -18.36 -4.45 -35.37
C ALA A 100 -18.51 -3.15 -34.59
N ALA A 101 -17.43 -2.39 -34.51
CA ALA A 101 -17.46 -1.12 -33.80
C ALA A 101 -17.70 0.05 -34.75
N ILE A 102 -18.45 1.03 -34.29
CA ILE A 102 -18.57 2.31 -34.96
C ILE A 102 -18.37 3.44 -33.98
N GLY A 103 -18.05 4.62 -34.53
CA GLY A 103 -17.88 5.83 -33.74
C GLY A 103 -19.11 6.71 -33.79
N VAL A 104 -19.06 7.83 -33.07
CA VAL A 104 -20.19 8.73 -32.99
C VAL A 104 -20.53 9.26 -34.39
N ASN A 105 -21.82 9.38 -34.69
CA ASN A 105 -22.31 9.87 -35.99
C ASN A 105 -22.04 8.98 -37.22
N GLU A 106 -21.48 7.80 -37.01
CA GLU A 106 -21.14 6.92 -38.14
C GLU A 106 -22.32 6.05 -38.56
N ILE A 107 -23.39 6.69 -38.97
CA ILE A 107 -24.64 6.01 -39.29
C ILE A 107 -24.54 5.23 -40.61
N GLU A 108 -23.76 5.75 -41.54
CA GLU A 108 -23.63 5.09 -42.83
C GLU A 108 -22.85 3.78 -42.67
N ARG A 109 -21.77 3.86 -41.89
CA ARG A 109 -20.98 2.67 -41.56
C ARG A 109 -21.84 1.61 -40.89
N ALA A 110 -22.63 2.01 -39.90
CA ALA A 110 -23.52 1.09 -39.19
C ALA A 110 -24.46 0.38 -40.16
N LYS A 111 -25.13 1.16 -41.01
CA LYS A 111 -26.02 0.62 -42.03
C LYS A 111 -25.33 -0.44 -42.89
N LEU A 112 -24.16 -0.13 -43.40
CA LEU A 112 -23.42 -1.09 -44.24
C LEU A 112 -22.99 -2.36 -43.48
N LEU A 113 -22.67 -2.21 -42.19
CA LEU A 113 -22.29 -3.35 -41.39
C LEU A 113 -23.48 -4.27 -41.15
N VAL A 114 -24.64 -3.67 -40.87
CA VAL A 114 -25.88 -4.41 -40.65
C VAL A 114 -26.30 -5.19 -41.90
N GLU A 115 -26.15 -4.55 -43.06
CA GLU A 115 -26.45 -5.21 -44.34
C GLU A 115 -25.49 -6.37 -44.58
N ALA A 116 -24.26 -6.26 -44.09
CA ALA A 116 -23.28 -7.33 -44.26
C ALA A 116 -23.54 -8.50 -43.29
N GLY A 117 -24.61 -8.43 -42.51
CA GLY A 117 -25.00 -9.49 -41.62
C GLY A 117 -24.33 -9.47 -40.25
N VAL A 118 -23.83 -8.31 -39.83
CA VAL A 118 -23.23 -8.20 -38.50
C VAL A 118 -24.28 -8.49 -37.42
N ASP A 119 -23.87 -9.13 -36.32
CA ASP A 119 -24.84 -9.52 -35.30
C ASP A 119 -25.09 -8.44 -34.26
N VAL A 120 -24.10 -7.59 -34.05
CA VAL A 120 -24.23 -6.53 -33.06
C VAL A 120 -23.35 -5.35 -33.47
N ILE A 121 -23.85 -4.15 -33.26
CA ILE A 121 -23.05 -2.94 -33.44
C ILE A 121 -22.58 -2.46 -32.08
N VAL A 122 -21.29 -2.15 -31.98
CA VAL A 122 -20.76 -1.56 -30.76
C VAL A 122 -20.44 -0.10 -30.97
N LEU A 123 -21.35 0.75 -30.48
CA LEU A 123 -21.17 2.18 -30.51
C LEU A 123 -20.35 2.58 -29.29
N ASP A 124 -19.03 2.73 -29.49
CA ASP A 124 -18.15 3.03 -28.38
C ASP A 124 -17.48 4.39 -28.50
N SER A 125 -17.33 5.04 -27.36
CA SER A 125 -16.67 6.32 -27.23
C SER A 125 -15.92 6.32 -25.91
N ALA A 126 -14.90 7.15 -25.81
CA ALA A 126 -14.19 7.35 -24.57
C ALA A 126 -15.15 7.81 -23.47
N HIS A 127 -16.21 8.51 -23.86
CA HIS A 127 -17.16 9.02 -22.88
C HIS A 127 -18.57 8.72 -23.37
N GLY A 128 -19.07 7.54 -23.01
CA GLY A 128 -20.34 7.07 -23.51
C GLY A 128 -21.52 7.89 -23.05
N HIS A 129 -21.39 8.56 -21.90
CA HIS A 129 -22.49 9.36 -21.39
C HIS A 129 -22.46 10.80 -21.96
N SER A 130 -22.68 10.91 -23.26
CA SER A 130 -22.60 12.21 -23.90
C SER A 130 -23.76 12.41 -24.89
N LEU A 131 -24.10 13.67 -25.11
CA LEU A 131 -25.19 14.03 -26.00
C LEU A 131 -25.03 13.42 -27.40
N ASN A 132 -23.84 13.54 -27.98
N ASN A 132 -23.83 13.53 -27.96
CA ASN A 132 -23.59 13.02 -29.31
CA ASN A 132 -23.57 13.03 -29.31
C ASN A 132 -23.76 11.51 -29.43
C ASN A 132 -23.72 11.51 -29.45
N ILE A 133 -23.36 10.77 -28.40
CA ILE A 133 -23.51 9.33 -28.39
C ILE A 133 -24.98 8.94 -28.37
N ILE A 134 -25.74 9.62 -27.51
CA ILE A 134 -27.16 9.36 -27.37
C ILE A 134 -27.88 9.68 -28.68
N ARG A 135 -27.52 10.79 -29.33
CA ARG A 135 -28.11 11.12 -30.62
C ARG A 135 -27.84 10.00 -31.64
N THR A 136 -26.59 9.57 -31.72
CA THR A 136 -26.20 8.50 -32.64
C THR A 136 -26.99 7.22 -32.39
N LEU A 137 -27.14 6.88 -31.10
CA LEU A 137 -27.93 5.72 -30.70
C LEU A 137 -29.39 5.80 -31.15
N LYS A 138 -30.06 6.91 -30.84
CA LYS A 138 -31.45 7.09 -31.24
C LYS A 138 -31.62 6.98 -32.75
N GLU A 139 -30.68 7.54 -33.50
CA GLU A 139 -30.77 7.52 -34.95
C GLU A 139 -30.61 6.11 -35.52
N ILE A 140 -29.63 5.36 -35.02
CA ILE A 140 -29.44 3.98 -35.45
C ILE A 140 -30.70 3.16 -35.17
N LYS A 141 -31.15 3.19 -33.92
CA LYS A 141 -32.32 2.43 -33.53
C LYS A 141 -33.57 2.80 -34.36
N SER A 142 -33.59 3.99 -34.95
CA SER A 142 -34.75 4.41 -35.73
C SER A 142 -34.60 4.07 -37.22
N LYS A 143 -33.35 3.89 -37.67
CA LYS A 143 -33.08 3.71 -39.10
C LYS A 143 -32.77 2.27 -39.47
N MET A 144 -32.43 1.44 -38.50
CA MET A 144 -32.13 0.04 -38.80
C MET A 144 -32.49 -0.89 -37.65
N ASN A 145 -32.58 -2.17 -37.96
CA ASN A 145 -32.95 -3.15 -36.95
C ASN A 145 -31.75 -3.99 -36.54
N ILE A 146 -31.14 -3.62 -35.42
CA ILE A 146 -30.02 -4.40 -34.90
C ILE A 146 -29.75 -4.08 -33.43
N ASP A 147 -29.17 -5.05 -32.73
CA ASP A 147 -28.76 -4.81 -31.35
C ASP A 147 -27.54 -3.87 -31.27
N VAL A 148 -27.62 -2.91 -30.34
CA VAL A 148 -26.54 -1.96 -30.16
C VAL A 148 -25.98 -1.98 -28.75
N ILE A 149 -24.69 -2.24 -28.64
CA ILE A 149 -23.99 -2.09 -27.37
C ILE A 149 -23.37 -0.70 -27.32
N VAL A 150 -23.63 0.03 -26.25
CA VAL A 150 -23.07 1.38 -26.09
C VAL A 150 -22.12 1.46 -24.90
N GLY A 151 -21.03 2.22 -25.07
CA GLY A 151 -20.06 2.47 -24.00
C GLY A 151 -19.14 3.61 -24.39
N ASN A 152 -18.20 3.98 -23.51
CA ASN A 152 -18.04 3.35 -22.20
C ASN A 152 -18.60 4.21 -21.08
N VAL A 153 -19.19 3.58 -20.08
CA VAL A 153 -19.76 4.32 -18.96
C VAL A 153 -19.36 3.70 -17.62
N VAL A 154 -19.60 4.42 -16.52
CA VAL A 154 -19.26 3.92 -15.19
C VAL A 154 -20.28 4.33 -14.13
N THR A 155 -21.39 4.94 -14.52
CA THR A 155 -22.35 5.41 -13.50
C THR A 155 -23.76 4.89 -13.73
N GLU A 156 -24.57 4.95 -12.67
CA GLU A 156 -25.97 4.54 -12.71
C GLU A 156 -26.79 5.43 -13.63
N GLU A 157 -26.54 6.74 -13.58
N GLU A 157 -26.54 6.74 -13.59
CA GLU A 157 -27.30 7.68 -14.39
CA GLU A 157 -27.30 7.68 -14.41
C GLU A 157 -27.00 7.50 -15.89
C GLU A 157 -27.01 7.49 -15.90
N ALA A 158 -25.75 7.21 -16.21
CA ALA A 158 -25.35 6.90 -17.59
C ALA A 158 -26.01 5.60 -18.10
N THR A 159 -25.98 4.56 -17.27
CA THR A 159 -26.61 3.28 -17.62
C THR A 159 -28.09 3.47 -17.85
N LYS A 160 -28.74 4.22 -16.95
CA LYS A 160 -30.17 4.46 -17.06
C LYS A 160 -30.52 5.24 -18.33
N GLU A 161 -29.73 6.26 -18.65
CA GLU A 161 -30.07 7.07 -19.80
C GLU A 161 -29.88 6.31 -21.11
N LEU A 162 -28.84 5.48 -21.18
CA LEU A 162 -28.56 4.74 -22.39
C LEU A 162 -29.63 3.68 -22.64
N ILE A 163 -30.05 2.99 -21.58
CA ILE A 163 -31.10 1.98 -21.72
C ILE A 163 -32.41 2.61 -22.18
N GLU A 164 -32.78 3.73 -21.58
CA GLU A 164 -34.00 4.44 -21.96
C GLU A 164 -34.00 4.88 -23.41
N ASN A 165 -32.81 5.13 -23.95
CA ASN A 165 -32.68 5.49 -25.36
C ASN A 165 -32.42 4.33 -26.32
N GLY A 166 -32.48 3.09 -25.81
CA GLY A 166 -32.51 1.93 -26.68
C GLY A 166 -31.30 1.00 -26.68
N ALA A 167 -30.34 1.22 -25.78
CA ALA A 167 -29.15 0.38 -25.73
C ALA A 167 -29.57 -1.08 -25.49
N ASP A 168 -28.93 -2.00 -26.19
CA ASP A 168 -29.26 -3.42 -26.00
C ASP A 168 -28.20 -4.06 -25.11
N GLY A 169 -27.15 -3.30 -24.83
CA GLY A 169 -26.09 -3.71 -23.95
C GLY A 169 -25.30 -2.48 -23.50
N ILE A 170 -24.70 -2.55 -22.33
CA ILE A 170 -23.98 -1.41 -21.77
C ILE A 170 -22.55 -1.81 -21.50
N LYS A 171 -21.60 -1.11 -22.10
CA LYS A 171 -20.20 -1.45 -21.91
C LYS A 171 -19.57 -0.54 -20.85
N VAL A 172 -18.96 -1.17 -19.86
CA VAL A 172 -18.49 -0.44 -18.69
C VAL A 172 -16.97 -0.45 -18.58
N GLY A 173 -16.40 0.74 -18.43
CA GLY A 173 -14.99 0.85 -18.15
C GLY A 173 -14.35 2.13 -18.62
N ILE A 174 -13.96 2.98 -17.67
CA ILE A 174 -13.20 4.19 -18.00
C ILE A 174 -12.01 4.23 -17.05
N GLY A 175 -10.81 4.09 -17.61
CA GLY A 175 -9.60 3.95 -16.84
C GLY A 175 -8.92 2.59 -16.58
N PRO A 176 -9.67 1.45 -16.60
CA PRO A 176 -8.98 0.26 -16.10
C PRO A 176 -8.08 -0.46 -17.12
N GLY A 177 -8.14 -0.08 -18.39
CA GLY A 177 -7.42 -0.80 -19.43
C GLY A 177 -5.90 -0.79 -19.27
N SER A 178 -5.26 -1.91 -19.62
CA SER A 178 -3.81 -2.01 -19.52
C SER A 178 -3.04 -0.90 -20.26
N ILE A 179 -3.55 -0.46 -21.40
CA ILE A 179 -2.83 0.54 -22.18
C ILE A 179 -3.40 1.95 -21.98
N CYS A 180 -4.33 2.08 -21.05
CA CYS A 180 -5.06 3.33 -20.82
C CYS A 180 -4.30 4.33 -19.91
N THR A 181 -4.29 5.61 -20.28
CA THR A 181 -3.68 6.64 -19.46
C THR A 181 -4.67 7.75 -19.12
N THR A 182 -5.94 7.48 -19.38
CA THR A 182 -7.05 8.38 -19.04
C THR A 182 -7.01 8.83 -17.59
N ARG A 183 -6.69 7.92 -16.68
CA ARG A 183 -6.67 8.25 -15.27
C ARG A 183 -5.54 9.21 -14.90
N ILE A 184 -4.48 9.21 -15.70
CA ILE A 184 -3.37 10.12 -15.43
C ILE A 184 -3.39 11.39 -16.32
N VAL A 185 -3.90 11.29 -17.54
CA VAL A 185 -3.96 12.46 -18.43
C VAL A 185 -5.12 13.37 -18.01
N ALA A 186 -6.25 12.75 -17.69
CA ALA A 186 -7.46 13.49 -17.38
C ALA A 186 -7.82 13.44 -15.91
N GLY A 187 -7.27 12.48 -15.19
CA GLY A 187 -7.55 12.33 -13.77
C GLY A 187 -8.91 11.69 -13.50
N VAL A 188 -9.41 11.01 -14.52
CA VAL A 188 -10.79 10.57 -14.55
C VAL A 188 -10.87 9.04 -14.55
N GLY A 189 -11.84 8.47 -13.84
CA GLY A 189 -12.07 7.04 -13.89
C GLY A 189 -12.83 6.54 -12.69
N VAL A 190 -13.24 5.27 -12.76
CA VAL A 190 -13.83 4.58 -11.62
C VAL A 190 -13.25 3.17 -11.57
N PRO A 191 -12.79 2.72 -10.39
CA PRO A 191 -12.28 1.35 -10.24
C PRO A 191 -13.29 0.33 -10.74
N GLN A 192 -12.81 -0.69 -11.45
CA GLN A 192 -13.71 -1.52 -12.25
C GLN A 192 -14.75 -2.35 -11.48
N ILE A 193 -14.44 -2.85 -10.28
CA ILE A 193 -15.47 -3.57 -9.53
C ILE A 193 -16.64 -2.63 -9.18
N THR A 194 -16.34 -1.49 -8.60
CA THR A 194 -17.35 -0.50 -8.25
C THR A 194 -18.19 -0.08 -9.47
N ALA A 195 -17.55 0.07 -10.61
CA ALA A 195 -18.25 0.54 -11.82
C ALA A 195 -19.25 -0.51 -12.33
N ILE A 196 -18.84 -1.77 -12.35
CA ILE A 196 -19.77 -2.86 -12.70
C ILE A 196 -20.95 -2.94 -11.71
N GLU A 197 -20.67 -2.81 -10.43
CA GLU A 197 -21.74 -2.88 -9.42
C GLU A 197 -22.75 -1.76 -9.57
N LYS A 198 -22.25 -0.54 -9.75
CA LYS A 198 -23.12 0.62 -9.94
C LYS A 198 -23.97 0.44 -11.19
N CYS A 199 -23.34 0.05 -12.29
CA CYS A 199 -24.07 -0.08 -13.54
C CYS A 199 -25.06 -1.26 -13.51
N SER A 200 -24.64 -2.37 -12.89
N SER A 200 -24.64 -2.37 -12.89
CA SER A 200 -25.49 -3.55 -12.73
CA SER A 200 -25.48 -3.55 -12.71
C SER A 200 -26.74 -3.24 -11.91
C SER A 200 -26.72 -3.27 -11.88
N SER A 201 -26.59 -2.41 -10.88
CA SER A 201 -27.71 -2.07 -10.00
C SER A 201 -28.86 -1.43 -10.77
N VAL A 202 -28.56 -0.83 -11.92
CA VAL A 202 -29.59 -0.27 -12.77
C VAL A 202 -30.01 -1.25 -13.89
N ALA A 203 -29.03 -1.83 -14.59
CA ALA A 203 -29.31 -2.62 -15.79
C ALA A 203 -30.00 -3.96 -15.53
N SER A 204 -29.82 -4.54 -14.35
CA SER A 204 -30.31 -5.90 -14.12
C SER A 204 -31.82 -6.00 -14.16
N LYS A 205 -32.53 -5.04 -13.55
CA LYS A 205 -33.99 -5.12 -13.60
C LYS A 205 -34.56 -4.88 -15.00
N PHE A 206 -33.80 -4.18 -15.86
CA PHE A 206 -34.19 -4.01 -17.26
C PHE A 206 -33.85 -5.22 -18.10
N GLY A 207 -33.02 -6.11 -17.56
CA GLY A 207 -32.59 -7.28 -18.29
C GLY A 207 -31.57 -6.97 -19.36
N ILE A 208 -30.85 -5.87 -19.19
CA ILE A 208 -29.85 -5.43 -20.17
C ILE A 208 -28.44 -5.84 -19.69
N PRO A 209 -27.72 -6.62 -20.50
CA PRO A 209 -26.40 -7.16 -20.16
C PRO A 209 -25.33 -6.06 -20.02
N ILE A 210 -24.46 -6.22 -19.04
CA ILE A 210 -23.30 -5.37 -18.84
C ILE A 210 -22.06 -6.07 -19.38
N ILE A 211 -21.33 -5.42 -20.27
CA ILE A 211 -20.02 -5.90 -20.70
C ILE A 211 -18.92 -5.20 -19.88
N ALA A 212 -18.12 -6.00 -19.16
CA ALA A 212 -17.03 -5.46 -18.36
C ALA A 212 -15.79 -5.33 -19.25
N ASP A 213 -15.42 -4.09 -19.55
CA ASP A 213 -14.42 -3.84 -20.58
C ASP A 213 -13.15 -3.25 -20.00
N GLY A 214 -12.08 -4.02 -20.03
CA GLY A 214 -10.77 -3.50 -19.64
C GLY A 214 -10.28 -4.00 -18.29
N GLY A 215 -8.97 -4.20 -18.18
CA GLY A 215 -8.36 -4.49 -16.89
C GLY A 215 -8.37 -5.95 -16.50
N ILE A 216 -8.83 -6.83 -17.39
CA ILE A 216 -8.73 -8.27 -17.13
C ILE A 216 -7.28 -8.69 -17.35
N ARG A 217 -6.63 -9.18 -16.30
CA ARG A 217 -5.23 -9.61 -16.42
C ARG A 217 -5.10 -11.12 -16.21
N TYR A 218 -5.97 -11.67 -15.36
CA TYR A 218 -5.93 -13.11 -15.03
C TYR A 218 -7.32 -13.69 -15.14
N SER A 219 -7.40 -15.02 -15.27
CA SER A 219 -8.70 -15.68 -15.37
C SER A 219 -9.59 -15.32 -14.16
N GLY A 220 -8.97 -15.15 -12.98
CA GLY A 220 -9.72 -14.85 -11.77
C GLY A 220 -10.52 -13.56 -11.85
N ASP A 221 -10.02 -12.59 -12.61
CA ASP A 221 -10.72 -11.32 -12.82
C ASP A 221 -12.04 -11.50 -13.58
N ILE A 222 -12.09 -12.47 -14.48
CA ILE A 222 -13.32 -12.75 -15.21
C ILE A 222 -14.42 -13.16 -14.23
N GLY A 223 -14.09 -14.10 -13.35
CA GLY A 223 -15.00 -14.54 -12.31
C GLY A 223 -15.50 -13.36 -11.49
N LYS A 224 -14.57 -12.53 -11.03
CA LYS A 224 -14.90 -11.34 -10.23
C LYS A 224 -15.88 -10.44 -10.97
N ALA A 225 -15.54 -10.10 -12.21
CA ALA A 225 -16.36 -9.22 -13.03
C ALA A 225 -17.79 -9.76 -13.19
N LEU A 226 -17.92 -11.04 -13.53
CA LEU A 226 -19.24 -11.64 -13.72
C LEU A 226 -19.98 -11.72 -12.39
N ALA A 227 -19.27 -12.10 -11.32
CA ALA A 227 -19.90 -12.26 -10.02
C ALA A 227 -20.59 -11.01 -9.50
N VAL A 228 -20.04 -9.83 -9.80
CA VAL A 228 -20.64 -8.59 -9.33
C VAL A 228 -21.66 -7.97 -10.32
N GLY A 229 -21.84 -8.58 -11.49
CA GLY A 229 -23.00 -8.27 -12.29
C GLY A 229 -22.82 -8.19 -13.80
N ALA A 230 -21.60 -8.43 -14.29
CA ALA A 230 -21.35 -8.37 -15.72
C ALA A 230 -21.92 -9.65 -16.33
N SER A 231 -22.37 -9.58 -17.59
CA SER A 231 -22.77 -10.78 -18.33
C SER A 231 -21.62 -11.29 -19.18
N SER A 232 -20.65 -10.43 -19.43
CA SER A 232 -19.49 -10.80 -20.22
C SER A 232 -18.35 -9.84 -19.96
N VAL A 233 -17.17 -10.21 -20.43
CA VAL A 233 -16.00 -9.36 -20.30
C VAL A 233 -15.38 -9.16 -21.67
N MET A 234 -14.84 -7.97 -21.90
CA MET A 234 -14.14 -7.70 -23.14
C MET A 234 -12.66 -7.65 -22.85
N ILE A 235 -11.87 -8.28 -23.70
CA ILE A 235 -10.46 -8.49 -23.40
C ILE A 235 -9.51 -8.06 -24.51
N GLY A 236 -8.47 -7.30 -24.15
CA GLY A 236 -7.53 -6.78 -25.11
C GLY A 236 -6.12 -7.35 -25.02
N SER A 237 -5.38 -6.97 -23.98
CA SER A 237 -3.97 -7.36 -23.85
C SER A 237 -3.73 -8.87 -23.87
N ILE A 238 -4.63 -9.62 -23.25
CA ILE A 238 -4.48 -11.07 -23.19
C ILE A 238 -4.50 -11.73 -24.59
N LEU A 239 -5.33 -11.18 -25.49
CA LEU A 239 -5.45 -11.76 -26.83
C LEU A 239 -4.47 -11.15 -27.84
N ALA A 240 -4.00 -9.94 -27.53
CA ALA A 240 -3.06 -9.23 -28.39
C ALA A 240 -1.77 -10.01 -28.66
N GLY A 241 -1.37 -10.86 -27.73
CA GLY A 241 -0.16 -11.64 -27.90
C GLY A 241 -0.35 -12.96 -28.65
N THR A 242 -1.56 -13.22 -29.13
CA THR A 242 -1.85 -14.51 -29.76
C THR A 242 -1.58 -14.51 -31.27
N GLU A 243 -1.45 -15.71 -31.83
CA GLU A 243 -1.12 -15.87 -33.25
C GLU A 243 -2.13 -15.14 -34.14
N GLU A 244 -3.38 -15.13 -33.69
CA GLU A 244 -4.48 -14.63 -34.51
C GLU A 244 -4.71 -13.12 -34.46
N SER A 245 -4.05 -12.41 -33.55
CA SER A 245 -4.20 -10.95 -33.52
C SER A 245 -3.45 -10.33 -34.70
N PRO A 246 -3.87 -9.14 -35.14
CA PRO A 246 -3.29 -8.52 -36.33
C PRO A 246 -1.98 -7.77 -36.10
N GLY A 247 -1.59 -7.52 -34.85
CA GLY A 247 -0.38 -6.76 -34.56
C GLY A 247 0.90 -7.31 -35.16
N GLU A 248 1.91 -6.46 -35.34
CA GLU A 248 3.20 -6.91 -35.87
C GLU A 248 4.06 -7.51 -34.76
N LYS A 249 5.03 -8.34 -35.15
CA LYS A 249 5.88 -9.05 -34.19
C LYS A 249 7.31 -8.56 -34.21
N GLU A 250 7.87 -8.28 -33.05
CA GLU A 250 9.22 -7.76 -32.96
C GLU A 250 10.06 -8.61 -32.01
N LEU A 251 11.26 -8.96 -32.44
CA LEU A 251 12.18 -9.70 -31.59
C LEU A 251 13.05 -8.75 -30.77
N ILE A 252 12.85 -8.77 -29.46
CA ILE A 252 13.61 -7.92 -28.56
C ILE A 252 14.41 -8.76 -27.59
N GLY A 253 15.72 -8.87 -27.85
CA GLY A 253 16.57 -9.74 -27.09
C GLY A 253 16.35 -11.20 -27.49
N ASP A 254 15.85 -11.99 -26.55
CA ASP A 254 15.61 -13.40 -26.80
C ASP A 254 14.15 -13.66 -27.15
N THR A 255 13.25 -12.94 -26.48
CA THR A 255 11.82 -13.22 -26.59
C THR A 255 11.12 -12.44 -27.71
N VAL A 256 10.04 -13.01 -28.22
CA VAL A 256 9.26 -12.38 -29.28
C VAL A 256 8.07 -11.62 -28.71
N TYR A 257 7.92 -10.37 -29.15
CA TYR A 257 6.83 -9.52 -28.68
C TYR A 257 5.88 -9.15 -29.82
N LYS A 258 4.64 -8.87 -29.46
CA LYS A 258 3.67 -8.36 -30.42
C LYS A 258 3.32 -6.93 -30.02
N TYR A 259 3.06 -6.08 -31.00
CA TYR A 259 2.64 -4.71 -30.73
C TYR A 259 1.20 -4.67 -30.23
N TYR A 260 0.96 -3.83 -29.23
CA TYR A 260 -0.37 -3.64 -28.66
C TYR A 260 -0.45 -2.19 -28.25
N ARG A 261 -1.37 -1.44 -28.84
CA ARG A 261 -1.45 -0.01 -28.58
C ARG A 261 -2.89 0.40 -28.33
N GLY A 262 -3.09 1.44 -27.54
CA GLY A 262 -4.43 1.96 -27.33
C GLY A 262 -4.94 2.53 -28.65
N MET A 263 -6.26 2.54 -28.81
CA MET A 263 -6.84 3.22 -29.97
C MET A 263 -6.79 4.73 -29.75
N GLY A 264 -6.35 5.14 -28.56
CA GLY A 264 -6.16 6.55 -28.25
C GLY A 264 -4.70 6.94 -28.10
N SER A 265 -3.80 6.11 -28.62
CA SER A 265 -2.39 6.45 -28.64
C SER A 265 -2.09 7.26 -29.90
N VAL A 266 -0.91 7.86 -29.94
CA VAL A 266 -0.53 8.71 -31.07
C VAL A 266 -0.55 7.92 -32.38
N GLY A 267 -0.03 6.70 -32.33
CA GLY A 267 0.07 5.87 -33.51
C GLY A 267 -1.25 5.43 -34.09
N ALA A 268 -2.21 5.10 -33.23
CA ALA A 268 -3.51 4.65 -33.71
C ALA A 268 -4.33 5.82 -34.23
N MET A 269 -4.09 7.00 -33.68
CA MET A 269 -4.83 8.18 -34.11
C MET A 269 -4.25 8.73 -35.40
N LYS A 270 -3.01 8.33 -35.72
CA LYS A 270 -2.39 8.69 -36.97
C LYS A 270 -2.93 7.83 -38.11
N SER A 271 -3.33 6.61 -37.79
CA SER A 271 -3.88 5.68 -38.77
C SER A 271 -5.16 6.20 -39.43
N GLY A 272 -5.06 6.55 -40.71
CA GLY A 272 -6.18 7.09 -41.45
C GLY A 272 -5.74 7.94 -42.63
N MET A 287 -6.44 16.71 -29.82
CA MET A 287 -6.54 15.92 -28.60
C MET A 287 -5.24 15.21 -28.22
N VAL A 288 -4.91 15.27 -26.94
CA VAL A 288 -3.70 14.62 -26.44
C VAL A 288 -3.98 13.14 -26.20
N PRO A 289 -2.98 12.28 -26.41
CA PRO A 289 -3.17 10.83 -26.30
C PRO A 289 -3.63 10.37 -24.91
N GLU A 290 -4.50 9.35 -24.87
CA GLU A 290 -4.92 8.72 -23.62
C GLU A 290 -4.68 7.20 -23.61
N GLY A 291 -3.71 6.77 -24.41
CA GLY A 291 -3.25 5.40 -24.37
C GLY A 291 -1.82 5.33 -24.85
N ILE A 292 -1.12 4.24 -24.53
CA ILE A 292 0.26 4.12 -24.94
C ILE A 292 0.45 3.09 -26.04
N GLU A 293 1.60 3.12 -26.70
CA GLU A 293 1.97 2.09 -27.65
C GLU A 293 2.93 1.13 -26.97
N GLY A 294 2.49 -0.10 -26.74
CA GLY A 294 3.28 -1.04 -25.99
C GLY A 294 3.52 -2.39 -26.65
N ARG A 295 4.11 -3.30 -25.88
CA ARG A 295 4.40 -4.64 -26.36
C ARG A 295 3.98 -5.67 -25.33
N VAL A 296 3.48 -6.80 -25.80
CA VAL A 296 3.17 -7.94 -24.96
C VAL A 296 3.88 -9.18 -25.50
N LYS A 297 4.22 -10.11 -24.62
CA LYS A 297 4.91 -11.33 -25.02
C LYS A 297 4.03 -12.15 -25.94
N TYR A 298 4.66 -12.81 -26.92
CA TYR A 298 3.94 -13.69 -27.83
C TYR A 298 3.54 -14.98 -27.12
N LYS A 299 2.32 -15.43 -27.35
CA LYS A 299 1.76 -16.57 -26.62
C LYS A 299 1.22 -17.71 -27.49
N GLY A 300 1.39 -17.60 -28.80
CA GLY A 300 0.95 -18.67 -29.70
C GLY A 300 -0.55 -18.69 -29.90
N GLU A 301 -1.09 -19.88 -30.16
CA GLU A 301 -2.50 -20.05 -30.50
C GLU A 301 -3.46 -19.55 -29.43
N MET A 302 -4.47 -18.79 -29.84
CA MET A 302 -5.43 -18.24 -28.89
C MET A 302 -6.27 -19.34 -28.24
N GLU A 303 -6.41 -20.47 -28.91
CA GLU A 303 -7.18 -21.57 -28.34
C GLU A 303 -6.69 -21.97 -26.95
N GLY A 304 -5.38 -22.10 -26.80
CA GLY A 304 -4.79 -22.46 -25.52
C GLY A 304 -4.95 -21.36 -24.47
N VAL A 305 -4.88 -20.11 -24.92
CA VAL A 305 -5.10 -18.97 -24.03
C VAL A 305 -6.55 -18.93 -23.53
N VAL A 306 -7.49 -19.07 -24.44
CA VAL A 306 -8.90 -19.02 -24.11
C VAL A 306 -9.33 -20.25 -23.29
N TYR A 307 -8.71 -21.39 -23.55
CA TYR A 307 -8.93 -22.59 -22.73
C TYR A 307 -8.62 -22.35 -21.25
N GLN A 308 -7.52 -21.64 -20.97
N GLN A 308 -7.51 -21.65 -20.97
CA GLN A 308 -7.12 -21.38 -19.60
CA GLN A 308 -7.13 -21.36 -19.59
C GLN A 308 -8.04 -20.37 -18.90
C GLN A 308 -8.14 -20.43 -18.94
N LEU A 309 -8.51 -19.38 -19.65
CA LEU A 309 -9.44 -18.37 -19.12
C LEU A 309 -10.77 -19.01 -18.72
N VAL A 310 -11.32 -19.78 -19.65
CA VAL A 310 -12.53 -20.56 -19.42
C VAL A 310 -12.35 -21.53 -18.25
N GLY A 311 -11.21 -22.22 -18.23
CA GLY A 311 -10.86 -23.10 -17.13
C GLY A 311 -10.88 -22.44 -15.75
N GLY A 312 -10.29 -21.25 -15.65
CA GLY A 312 -10.26 -20.55 -14.39
C GLY A 312 -11.65 -20.09 -13.97
N LEU A 313 -12.46 -19.67 -14.93
CA LEU A 313 -13.82 -19.26 -14.61
C LEU A 313 -14.70 -20.44 -14.14
N ARG A 314 -14.53 -21.61 -14.76
CA ARG A 314 -15.22 -22.80 -14.30
C ARG A 314 -14.81 -23.13 -12.86
N SER A 315 -13.53 -22.99 -12.58
CA SER A 315 -13.02 -23.29 -11.24
C SER A 315 -13.67 -22.34 -10.23
N CYS A 316 -13.77 -21.07 -10.61
CA CYS A 316 -14.42 -20.05 -9.81
C CYS A 316 -15.88 -20.42 -9.50
N MET A 317 -16.61 -20.82 -10.53
CA MET A 317 -18.02 -21.11 -10.37
C MET A 317 -18.25 -22.40 -9.57
N GLY A 318 -17.36 -23.37 -9.74
CA GLY A 318 -17.31 -24.52 -8.87
C GLY A 318 -17.15 -24.16 -7.39
N TYR A 319 -16.17 -23.31 -7.06
CA TYR A 319 -15.97 -22.82 -5.68
C TYR A 319 -17.22 -22.11 -5.17
N LEU A 320 -17.94 -21.46 -6.07
CA LEU A 320 -19.09 -20.65 -5.64
C LEU A 320 -20.42 -21.39 -5.73
N GLY A 321 -20.36 -22.70 -6.02
CA GLY A 321 -21.54 -23.52 -6.11
C GLY A 321 -22.57 -23.03 -7.13
N SER A 322 -22.08 -22.43 -8.20
CA SER A 322 -22.95 -21.76 -9.17
C SER A 322 -22.94 -22.47 -10.51
N ALA A 323 -24.07 -23.04 -10.88
CA ALA A 323 -24.18 -23.81 -12.11
C ALA A 323 -24.34 -22.93 -13.37
N SER A 324 -24.54 -21.63 -13.18
CA SER A 324 -24.77 -20.70 -14.28
C SER A 324 -24.41 -19.30 -13.83
N ILE A 325 -24.28 -18.38 -14.79
CA ILE A 325 -23.92 -17.02 -14.43
C ILE A 325 -25.04 -16.39 -13.60
N GLU A 326 -26.28 -16.70 -13.93
CA GLU A 326 -27.42 -16.18 -13.18
C GLU A 326 -27.34 -16.57 -11.71
N GLU A 327 -26.98 -17.83 -11.45
CA GLU A 327 -26.83 -18.32 -10.09
C GLU A 327 -25.63 -17.65 -9.42
N LEU A 328 -24.58 -17.40 -10.20
CA LEU A 328 -23.41 -16.72 -9.72
C LEU A 328 -23.76 -15.34 -9.16
N TRP A 329 -24.65 -14.61 -9.84
CA TRP A 329 -25.06 -13.27 -9.39
C TRP A 329 -25.85 -13.37 -8.10
N LYS A 330 -26.59 -14.46 -7.97
CA LYS A 330 -27.44 -14.66 -6.82
C LYS A 330 -26.59 -15.05 -5.61
N LYS A 331 -25.58 -15.87 -5.83
CA LYS A 331 -24.88 -16.51 -4.70
C LYS A 331 -23.58 -15.82 -4.27
N SER A 332 -23.01 -15.01 -5.13
CA SER A 332 -21.66 -14.52 -4.92
C SER A 332 -21.56 -13.49 -3.80
N SER A 333 -20.44 -13.54 -3.09
CA SER A 333 -20.08 -12.47 -2.16
C SER A 333 -18.58 -12.33 -2.19
N TYR A 334 -18.08 -11.20 -1.70
CA TYR A 334 -16.65 -10.97 -1.73
C TYR A 334 -16.14 -10.28 -0.47
N VAL A 335 -14.84 -10.42 -0.22
CA VAL A 335 -14.19 -9.68 0.85
C VAL A 335 -13.17 -8.77 0.22
N GLU A 336 -13.00 -7.59 0.79
CA GLU A 336 -11.94 -6.74 0.31
C GLU A 336 -10.66 -7.03 1.07
N ILE A 337 -9.54 -6.92 0.38
CA ILE A 337 -8.28 -7.30 0.97
C ILE A 337 -7.34 -6.12 0.85
N THR A 338 -6.25 -6.18 1.60
CA THR A 338 -5.25 -5.12 1.58
C THR A 338 -4.13 -5.56 0.64
N THR A 339 -3.19 -4.65 0.37
CA THR A 339 -1.98 -4.98 -0.40
C THR A 339 -1.22 -6.22 0.11
N SER A 340 -1.14 -6.38 1.44
CA SER A 340 -0.44 -7.53 2.00
C SER A 340 -1.27 -8.80 1.81
N GLY A 341 -2.59 -8.61 1.75
CA GLY A 341 -3.50 -9.70 1.43
C GLY A 341 -3.27 -10.19 0.02
N LEU A 342 -2.99 -9.26 -0.88
CA LEU A 342 -2.70 -9.55 -2.28
C LEU A 342 -1.38 -10.30 -2.45
N ARG A 343 -0.38 -9.90 -1.67
CA ARG A 343 0.91 -10.58 -1.67
C ARG A 343 0.75 -12.05 -1.31
N GLU A 344 -0.23 -12.33 -0.45
CA GLU A 344 -0.53 -13.70 -0.03
C GLU A 344 -1.28 -14.48 -1.12
N SER A 345 -1.92 -13.75 -2.03
CA SER A 345 -2.67 -14.32 -3.15
C SER A 345 -1.74 -14.85 -4.25
N HIS A 346 -0.83 -13.99 -4.68
CA HIS A 346 0.21 -14.37 -5.64
C HIS A 346 1.22 -15.35 -5.04
N VAL A 347 2.27 -15.64 -5.80
CA VAL A 347 3.35 -16.52 -5.32
C VAL A 347 4.33 -15.74 -4.43
N HIS A 348 4.62 -16.29 -3.25
CA HIS A 348 5.53 -15.62 -2.32
C HIS A 348 6.57 -16.55 -1.68
N ASP A 349 7.78 -16.03 -1.50
CA ASP A 349 8.90 -16.73 -0.84
C ASP A 349 9.45 -17.93 -1.61
N VAL A 350 8.89 -18.17 -2.78
CA VAL A 350 9.30 -19.30 -3.62
C VAL A 350 9.64 -18.80 -5.02
N GLU A 351 10.74 -19.28 -5.58
CA GLU A 351 11.17 -18.90 -6.92
C GLU A 351 10.56 -19.83 -7.97
N ILE A 352 9.74 -19.28 -8.87
CA ILE A 352 9.05 -20.06 -9.88
C ILE A 352 10.00 -20.52 -10.99
N VAL A 353 9.73 -21.69 -11.56
CA VAL A 353 10.55 -22.24 -12.64
C VAL A 353 9.80 -22.23 -13.97
N GLY B 5 -5.83 8.18 18.11
CA GLY B 5 -5.77 9.05 19.27
C GLY B 5 -6.69 10.26 19.11
N THR B 6 -6.72 11.09 20.15
CA THR B 6 -7.55 12.30 20.16
C THR B 6 -7.06 13.37 19.17
N LYS B 7 -5.81 13.24 18.75
CA LYS B 7 -5.18 14.25 17.89
C LYS B 7 -5.31 13.93 16.41
N ASN B 8 -5.94 12.79 16.12
CA ASN B 8 -6.20 12.37 14.75
C ASN B 8 -7.42 13.13 14.25
N ILE B 9 -7.22 14.04 13.31
CA ILE B 9 -8.35 14.82 12.82
C ILE B 9 -8.86 14.32 11.48
N GLY B 10 -8.34 13.19 11.03
CA GLY B 10 -8.91 12.52 9.87
C GLY B 10 -7.91 12.08 8.81
N LYS B 11 -8.46 11.47 7.76
CA LYS B 11 -7.65 10.96 6.68
C LYS B 11 -7.38 12.07 5.66
N GLY B 12 -6.12 12.18 5.22
CA GLY B 12 -5.74 13.18 4.25
C GLY B 12 -5.47 12.55 2.90
N LEU B 13 -6.02 13.14 1.86
CA LEU B 13 -5.91 12.58 0.52
C LEU B 13 -5.03 13.42 -0.40
N THR B 14 -4.15 12.76 -1.14
N THR B 14 -4.14 12.79 -1.14
CA THR B 14 -3.36 13.41 -2.18
CA THR B 14 -3.41 13.51 -2.17
C THR B 14 -3.99 13.16 -3.55
C THR B 14 -3.99 13.18 -3.55
N PHE B 15 -3.35 13.71 -4.60
CA PHE B 15 -3.84 13.54 -5.97
C PHE B 15 -3.99 12.07 -6.34
N GLU B 16 -3.01 11.26 -5.95
CA GLU B 16 -2.96 9.86 -6.30
C GLU B 16 -4.03 9.01 -5.61
N ASP B 17 -4.57 9.51 -4.50
CA ASP B 17 -5.62 8.82 -3.77
C ASP B 17 -7.01 8.86 -4.43
N ILE B 18 -7.22 9.72 -5.42
CA ILE B 18 -8.58 9.92 -5.95
C ILE B 18 -8.66 9.87 -7.48
N LEU B 19 -9.88 9.65 -7.98
CA LEU B 19 -10.21 9.82 -9.40
C LEU B 19 -11.51 10.57 -9.51
N LEU B 20 -11.60 11.43 -10.51
CA LEU B 20 -12.83 12.15 -10.78
C LEU B 20 -13.81 11.23 -11.54
N VAL B 21 -15.09 11.32 -11.19
CA VAL B 21 -16.13 10.52 -11.79
C VAL B 21 -16.77 11.30 -12.96
N PRO B 22 -16.86 10.66 -14.14
CA PRO B 22 -17.45 11.28 -15.33
C PRO B 22 -18.89 11.69 -15.10
N ASN B 23 -19.31 12.81 -15.69
CA ASN B 23 -20.71 13.27 -15.64
C ASN B 23 -21.36 13.21 -17.03
N TYR B 24 -22.68 13.33 -17.10
CA TYR B 24 -23.32 13.60 -18.39
C TYR B 24 -22.66 14.85 -18.99
N SER B 25 -22.27 14.78 -20.25
CA SER B 25 -21.60 15.91 -20.90
C SER B 25 -22.18 16.27 -22.26
N GLU B 26 -22.40 17.56 -22.48
CA GLU B 26 -22.69 18.10 -23.79
C GLU B 26 -21.58 19.07 -24.20
N VAL B 27 -20.44 19.04 -23.52
CA VAL B 27 -19.33 19.90 -23.92
C VAL B 27 -18.08 19.13 -24.36
N LEU B 28 -17.65 19.36 -25.59
CA LEU B 28 -16.40 18.79 -26.08
C LEU B 28 -15.22 19.47 -25.37
N PRO B 29 -14.12 18.72 -25.18
CA PRO B 29 -12.89 19.27 -24.62
C PRO B 29 -12.41 20.57 -25.31
N ARG B 30 -12.63 20.68 -26.63
CA ARG B 30 -12.21 21.88 -27.37
C ARG B 30 -13.09 23.09 -27.07
N GLU B 31 -14.27 22.85 -26.53
CA GLU B 31 -15.24 23.93 -26.28
C GLU B 31 -15.15 24.48 -24.87
N VAL B 32 -14.38 23.80 -24.03
CA VAL B 32 -14.26 24.17 -22.64
C VAL B 32 -13.54 25.52 -22.50
N SER B 33 -14.08 26.39 -21.64
CA SER B 33 -13.41 27.64 -21.30
C SER B 33 -12.48 27.41 -20.10
N LEU B 34 -11.23 27.84 -20.20
CA LEU B 34 -10.23 27.65 -19.14
C LEU B 34 -9.91 28.94 -18.38
N GLU B 35 -10.62 30.01 -18.71
CA GLU B 35 -10.43 31.29 -18.05
C GLU B 35 -10.67 31.16 -16.56
N THR B 36 -9.90 31.90 -15.77
CA THR B 36 -10.00 31.75 -14.32
C THR B 36 -9.54 33.04 -13.65
N LYS B 37 -9.69 33.11 -12.34
CA LYS B 37 -9.21 34.25 -11.59
C LYS B 37 -7.89 33.85 -10.95
N LEU B 38 -6.85 34.64 -11.17
CA LEU B 38 -5.58 34.48 -10.45
C LEU B 38 -5.73 35.04 -9.04
N THR B 39 -6.25 36.27 -8.97
CA THR B 39 -6.57 36.91 -7.71
C THR B 39 -7.95 37.53 -7.85
N LYS B 40 -8.41 38.18 -6.79
CA LYS B 40 -9.69 38.86 -6.80
C LYS B 40 -9.85 39.77 -8.03
N ASN B 41 -8.78 40.48 -8.40
CA ASN B 41 -8.85 41.43 -9.53
C ASN B 41 -8.00 41.07 -10.75
N VAL B 42 -7.35 39.91 -10.77
CA VAL B 42 -6.57 39.51 -11.94
C VAL B 42 -7.05 38.17 -12.52
N SER B 43 -7.30 38.17 -13.82
CA SER B 43 -7.76 37.00 -14.54
C SER B 43 -6.69 36.44 -15.49
N LEU B 44 -6.78 35.15 -15.77
CA LEU B 44 -5.86 34.45 -16.66
C LEU B 44 -6.69 33.68 -17.68
N LYS B 45 -6.12 33.43 -18.86
CA LYS B 45 -6.81 32.62 -19.88
C LYS B 45 -6.73 31.12 -19.59
N ILE B 46 -5.63 30.68 -18.98
CA ILE B 46 -5.48 29.29 -18.53
C ILE B 46 -5.04 29.31 -17.06
N PRO B 47 -5.39 28.25 -16.30
CA PRO B 47 -5.11 28.26 -14.84
C PRO B 47 -3.73 27.74 -14.45
N LEU B 48 -2.69 28.16 -15.16
CA LEU B 48 -1.33 27.68 -14.91
C LEU B 48 -0.41 28.84 -14.54
N ILE B 49 0.35 28.64 -13.46
CA ILE B 49 1.33 29.61 -13.00
C ILE B 49 2.67 28.91 -12.84
N SER B 50 3.75 29.52 -13.35
CA SER B 50 5.07 28.93 -13.15
C SER B 50 5.64 29.32 -11.77
N SER B 51 6.19 28.35 -11.06
CA SER B 51 6.75 28.55 -9.70
C SER B 51 7.81 29.66 -9.56
N ALA B 52 7.78 30.34 -8.41
CA ALA B 52 8.80 31.34 -8.05
C ALA B 52 10.11 30.70 -7.54
N MET B 53 10.80 30.01 -8.44
CA MET B 53 12.01 29.28 -8.10
C MET B 53 13.15 29.66 -9.05
N ASP B 54 14.39 29.66 -8.56
CA ASP B 54 15.51 30.12 -9.40
C ASP B 54 15.94 29.12 -10.49
N THR B 55 15.25 27.99 -10.57
CA THR B 55 15.49 27.03 -11.64
C THR B 55 14.26 26.85 -12.53
N VAL B 56 13.27 27.72 -12.34
CA VAL B 56 12.03 27.65 -13.11
C VAL B 56 11.65 28.96 -13.82
N THR B 57 11.53 30.06 -13.08
CA THR B 57 10.95 31.28 -13.62
C THR B 57 11.84 32.52 -13.59
N GLU B 58 12.42 32.84 -14.73
CA GLU B 58 12.88 34.22 -14.96
C GLU B 58 12.09 34.79 -16.13
N HIS B 59 12.60 35.83 -16.79
CA HIS B 59 11.77 36.56 -17.73
C HIS B 59 11.31 35.71 -18.91
N LEU B 60 12.19 34.85 -19.43
CA LEU B 60 11.87 34.05 -20.60
C LEU B 60 10.72 33.09 -20.31
N MET B 61 10.77 32.45 -19.15
CA MET B 61 9.72 31.57 -18.69
C MET B 61 8.43 32.37 -18.48
N ALA B 62 8.55 33.56 -17.92
CA ALA B 62 7.38 34.38 -17.64
C ALA B 62 6.73 34.91 -18.92
N VAL B 63 7.54 35.18 -19.94
CA VAL B 63 6.99 35.63 -21.22
C VAL B 63 6.25 34.46 -21.86
N GLY B 64 6.88 33.30 -21.84
CA GLY B 64 6.27 32.09 -22.39
C GLY B 64 4.93 31.80 -21.77
N MET B 65 4.86 31.82 -20.44
CA MET B 65 3.62 31.54 -19.73
C MET B 65 2.52 32.53 -20.06
N ALA B 66 2.89 33.82 -20.12
CA ALA B 66 1.94 34.88 -20.39
C ALA B 66 1.39 34.81 -21.81
N ARG B 67 2.25 34.52 -22.79
CA ARG B 67 1.79 34.34 -24.17
C ARG B 67 0.75 33.22 -24.30
N LEU B 68 0.91 32.17 -23.49
CA LEU B 68 0.02 31.03 -23.55
C LEU B 68 -1.21 31.24 -22.66
N GLY B 69 -1.27 32.38 -21.99
CA GLY B 69 -2.47 32.71 -21.21
C GLY B 69 -2.37 32.52 -19.72
N GLY B 70 -1.22 32.04 -19.24
CA GLY B 70 -1.00 31.88 -17.82
C GLY B 70 -0.15 33.02 -17.26
N ILE B 71 0.71 32.69 -16.29
CA ILE B 71 1.56 33.72 -15.71
C ILE B 71 2.81 33.12 -15.05
N GLY B 72 3.91 33.86 -15.10
CA GLY B 72 5.12 33.48 -14.40
C GLY B 72 5.35 34.34 -13.17
N ILE B 73 5.83 33.72 -12.09
CA ILE B 73 6.22 34.47 -10.89
C ILE B 73 7.74 34.54 -10.79
N ILE B 74 8.30 35.71 -11.07
CA ILE B 74 9.75 35.90 -10.96
C ILE B 74 10.22 35.68 -9.51
N HIS B 75 11.22 34.83 -9.34
CA HIS B 75 11.69 34.45 -8.01
C HIS B 75 12.43 35.62 -7.35
N LYS B 76 12.62 35.52 -6.04
CA LYS B 76 13.22 36.59 -5.27
C LYS B 76 14.69 36.32 -4.98
N ASN B 77 15.24 35.23 -5.50
CA ASN B 77 16.64 34.92 -5.25
C ASN B 77 17.60 35.73 -6.14
N MET B 78 17.54 37.04 -5.96
CA MET B 78 18.34 37.99 -6.72
C MET B 78 18.10 39.34 -6.07
N ASP B 79 19.00 40.30 -6.28
CA ASP B 79 18.81 41.63 -5.71
C ASP B 79 17.59 42.33 -6.33
N MET B 80 17.07 43.33 -5.62
CA MET B 80 15.87 44.06 -6.04
C MET B 80 15.93 44.59 -7.47
N GLU B 81 17.04 45.23 -7.82
CA GLU B 81 17.19 45.79 -9.16
C GLU B 81 17.10 44.73 -10.25
N SER B 82 17.74 43.58 -10.02
CA SER B 82 17.69 42.48 -10.97
C SER B 82 16.26 41.96 -11.16
N GLN B 83 15.51 41.88 -10.05
CA GLN B 83 14.13 41.41 -10.10
C GLN B 83 13.24 42.39 -10.86
N VAL B 84 13.46 43.68 -10.61
CA VAL B 84 12.75 44.74 -11.33
C VAL B 84 13.02 44.65 -12.84
N ASN B 85 14.27 44.41 -13.21
CA ASN B 85 14.64 44.30 -14.62
C ASN B 85 13.95 43.12 -15.30
N GLU B 86 13.85 42.00 -14.59
CA GLU B 86 13.12 40.84 -15.08
C GLU B 86 11.66 41.22 -15.37
N VAL B 87 11.01 41.82 -14.39
CA VAL B 87 9.64 42.33 -14.56
C VAL B 87 9.53 43.29 -15.77
N LEU B 88 10.52 44.17 -15.92
CA LEU B 88 10.50 45.11 -17.03
C LEU B 88 10.62 44.42 -18.38
N LYS B 89 11.42 43.36 -18.45
CA LYS B 89 11.57 42.59 -19.69
C LYS B 89 10.26 41.94 -20.15
N VAL B 90 9.47 41.46 -19.19
CA VAL B 90 8.18 40.89 -19.51
C VAL B 90 7.20 41.98 -19.97
N LYS B 91 7.14 43.08 -19.23
CA LYS B 91 6.24 44.17 -19.57
C LYS B 91 6.60 44.84 -20.90
N ASN B 92 7.88 44.80 -21.26
CA ASN B 92 8.33 45.36 -22.54
C ASN B 92 7.92 44.51 -23.73
N SER B 93 7.44 43.29 -23.45
CA SER B 93 7.10 42.36 -24.51
C SER B 93 5.59 42.32 -24.78
N GLY B 94 4.97 43.49 -24.89
CA GLY B 94 3.53 43.58 -25.03
C GLY B 94 2.88 43.85 -23.69
N GLY B 95 1.55 43.75 -23.63
CA GLY B 95 0.84 44.00 -22.39
C GLY B 95 0.99 42.90 -21.35
N LEU B 96 1.77 41.87 -21.68
CA LEU B 96 1.93 40.65 -20.90
C LEU B 96 1.90 40.82 -19.38
N ARG B 97 1.06 40.03 -18.72
N ARG B 97 1.05 40.04 -18.72
CA ARG B 97 1.01 40.03 -17.26
CA ARG B 97 0.99 40.02 -17.25
C ARG B 97 2.17 39.25 -16.66
C ARG B 97 2.17 39.25 -16.66
N VAL B 98 2.60 39.64 -15.47
CA VAL B 98 3.67 38.95 -14.77
C VAL B 98 3.55 39.17 -13.26
N GLY B 99 4.01 38.20 -12.47
CA GLY B 99 4.04 38.35 -11.02
C GLY B 99 5.45 38.35 -10.48
N ALA B 100 5.61 38.61 -9.18
CA ALA B 100 6.92 38.58 -8.55
C ALA B 100 6.81 38.14 -7.11
N ALA B 101 7.75 37.33 -6.65
CA ALA B 101 7.73 36.89 -5.25
C ALA B 101 8.50 37.88 -4.36
N ILE B 102 8.04 38.02 -3.12
CA ILE B 102 8.81 38.67 -2.07
C ILE B 102 8.72 37.83 -0.82
N GLY B 103 9.58 38.14 0.15
CA GLY B 103 9.57 37.46 1.43
C GLY B 103 9.06 38.34 2.54
N VAL B 104 9.00 37.76 3.75
CA VAL B 104 8.53 38.50 4.90
C VAL B 104 9.39 39.77 5.11
N ASN B 105 8.71 40.86 5.45
CA ASN B 105 9.34 42.16 5.67
C ASN B 105 9.95 42.85 4.44
N GLU B 106 9.76 42.29 3.26
CA GLU B 106 10.40 42.87 2.07
C GLU B 106 9.56 43.97 1.42
N ILE B 107 9.23 44.99 2.22
CA ILE B 107 8.38 46.10 1.80
C ILE B 107 8.99 46.95 0.69
N GLU B 108 10.30 47.17 0.76
CA GLU B 108 10.96 47.99 -0.24
C GLU B 108 10.98 47.28 -1.59
N ARG B 109 11.29 45.98 -1.56
CA ARG B 109 11.24 45.15 -2.76
C ARG B 109 9.85 45.22 -3.39
N ALA B 110 8.81 45.05 -2.58
CA ALA B 110 7.42 45.16 -3.03
C ALA B 110 7.15 46.48 -3.75
N LYS B 111 7.49 47.59 -3.08
CA LYS B 111 7.28 48.91 -3.64
C LYS B 111 7.93 49.05 -5.01
N LEU B 112 9.19 48.68 -5.12
CA LEU B 112 9.90 48.74 -6.40
C LEU B 112 9.26 47.87 -7.48
N LEU B 113 8.88 46.64 -7.13
CA LEU B 113 8.24 45.75 -8.08
C LEU B 113 6.94 46.34 -8.61
N VAL B 114 6.16 46.91 -7.71
CA VAL B 114 4.90 47.54 -8.06
C VAL B 114 5.10 48.75 -9.01
N GLU B 115 6.05 49.60 -8.67
CA GLU B 115 6.40 50.72 -9.52
C GLU B 115 6.79 50.23 -10.91
N ALA B 116 7.41 49.05 -10.96
CA ALA B 116 7.86 48.49 -12.25
C ALA B 116 6.72 47.85 -13.06
N GLY B 117 5.51 47.86 -12.52
CA GLY B 117 4.34 47.44 -13.26
C GLY B 117 3.89 46.01 -13.04
N VAL B 118 4.37 45.38 -11.97
CA VAL B 118 3.99 44.00 -11.67
C VAL B 118 2.48 43.90 -11.48
N ASP B 119 1.89 42.77 -11.87
CA ASP B 119 0.44 42.63 -11.75
C ASP B 119 0.02 42.04 -10.42
N VAL B 120 0.91 41.28 -9.81
CA VAL B 120 0.61 40.65 -8.56
C VAL B 120 1.88 40.39 -7.78
N ILE B 121 1.81 40.61 -6.48
CA ILE B 121 2.91 40.29 -5.58
C ILE B 121 2.57 38.98 -4.90
N VAL B 122 3.51 38.04 -4.90
CA VAL B 122 3.34 36.81 -4.17
C VAL B 122 4.15 36.86 -2.89
N LEU B 123 3.47 37.08 -1.77
CA LEU B 123 4.11 37.08 -0.47
C LEU B 123 4.26 35.62 -0.02
N ASP B 124 5.48 35.10 -0.17
CA ASP B 124 5.79 33.68 0.01
C ASP B 124 6.47 33.39 1.33
N SER B 125 6.03 32.30 1.97
CA SER B 125 6.70 31.77 3.16
C SER B 125 6.44 30.28 3.33
N ALA B 126 7.35 29.59 4.02
CA ALA B 126 7.15 28.17 4.32
C ALA B 126 5.91 28.05 5.17
N HIS B 127 5.69 29.05 6.02
CA HIS B 127 4.58 29.00 6.95
C HIS B 127 3.76 30.28 6.87
N GLY B 128 2.81 30.31 5.95
CA GLY B 128 2.02 31.50 5.69
C GLY B 128 1.18 31.97 6.87
N HIS B 129 0.78 31.03 7.72
CA HIS B 129 -0.06 31.38 8.86
C HIS B 129 0.77 31.81 10.07
N SER B 130 1.54 32.88 9.91
CA SER B 130 2.41 33.36 10.97
C SER B 130 2.25 34.86 11.19
N LEU B 131 2.58 35.32 12.40
CA LEU B 131 2.36 36.71 12.80
C LEU B 131 3.11 37.70 11.90
N ASN B 132 4.34 37.37 11.51
CA ASN B 132 5.12 38.28 10.67
C ASN B 132 4.68 38.31 9.21
N ILE B 133 4.01 37.25 8.75
CA ILE B 133 3.46 37.26 7.40
C ILE B 133 2.25 38.18 7.38
N ILE B 134 1.39 38.04 8.37
CA ILE B 134 0.22 38.92 8.50
C ILE B 134 0.64 40.39 8.58
N ARG B 135 1.66 40.68 9.38
CA ARG B 135 2.13 42.06 9.51
C ARG B 135 2.69 42.61 8.20
N THR B 136 3.45 41.80 7.47
CA THR B 136 3.96 42.22 6.16
C THR B 136 2.80 42.52 5.22
N LEU B 137 1.81 41.63 5.22
CA LEU B 137 0.64 41.77 4.36
C LEU B 137 -0.12 43.07 4.64
N LYS B 138 -0.42 43.32 5.92
CA LYS B 138 -1.10 44.54 6.33
C LYS B 138 -0.31 45.77 5.90
N GLU B 139 1.02 45.70 6.05
CA GLU B 139 1.88 46.80 5.69
C GLU B 139 1.87 47.07 4.18
N ILE B 140 1.96 46.02 3.37
CA ILE B 140 1.85 46.17 1.91
C ILE B 140 0.53 46.82 1.51
N LYS B 141 -0.58 46.27 2.01
CA LYS B 141 -1.91 46.75 1.64
C LYS B 141 -2.14 48.24 1.94
N SER B 142 -1.45 48.77 2.95
CA SER B 142 -1.68 50.16 3.34
C SER B 142 -0.65 51.14 2.78
N LYS B 143 0.32 50.62 2.03
CA LYS B 143 1.39 51.45 1.49
C LYS B 143 1.45 51.39 -0.04
N MET B 144 0.80 50.39 -0.64
CA MET B 144 0.74 50.36 -2.08
C MET B 144 -0.54 49.67 -2.52
N ASN B 145 -0.93 49.85 -3.78
CA ASN B 145 -2.09 49.09 -4.22
C ASN B 145 -1.81 48.09 -5.34
N ILE B 146 -1.81 46.82 -4.95
CA ILE B 146 -1.75 45.69 -5.86
C ILE B 146 -2.43 44.52 -5.20
N ASP B 147 -2.77 43.53 -6.00
CA ASP B 147 -3.26 42.27 -5.47
C ASP B 147 -2.10 41.50 -4.84
N VAL B 148 -2.31 41.02 -3.62
CA VAL B 148 -1.32 40.18 -2.97
C VAL B 148 -1.86 38.76 -2.76
N ILE B 149 -1.14 37.78 -3.30
CA ILE B 149 -1.36 36.38 -3.00
C ILE B 149 -0.47 36.01 -1.83
N VAL B 150 -1.05 35.38 -0.81
CA VAL B 150 -0.28 34.97 0.35
C VAL B 150 -0.26 33.44 0.52
N GLY B 151 0.89 32.92 0.93
CA GLY B 151 1.04 31.49 1.21
C GLY B 151 2.31 31.23 1.99
N ASN B 152 2.58 29.97 2.32
CA ASN B 152 1.73 28.85 1.96
C ASN B 152 0.96 28.34 3.17
N VAL B 153 -0.30 27.96 2.96
CA VAL B 153 -1.17 27.51 4.05
C VAL B 153 -1.90 26.21 3.69
N VAL B 154 -2.49 25.56 4.68
CA VAL B 154 -3.21 24.30 4.47
C VAL B 154 -4.43 24.17 5.39
N THR B 155 -4.82 25.26 6.06
CA THR B 155 -5.94 25.15 7.01
C THR B 155 -7.00 26.21 6.80
N GLU B 156 -8.18 25.94 7.34
CA GLU B 156 -9.30 26.87 7.30
C GLU B 156 -9.02 28.15 8.08
N GLU B 157 -8.42 27.99 9.27
N GLU B 157 -8.42 28.01 9.27
CA GLU B 157 -8.11 29.12 10.14
CA GLU B 157 -8.12 29.15 10.13
C GLU B 157 -7.07 30.05 9.51
C GLU B 157 -7.10 30.06 9.47
N ALA B 158 -6.14 29.47 8.77
CA ALA B 158 -5.11 30.23 8.09
C ALA B 158 -5.73 31.06 6.97
N THR B 159 -6.57 30.41 6.18
CA THR B 159 -7.23 31.04 5.06
C THR B 159 -8.12 32.19 5.52
N LYS B 160 -8.84 31.98 6.61
CA LYS B 160 -9.79 32.97 7.10
C LYS B 160 -9.05 34.19 7.59
N GLU B 161 -7.98 33.95 8.35
CA GLU B 161 -7.22 35.06 8.90
C GLU B 161 -6.57 35.90 7.82
N LEU B 162 -5.97 35.24 6.82
CA LEU B 162 -5.29 35.94 5.73
C LEU B 162 -6.25 36.78 4.89
N ILE B 163 -7.42 36.23 4.63
CA ILE B 163 -8.43 36.95 3.86
C ILE B 163 -8.87 38.19 4.65
N GLU B 164 -9.17 38.00 5.92
CA GLU B 164 -9.59 39.11 6.78
C GLU B 164 -8.56 40.24 6.86
N ASN B 165 -7.30 39.92 6.60
CA ASN B 165 -6.25 40.92 6.59
C ASN B 165 -5.87 41.47 5.20
N GLY B 166 -6.64 41.10 4.18
CA GLY B 166 -6.48 41.72 2.87
C GLY B 166 -5.87 40.88 1.75
N ALA B 167 -5.75 39.57 1.96
CA ALA B 167 -5.22 38.71 0.90
C ALA B 167 -6.17 38.69 -0.31
N ASP B 168 -5.59 38.79 -1.51
CA ASP B 168 -6.39 38.75 -2.73
C ASP B 168 -6.34 37.37 -3.39
N GLY B 169 -5.42 36.53 -2.90
CA GLY B 169 -5.31 35.16 -3.35
C GLY B 169 -4.63 34.34 -2.26
N ILE B 170 -5.02 33.09 -2.11
CA ILE B 170 -4.47 32.24 -1.05
C ILE B 170 -3.75 31.05 -1.67
N LYS B 171 -2.48 30.88 -1.31
CA LYS B 171 -1.71 29.79 -1.88
C LYS B 171 -1.57 28.60 -0.93
N VAL B 172 -2.00 27.45 -1.42
CA VAL B 172 -2.14 26.25 -0.62
C VAL B 172 -1.06 25.24 -0.96
N GLY B 173 -0.33 24.78 0.06
CA GLY B 173 0.60 23.67 -0.12
C GLY B 173 1.75 23.65 0.87
N ILE B 174 1.71 22.72 1.84
CA ILE B 174 2.84 22.48 2.73
C ILE B 174 3.16 20.98 2.66
N GLY B 175 4.34 20.68 2.12
CA GLY B 175 4.74 19.31 1.84
C GLY B 175 4.61 18.63 0.47
N PRO B 176 3.71 19.10 -0.42
CA PRO B 176 3.48 18.21 -1.57
C PRO B 176 4.48 18.37 -2.72
N GLY B 177 5.37 19.35 -2.66
CA GLY B 177 6.28 19.61 -3.76
C GLY B 177 7.23 18.48 -4.11
N SER B 178 7.55 18.34 -5.38
CA SER B 178 8.45 17.28 -5.82
C SER B 178 9.82 17.31 -5.12
N ILE B 179 10.33 18.51 -4.81
CA ILE B 179 11.65 18.61 -4.24
C ILE B 179 11.63 18.89 -2.74
N CYS B 180 10.44 18.85 -2.15
CA CYS B 180 10.24 19.26 -0.76
C CYS B 180 10.51 18.13 0.24
N THR B 181 11.23 18.43 1.32
CA THR B 181 11.49 17.43 2.34
C THR B 181 10.96 17.88 3.70
N THR B 182 10.09 18.88 3.67
CA THR B 182 9.44 19.40 4.88
C THR B 182 8.77 18.30 5.69
N ARG B 183 8.02 17.44 5.01
CA ARG B 183 7.32 16.35 5.68
C ARG B 183 8.28 15.37 6.37
N ILE B 184 9.50 15.27 5.86
CA ILE B 184 10.49 14.35 6.40
C ILE B 184 11.33 15.00 7.50
N VAL B 185 11.70 16.27 7.28
CA VAL B 185 12.57 17.02 8.18
C VAL B 185 11.81 17.56 9.39
N ALA B 186 10.64 18.14 9.14
CA ALA B 186 9.82 18.70 10.22
C ALA B 186 8.62 17.82 10.61
N GLY B 187 8.30 16.83 9.79
CA GLY B 187 7.19 15.92 10.08
C GLY B 187 5.82 16.52 9.84
N VAL B 188 5.81 17.61 9.06
CA VAL B 188 4.66 18.48 8.96
C VAL B 188 4.14 18.48 7.54
N GLY B 189 2.82 18.51 7.39
CA GLY B 189 2.22 18.70 6.08
C GLY B 189 0.76 18.31 6.07
N VAL B 190 0.09 18.57 4.95
CA VAL B 190 -1.27 18.07 4.72
C VAL B 190 -1.37 17.64 3.27
N PRO B 191 -1.92 16.45 3.01
CA PRO B 191 -2.07 15.96 1.64
C PRO B 191 -2.85 16.96 0.79
N GLN B 192 -2.42 17.15 -0.45
CA GLN B 192 -2.83 18.33 -1.20
C GLN B 192 -4.33 18.42 -1.52
N ILE B 193 -5.01 17.29 -1.75
CA ILE B 193 -6.45 17.33 -2.04
C ILE B 193 -7.22 17.84 -0.84
N THR B 194 -6.96 17.23 0.32
CA THR B 194 -7.58 17.68 1.57
C THR B 194 -7.28 19.16 1.88
N ALA B 195 -6.03 19.59 1.70
CA ALA B 195 -5.68 21.02 1.95
C ALA B 195 -6.47 22.01 1.06
N ILE B 196 -6.59 21.71 -0.22
CA ILE B 196 -7.40 22.57 -1.13
C ILE B 196 -8.85 22.61 -0.70
N GLU B 197 -9.42 21.46 -0.35
CA GLU B 197 -10.81 21.36 0.06
C GLU B 197 -11.08 22.20 1.31
N LYS B 198 -10.22 22.04 2.31
CA LYS B 198 -10.32 22.79 3.55
C LYS B 198 -10.20 24.29 3.28
N CYS B 199 -9.17 24.69 2.57
CA CYS B 199 -9.02 26.11 2.25
C CYS B 199 -10.14 26.68 1.36
N SER B 200 -10.55 25.94 0.34
CA SER B 200 -11.67 26.34 -0.53
C SER B 200 -12.97 26.56 0.24
N SER B 201 -13.19 25.75 1.27
CA SER B 201 -14.41 25.84 2.07
C SER B 201 -14.55 27.23 2.72
N VAL B 202 -13.42 27.89 2.94
CA VAL B 202 -13.46 29.24 3.49
C VAL B 202 -13.38 30.31 2.38
N ALA B 203 -12.38 30.18 1.51
CA ALA B 203 -12.11 31.17 0.46
C ALA B 203 -13.29 31.41 -0.47
N SER B 204 -14.02 30.35 -0.82
CA SER B 204 -15.13 30.50 -1.77
C SER B 204 -16.26 31.34 -1.17
N LYS B 205 -16.37 31.36 0.15
CA LYS B 205 -17.36 32.22 0.80
C LYS B 205 -17.06 33.69 0.54
N PHE B 206 -15.79 34.00 0.25
CA PHE B 206 -15.35 35.38 0.11
C PHE B 206 -14.98 35.78 -1.31
N GLY B 207 -15.12 34.87 -2.26
CA GLY B 207 -14.73 35.17 -3.63
C GLY B 207 -13.23 35.21 -3.83
N ILE B 208 -12.47 34.66 -2.89
CA ILE B 208 -11.02 34.69 -2.98
C ILE B 208 -10.47 33.41 -3.61
N PRO B 209 -9.71 33.55 -4.70
CA PRO B 209 -9.11 32.42 -5.43
C PRO B 209 -8.07 31.65 -4.60
N ILE B 210 -8.10 30.33 -4.71
CA ILE B 210 -7.10 29.43 -4.15
C ILE B 210 -6.13 29.03 -5.26
N ILE B 211 -4.84 29.16 -4.99
CA ILE B 211 -3.81 28.63 -5.87
C ILE B 211 -3.29 27.32 -5.30
N ALA B 212 -3.32 26.25 -6.09
CA ALA B 212 -2.85 24.94 -5.63
C ALA B 212 -1.37 24.77 -5.97
N ASP B 213 -0.53 24.78 -4.94
CA ASP B 213 0.91 24.88 -5.16
C ASP B 213 1.68 23.62 -4.83
N GLY B 214 2.21 22.98 -5.85
CA GLY B 214 3.11 21.85 -5.64
C GLY B 214 2.43 20.51 -5.80
N GLY B 215 3.20 19.53 -6.27
CA GLY B 215 2.75 18.15 -6.30
C GLY B 215 2.07 17.75 -7.59
N ILE B 216 1.93 18.69 -8.53
CA ILE B 216 1.43 18.35 -9.87
C ILE B 216 2.48 17.52 -10.61
N ARG B 217 2.12 16.28 -10.95
N ARG B 217 2.11 16.30 -10.97
CA ARG B 217 3.03 15.40 -11.68
CA ARG B 217 3.03 15.41 -11.67
C ARG B 217 2.56 15.16 -13.09
C ARG B 217 2.55 15.12 -13.08
N TYR B 218 1.23 15.14 -13.27
CA TYR B 218 0.62 14.88 -14.56
C TYR B 218 -0.53 15.86 -14.78
N SER B 219 -0.97 15.99 -16.03
CA SER B 219 -2.06 16.90 -16.34
C SER B 219 -3.33 16.56 -15.54
N GLY B 220 -3.57 15.26 -15.31
CA GLY B 220 -4.70 14.80 -14.52
C GLY B 220 -4.79 15.42 -13.13
N ASP B 221 -3.64 15.66 -12.51
CA ASP B 221 -3.56 16.36 -11.22
C ASP B 221 -4.12 17.79 -11.24
N ILE B 222 -3.96 18.47 -12.37
CA ILE B 222 -4.50 19.81 -12.53
C ILE B 222 -6.03 19.78 -12.41
N GLY B 223 -6.67 18.88 -13.14
CA GLY B 223 -8.11 18.73 -13.09
C GLY B 223 -8.61 18.46 -11.69
N LYS B 224 -7.99 17.48 -11.03
CA LYS B 224 -8.28 17.18 -9.62
C LYS B 224 -8.22 18.42 -8.74
N ALA B 225 -7.11 19.15 -8.80
CA ALA B 225 -6.93 20.35 -7.96
C ALA B 225 -8.04 21.39 -8.20
N LEU B 226 -8.30 21.69 -9.47
CA LEU B 226 -9.36 22.65 -9.79
C LEU B 226 -10.72 22.11 -9.40
N ALA B 227 -10.94 20.79 -9.60
CA ALA B 227 -12.21 20.18 -9.27
C ALA B 227 -12.60 20.32 -7.81
N VAL B 228 -11.63 20.18 -6.90
CA VAL B 228 -11.96 20.26 -5.50
C VAL B 228 -11.94 21.70 -4.93
N GLY B 229 -11.63 22.69 -5.78
CA GLY B 229 -11.84 24.08 -5.38
C GLY B 229 -10.80 25.12 -5.75
N ALA B 230 -9.66 24.69 -6.27
CA ALA B 230 -8.61 25.64 -6.67
C ALA B 230 -9.05 26.43 -7.90
N SER B 231 -8.58 27.68 -8.01
CA SER B 231 -8.82 28.48 -9.22
C SER B 231 -7.65 28.34 -10.20
N SER B 232 -6.48 27.98 -9.68
CA SER B 232 -5.31 27.79 -10.52
C SER B 232 -4.29 26.92 -9.79
N VAL B 233 -3.26 26.48 -10.52
CA VAL B 233 -2.25 25.60 -9.95
C VAL B 233 -0.87 26.15 -10.29
N MET B 234 0.04 26.04 -9.33
CA MET B 234 1.41 26.46 -9.54
C MET B 234 2.29 25.24 -9.79
N ILE B 235 3.15 25.34 -10.79
CA ILE B 235 3.89 24.18 -11.30
C ILE B 235 5.39 24.46 -11.33
N GLY B 236 6.17 23.52 -10.82
CA GLY B 236 7.61 23.68 -10.76
C GLY B 236 8.40 22.68 -11.60
N SER B 237 8.43 21.41 -11.17
CA SER B 237 9.29 20.41 -11.82
C SER B 237 8.93 20.14 -13.29
N ILE B 238 7.65 20.18 -13.63
CA ILE B 238 7.24 19.96 -15.01
C ILE B 238 7.85 21.01 -15.98
N LEU B 239 7.95 22.26 -15.53
CA LEU B 239 8.49 23.34 -16.37
C LEU B 239 10.01 23.47 -16.25
N ALA B 240 10.57 22.91 -15.19
CA ALA B 240 12.00 23.03 -14.90
C ALA B 240 12.91 22.38 -15.94
N GLY B 241 12.36 21.51 -16.77
CA GLY B 241 13.16 20.82 -17.75
C GLY B 241 13.01 21.39 -19.15
N THR B 242 12.38 22.55 -19.25
CA THR B 242 12.13 23.18 -20.54
C THR B 242 13.25 24.18 -20.88
N GLU B 243 13.40 24.51 -22.17
CA GLU B 243 14.53 25.34 -22.58
C GLU B 243 14.44 26.76 -22.01
N GLU B 244 13.23 27.16 -21.62
CA GLU B 244 12.99 28.51 -21.15
C GLU B 244 13.31 28.75 -19.67
N SER B 245 13.49 27.68 -18.91
CA SER B 245 13.83 27.81 -17.49
C SER B 245 15.29 28.22 -17.33
N PRO B 246 15.62 28.90 -16.22
CA PRO B 246 16.98 29.43 -16.02
C PRO B 246 18.03 28.35 -15.79
N GLY B 247 17.60 27.15 -15.39
CA GLY B 247 18.51 26.07 -15.02
C GLY B 247 19.63 25.75 -15.99
N GLU B 248 20.68 25.12 -15.46
CA GLU B 248 21.82 24.69 -16.27
C GLU B 248 21.66 23.25 -16.73
N LYS B 249 22.23 22.91 -17.89
CA LYS B 249 22.12 21.57 -18.46
C LYS B 249 23.33 20.70 -18.13
N GLU B 250 23.08 19.42 -17.95
CA GLU B 250 24.14 18.47 -17.63
C GLU B 250 23.88 17.12 -18.30
N LEU B 251 24.90 16.59 -18.98
CA LEU B 251 24.78 15.30 -19.64
C LEU B 251 25.12 14.16 -18.69
N ILE B 252 24.13 13.29 -18.45
CA ILE B 252 24.33 12.12 -17.61
C ILE B 252 24.13 10.86 -18.44
N GLY B 253 25.24 10.21 -18.81
CA GLY B 253 25.19 9.09 -19.71
C GLY B 253 24.89 9.57 -21.12
N ASP B 254 23.63 9.45 -21.53
CA ASP B 254 23.21 9.89 -22.86
C ASP B 254 21.99 10.79 -22.76
N THR B 255 21.52 11.01 -21.53
CA THR B 255 20.35 11.86 -21.32
C THR B 255 20.78 13.24 -20.86
N VAL B 256 20.12 14.27 -21.38
CA VAL B 256 20.39 15.64 -20.96
C VAL B 256 19.47 16.02 -19.81
N TYR B 257 20.06 16.54 -18.73
CA TYR B 257 19.30 16.96 -17.57
C TYR B 257 19.45 18.44 -17.30
N LYS B 258 18.38 19.04 -16.77
CA LYS B 258 18.42 20.39 -16.24
C LYS B 258 18.41 20.29 -14.72
N TYR B 259 19.14 21.18 -14.05
CA TYR B 259 19.14 21.18 -12.60
C TYR B 259 17.83 21.76 -12.09
N TYR B 260 17.35 21.22 -10.98
CA TYR B 260 16.12 21.68 -10.37
C TYR B 260 16.25 21.52 -8.87
N ARG B 261 16.22 22.63 -8.14
CA ARG B 261 16.45 22.60 -6.70
C ARG B 261 15.35 23.34 -5.94
N GLY B 262 15.06 22.90 -4.72
CA GLY B 262 14.13 23.63 -3.90
C GLY B 262 14.79 24.92 -3.45
N MET B 263 13.97 25.94 -3.16
CA MET B 263 14.52 27.19 -2.67
C MET B 263 14.93 27.06 -1.20
N GLY B 264 14.60 25.94 -0.59
CA GLY B 264 15.01 25.67 0.77
C GLY B 264 16.12 24.64 0.79
N SER B 265 16.78 24.48 -0.34
CA SER B 265 17.90 23.55 -0.44
C SER B 265 19.19 24.24 -0.02
N VAL B 266 20.21 23.45 0.32
CA VAL B 266 21.51 23.97 0.75
C VAL B 266 22.10 24.96 -0.25
N GLY B 267 22.03 24.61 -1.53
CA GLY B 267 22.59 25.46 -2.58
C GLY B 267 21.82 26.74 -2.86
N ALA B 268 20.50 26.71 -2.67
CA ALA B 268 19.69 27.91 -2.89
C ALA B 268 19.81 28.90 -1.73
N MET B 269 19.99 28.38 -0.53
CA MET B 269 20.05 29.22 0.66
C MET B 269 21.35 30.01 0.76
N LYS B 270 22.43 29.46 0.20
CA LYS B 270 23.68 30.20 0.15
C LYS B 270 23.91 30.89 -1.19
N SER B 271 22.81 31.33 -1.82
CA SER B 271 22.88 32.09 -3.06
C SER B 271 22.75 33.59 -2.79
N MET B 287 19.31 27.25 10.15
CA MET B 287 18.18 26.62 9.46
C MET B 287 18.58 25.39 8.67
N VAL B 288 18.01 24.25 9.07
CA VAL B 288 18.19 22.99 8.36
C VAL B 288 17.38 23.02 7.04
N PRO B 289 17.95 22.49 5.94
CA PRO B 289 17.24 22.52 4.65
C PRO B 289 15.94 21.70 4.65
N GLU B 290 15.00 22.07 3.79
CA GLU B 290 13.73 21.35 3.65
C GLU B 290 13.40 21.17 2.16
N GLY B 291 14.43 21.12 1.34
CA GLY B 291 14.29 20.82 -0.07
C GLY B 291 15.59 20.22 -0.56
N ILE B 292 15.58 19.64 -1.75
CA ILE B 292 16.80 19.01 -2.25
C ILE B 292 17.27 19.61 -3.56
N GLU B 293 18.53 19.34 -3.89
CA GLU B 293 19.06 19.70 -5.20
C GLU B 293 19.00 18.47 -6.09
N GLY B 294 18.27 18.58 -7.19
CA GLY B 294 18.06 17.46 -8.08
C GLY B 294 18.20 17.82 -9.55
N ARG B 295 17.87 16.85 -10.39
CA ARG B 295 17.93 16.99 -11.83
C ARG B 295 16.62 16.46 -12.35
N VAL B 296 16.14 17.07 -13.42
CA VAL B 296 15.00 16.54 -14.15
C VAL B 296 15.44 16.40 -15.61
N LYS B 297 14.74 15.57 -16.37
CA LYS B 297 15.08 15.37 -17.78
C LYS B 297 14.71 16.60 -18.61
N TYR B 298 15.52 16.87 -19.63
CA TYR B 298 15.29 18.00 -20.52
C TYR B 298 14.16 17.70 -21.51
N LYS B 299 13.13 18.54 -21.51
CA LYS B 299 11.91 18.31 -22.28
C LYS B 299 11.75 19.22 -23.49
N GLY B 300 12.77 20.03 -23.78
CA GLY B 300 12.71 20.93 -24.92
C GLY B 300 11.80 22.12 -24.70
N GLU B 301 11.14 22.57 -25.77
CA GLU B 301 10.33 23.79 -25.71
C GLU B 301 9.12 23.71 -24.78
N MET B 302 8.96 24.76 -23.99
CA MET B 302 7.91 24.82 -22.97
C MET B 302 6.51 24.84 -23.57
N GLU B 303 6.37 25.35 -24.78
CA GLU B 303 5.04 25.44 -25.41
C GLU B 303 4.36 24.07 -25.56
N GLY B 304 5.14 23.08 -25.97
CA GLY B 304 4.62 21.73 -26.15
C GLY B 304 4.16 21.13 -24.82
N VAL B 305 4.98 21.30 -23.79
CA VAL B 305 4.65 20.82 -22.45
C VAL B 305 3.32 21.39 -21.97
N VAL B 306 3.16 22.70 -22.11
CA VAL B 306 1.95 23.39 -21.68
C VAL B 306 0.74 22.98 -22.52
N TYR B 307 0.96 22.68 -23.80
CA TYR B 307 -0.12 22.22 -24.65
C TYR B 307 -0.71 20.91 -24.11
N GLN B 308 0.17 19.97 -23.75
N GLN B 308 0.17 19.97 -23.75
CA GLN B 308 -0.27 18.68 -23.19
CA GLN B 308 -0.26 18.69 -23.19
C GLN B 308 -1.06 18.89 -21.91
C GLN B 308 -1.04 18.86 -21.90
N LEU B 309 -0.59 19.77 -21.05
CA LEU B 309 -1.24 20.03 -19.77
C LEU B 309 -2.64 20.59 -19.98
N VAL B 310 -2.72 21.63 -20.80
CA VAL B 310 -4.01 22.19 -21.19
C VAL B 310 -4.91 21.14 -21.84
N GLY B 311 -4.35 20.38 -22.79
CA GLY B 311 -5.07 19.28 -23.41
C GLY B 311 -5.65 18.30 -22.40
N GLY B 312 -4.85 17.91 -21.40
CA GLY B 312 -5.32 17.00 -20.37
C GLY B 312 -6.46 17.57 -19.57
N LEU B 313 -6.37 18.86 -19.24
CA LEU B 313 -7.41 19.53 -18.48
C LEU B 313 -8.71 19.68 -19.28
N ARG B 314 -8.59 19.94 -20.57
CA ARG B 314 -9.78 20.02 -21.42
C ARG B 314 -10.50 18.68 -21.48
N SER B 315 -9.73 17.62 -21.59
CA SER B 315 -10.29 16.27 -21.59
C SER B 315 -11.03 15.99 -20.28
N CYS B 316 -10.39 16.26 -19.15
CA CYS B 316 -11.02 16.12 -17.83
C CYS B 316 -12.37 16.87 -17.75
N MET B 317 -12.37 18.11 -18.19
CA MET B 317 -13.59 18.92 -18.15
C MET B 317 -14.66 18.45 -19.15
N GLY B 318 -14.23 17.87 -20.27
CA GLY B 318 -15.13 17.15 -21.16
C GLY B 318 -15.83 15.96 -20.52
N TYR B 319 -15.05 15.10 -19.85
CA TYR B 319 -15.60 13.96 -19.11
C TYR B 319 -16.55 14.41 -18.02
N LEU B 320 -16.32 15.60 -17.47
CA LEU B 320 -17.12 16.08 -16.34
C LEU B 320 -18.25 17.02 -16.75
N GLY B 321 -18.47 17.16 -18.06
CA GLY B 321 -19.59 17.97 -18.56
C GLY B 321 -19.57 19.41 -18.08
N SER B 322 -18.37 19.94 -17.88
CA SER B 322 -18.21 21.28 -17.29
C SER B 322 -17.57 22.24 -18.27
N ALA B 323 -18.30 23.29 -18.66
CA ALA B 323 -17.83 24.23 -19.67
C ALA B 323 -16.97 25.35 -19.11
N SER B 324 -16.81 25.38 -17.78
CA SER B 324 -16.01 26.38 -17.10
C SER B 324 -15.58 25.82 -15.75
N ILE B 325 -14.58 26.45 -15.14
CA ILE B 325 -14.06 25.99 -13.86
C ILE B 325 -15.14 26.14 -12.80
N GLU B 326 -15.89 27.22 -12.87
CA GLU B 326 -17.07 27.44 -12.02
C GLU B 326 -18.07 26.28 -12.09
N GLU B 327 -18.35 25.80 -13.30
CA GLU B 327 -19.26 24.67 -13.45
C GLU B 327 -18.62 23.40 -12.90
N LEU B 328 -17.31 23.26 -13.12
CA LEU B 328 -16.58 22.10 -12.63
C LEU B 328 -16.65 22.01 -11.09
N TRP B 329 -16.55 23.14 -10.40
CA TRP B 329 -16.69 23.15 -8.93
C TRP B 329 -18.06 22.66 -8.50
N LYS B 330 -19.07 23.06 -9.27
CA LYS B 330 -20.45 22.68 -9.02
C LYS B 330 -20.70 21.18 -9.27
N LYS B 331 -20.18 20.65 -10.36
CA LYS B 331 -20.53 19.31 -10.83
C LYS B 331 -19.57 18.21 -10.40
N SER B 332 -18.38 18.56 -9.94
CA SER B 332 -17.36 17.54 -9.74
C SER B 332 -17.64 16.60 -8.55
N SER B 333 -17.15 15.38 -8.66
CA SER B 333 -17.13 14.43 -7.56
C SER B 333 -16.01 13.43 -7.80
N TYR B 334 -15.58 12.79 -6.73
CA TYR B 334 -14.47 11.86 -6.85
C TYR B 334 -14.64 10.59 -6.02
N VAL B 335 -13.85 9.58 -6.36
N VAL B 335 -13.84 9.58 -6.36
CA VAL B 335 -13.85 8.34 -5.62
CA VAL B 335 -13.81 8.32 -5.66
C VAL B 335 -12.43 8.10 -5.09
C VAL B 335 -12.42 8.09 -5.09
N GLU B 336 -12.32 7.61 -3.85
CA GLU B 336 -11.03 7.25 -3.27
C GLU B 336 -10.59 5.90 -3.82
N ILE B 337 -9.34 5.77 -4.23
CA ILE B 337 -8.86 4.47 -4.70
C ILE B 337 -7.76 3.93 -3.80
N THR B 338 -7.51 2.63 -3.90
CA THR B 338 -6.43 2.01 -3.14
C THR B 338 -5.15 2.05 -3.98
N THR B 339 -4.03 1.71 -3.36
CA THR B 339 -2.77 1.52 -4.08
C THR B 339 -2.96 0.57 -5.26
N SER B 340 -3.69 -0.52 -5.03
CA SER B 340 -3.98 -1.50 -6.06
C SER B 340 -4.79 -0.87 -7.17
N GLY B 341 -5.72 0.01 -6.79
CA GLY B 341 -6.51 0.76 -7.76
C GLY B 341 -5.66 1.63 -8.67
N LEU B 342 -4.60 2.19 -8.09
CA LEU B 342 -3.68 3.09 -8.80
C LEU B 342 -2.86 2.35 -9.85
N ARG B 343 -2.49 1.10 -9.54
CA ARG B 343 -1.80 0.25 -10.50
C ARG B 343 -2.67 0.03 -11.73
N GLU B 344 -3.98 -0.01 -11.50
CA GLU B 344 -4.96 -0.19 -12.58
C GLU B 344 -5.11 1.09 -13.41
N SER B 345 -4.85 2.23 -12.77
CA SER B 345 -4.93 3.55 -13.41
C SER B 345 -3.82 3.77 -14.44
N HIS B 346 -2.59 3.57 -13.98
CA HIS B 346 -1.42 3.62 -14.84
C HIS B 346 -1.41 2.50 -15.88
N VAL B 347 -0.30 2.39 -16.59
CA VAL B 347 -0.10 1.30 -17.54
C VAL B 347 0.38 0.04 -16.81
N HIS B 348 -0.21 -1.11 -17.13
CA HIS B 348 0.19 -2.35 -16.48
C HIS B 348 0.35 -3.52 -17.45
N ASP B 349 1.33 -4.38 -17.16
CA ASP B 349 1.56 -5.64 -17.89
C ASP B 349 1.98 -5.46 -19.36
N VAL B 350 2.13 -4.20 -19.77
CA VAL B 350 2.53 -3.88 -21.13
C VAL B 350 3.75 -2.96 -21.08
N GLU B 351 4.76 -3.29 -21.88
CA GLU B 351 6.01 -2.51 -21.89
C GLU B 351 5.97 -1.45 -22.98
N ILE B 352 6.31 -0.21 -22.62
CA ILE B 352 6.20 0.93 -23.53
C ILE B 352 7.32 0.99 -24.58
N VAL B 353 6.93 1.30 -25.82
CA VAL B 353 7.86 1.42 -26.92
C VAL B 353 8.20 2.89 -27.17
N MET C 4 -15.96 -8.11 10.44
CA MET C 4 -14.97 -7.64 11.40
C MET C 4 -14.32 -8.82 12.12
N GLY C 5 -13.62 -8.52 13.21
CA GLY C 5 -12.96 -9.52 14.03
C GLY C 5 -12.82 -9.03 15.46
N THR C 6 -13.29 -9.85 16.40
CA THR C 6 -13.47 -9.40 17.78
C THR C 6 -12.20 -9.03 18.58
N LYS C 7 -11.06 -9.64 18.26
CA LYS C 7 -9.83 -9.37 18.99
C LYS C 7 -9.06 -8.15 18.45
N ASN C 8 -9.62 -7.54 17.41
CA ASN C 8 -9.05 -6.38 16.75
C ASN C 8 -9.29 -5.15 17.62
N ILE C 9 -8.23 -4.52 18.11
CA ILE C 9 -8.44 -3.36 18.97
C ILE C 9 -8.41 -2.03 18.21
N GLY C 10 -8.16 -2.09 16.91
CA GLY C 10 -8.15 -0.89 16.11
C GLY C 10 -6.91 -0.86 15.24
N LYS C 11 -6.78 0.22 14.45
CA LYS C 11 -5.66 0.38 13.54
C LYS C 11 -4.53 1.10 14.25
N GLY C 12 -3.33 0.53 14.15
CA GLY C 12 -2.16 1.14 14.75
C GLY C 12 -1.45 2.00 13.72
N LEU C 13 -0.96 3.16 14.16
CA LEU C 13 -0.23 4.08 13.29
C LEU C 13 1.24 4.16 13.66
N THR C 14 2.11 4.09 12.67
CA THR C 14 3.53 4.37 12.87
C THR C 14 3.82 5.81 12.41
N PHE C 15 5.07 6.23 12.56
CA PHE C 15 5.49 7.58 12.18
C PHE C 15 5.10 7.90 10.73
N GLU C 16 5.33 6.95 9.82
CA GLU C 16 5.06 7.13 8.40
C GLU C 16 3.59 7.29 8.05
N ASP C 17 2.69 6.85 8.93
CA ASP C 17 1.25 6.95 8.69
C ASP C 17 0.64 8.33 8.93
N ILE C 18 1.41 9.27 9.50
CA ILE C 18 0.83 10.56 9.90
C ILE C 18 1.67 11.74 9.46
N LEU C 19 1.05 12.93 9.49
CA LEU C 19 1.75 14.20 9.34
C LEU C 19 1.13 15.17 10.32
N LEU C 20 1.98 15.97 10.96
CA LEU C 20 1.49 17.05 11.82
C LEU C 20 0.92 18.22 11.01
N VAL C 21 -0.14 18.82 11.54
CA VAL C 21 -0.83 19.94 10.91
C VAL C 21 -0.31 21.27 11.47
N PRO C 22 0.12 22.18 10.58
CA PRO C 22 0.64 23.48 11.01
C PRO C 22 -0.41 24.28 11.80
N ASN C 23 0.03 25.03 12.80
CA ASN C 23 -0.85 25.93 13.55
C ASN C 23 -0.47 27.39 13.29
N TYR C 24 -1.34 28.31 13.69
CA TYR C 24 -0.93 29.72 13.74
C TYR C 24 0.32 29.82 14.62
N SER C 25 1.36 30.50 14.13
CA SER C 25 2.59 30.59 14.90
C SER C 25 3.10 32.01 15.05
N GLU C 26 3.52 32.33 16.27
CA GLU C 26 4.23 33.55 16.61
C GLU C 26 5.64 33.22 17.08
N VAL C 27 6.06 31.97 16.97
CA VAL C 27 7.39 31.61 17.43
C VAL C 27 8.28 31.04 16.31
N LEU C 28 9.47 31.64 16.17
CA LEU C 28 10.42 31.17 15.18
C LEU C 28 11.08 29.89 15.66
N PRO C 29 11.52 29.07 14.71
CA PRO C 29 12.27 27.86 15.09
C PRO C 29 13.44 28.14 16.01
N ARG C 30 14.15 29.25 15.81
CA ARG C 30 15.31 29.55 16.63
C ARG C 30 14.94 29.89 18.08
N GLU C 31 13.67 30.21 18.29
CA GLU C 31 13.19 30.66 19.60
C GLU C 31 12.56 29.58 20.47
N VAL C 32 12.30 28.41 19.91
CA VAL C 32 11.60 27.40 20.68
C VAL C 32 12.51 26.83 21.79
N SER C 33 11.92 26.54 22.95
CA SER C 33 12.66 25.82 23.98
C SER C 33 12.49 24.30 23.81
N LEU C 34 13.61 23.60 23.81
CA LEU C 34 13.65 22.15 23.69
C LEU C 34 13.92 21.46 25.02
N GLU C 35 13.89 22.23 26.10
CA GLU C 35 14.06 21.65 27.43
C GLU C 35 12.93 20.70 27.77
N THR C 36 13.27 19.57 28.39
CA THR C 36 12.33 18.49 28.64
C THR C 36 12.73 17.74 29.90
N LYS C 37 11.82 16.91 30.39
CA LYS C 37 12.10 16.08 31.54
C LYS C 37 12.45 14.70 31.04
N LEU C 38 13.61 14.20 31.45
CA LEU C 38 14.00 12.83 31.14
C LEU C 38 13.24 11.89 32.05
N THR C 39 13.28 12.19 33.35
CA THR C 39 12.50 11.45 34.34
C THR C 39 11.85 12.49 35.23
N LYS C 40 11.08 12.02 36.22
CA LYS C 40 10.40 12.92 37.14
C LYS C 40 11.32 13.98 37.80
N ASN C 41 12.58 13.63 38.02
CA ASN C 41 13.52 14.52 38.73
C ASN C 41 14.74 14.93 37.92
N VAL C 42 14.82 14.49 36.67
CA VAL C 42 15.98 14.80 35.84
C VAL C 42 15.53 15.54 34.58
N SER C 43 16.18 16.67 34.29
CA SER C 43 15.86 17.49 33.11
C SER C 43 16.99 17.47 32.08
N LEU C 44 16.64 17.61 30.81
CA LEU C 44 17.62 17.71 29.73
C LEU C 44 17.40 18.99 28.94
N LYS C 45 18.43 19.45 28.24
CA LYS C 45 18.33 20.65 27.40
C LYS C 45 17.70 20.33 26.03
N ILE C 46 18.02 19.16 25.48
CA ILE C 46 17.35 18.68 24.29
C ILE C 46 16.75 17.30 24.57
N PRO C 47 15.67 16.94 23.85
CA PRO C 47 14.97 15.68 24.17
C PRO C 47 15.50 14.46 23.43
N LEU C 48 16.82 14.24 23.48
CA LEU C 48 17.47 13.16 22.75
C LEU C 48 18.30 12.28 23.68
N ILE C 49 18.11 10.96 23.56
CA ILE C 49 18.88 9.99 24.32
C ILE C 49 19.52 8.97 23.38
N SER C 50 20.81 8.69 23.56
CA SER C 50 21.40 7.61 22.76
C SER C 50 21.08 6.23 23.35
N SER C 51 20.79 5.26 22.47
CA SER C 51 20.40 3.92 22.91
C SER C 51 21.47 3.16 23.69
N ALA C 52 21.03 2.36 24.66
CA ALA C 52 21.93 1.48 25.41
C ALA C 52 22.31 0.20 24.64
N MET C 53 23.19 0.34 23.66
CA MET C 53 23.56 -0.78 22.81
C MET C 53 25.07 -0.74 22.65
N ASP C 54 25.69 -1.89 22.41
CA ASP C 54 27.15 -1.94 22.35
C ASP C 54 27.74 -1.46 21.03
N THR C 55 26.89 -0.96 20.14
CA THR C 55 27.37 -0.34 18.92
C THR C 55 26.96 1.13 18.83
N VAL C 56 26.42 1.63 19.94
CA VAL C 56 25.95 3.01 19.99
C VAL C 56 26.59 3.82 21.13
N THR C 57 26.43 3.35 22.37
CA THR C 57 26.76 4.20 23.51
C THR C 57 27.78 3.66 24.51
N GLU C 58 29.00 4.17 24.45
CA GLU C 58 29.91 4.08 25.59
C GLU C 58 30.28 5.49 26.03
N HIS C 59 31.39 5.66 26.72
CA HIS C 59 31.68 6.96 27.33
C HIS C 59 31.76 8.10 26.31
N LEU C 60 32.43 7.86 25.18
CA LEU C 60 32.61 8.91 24.18
C LEU C 60 31.26 9.44 23.66
N MET C 61 30.37 8.53 23.28
CA MET C 61 29.02 8.89 22.86
C MET C 61 28.26 9.62 23.96
N ALA C 62 28.34 9.10 25.19
CA ALA C 62 27.64 9.68 26.34
C ALA C 62 28.11 11.11 26.66
N VAL C 63 29.40 11.35 26.51
CA VAL C 63 29.95 12.69 26.72
C VAL C 63 29.43 13.62 25.63
N GLY C 64 29.44 13.14 24.39
CA GLY C 64 28.97 13.93 23.27
C GLY C 64 27.53 14.34 23.46
N MET C 65 26.69 13.38 23.84
CA MET C 65 25.26 13.65 24.04
C MET C 65 25.06 14.70 25.13
N ALA C 66 25.74 14.47 26.26
CA ALA C 66 25.62 15.35 27.42
C ALA C 66 26.02 16.80 27.11
N ARG C 67 27.11 16.97 26.37
CA ARG C 67 27.55 18.30 25.95
C ARG C 67 26.50 19.03 25.11
N LEU C 68 25.79 18.28 24.26
CA LEU C 68 24.83 18.90 23.37
C LEU C 68 23.46 19.10 24.04
N GLY C 69 23.35 18.67 25.30
CA GLY C 69 22.13 18.93 26.06
C GLY C 69 21.27 17.70 26.29
N GLY C 70 21.70 16.56 25.75
CA GLY C 70 20.98 15.31 25.90
C GLY C 70 21.66 14.38 26.90
N ILE C 71 21.58 13.08 26.66
CA ILE C 71 22.17 12.12 27.58
C ILE C 71 22.43 10.80 26.86
N GLY C 72 23.44 10.07 27.29
CA GLY C 72 23.71 8.75 26.76
C GLY C 72 23.51 7.69 27.81
N ILE C 73 22.93 6.56 27.43
CA ILE C 73 22.80 5.43 28.35
C ILE C 73 23.85 4.37 28.04
N ILE C 74 24.78 4.19 28.98
CA ILE C 74 25.84 3.19 28.86
C ILE C 74 25.21 1.81 28.85
N HIS C 75 25.56 1.00 27.85
CA HIS C 75 24.97 -0.31 27.69
C HIS C 75 25.47 -1.28 28.76
N LYS C 76 24.81 -2.42 28.89
CA LYS C 76 25.11 -3.36 29.96
C LYS C 76 25.90 -4.58 29.50
N ASN C 77 26.32 -4.59 28.24
CA ASN C 77 27.04 -5.72 27.68
C ASN C 77 28.52 -5.71 28.05
N MET C 78 28.77 -5.69 29.35
CA MET C 78 30.11 -5.62 29.90
C MET C 78 29.97 -5.88 31.39
N ASP C 79 31.09 -6.14 32.08
CA ASP C 79 31.03 -6.40 33.51
C ASP C 79 30.71 -5.12 34.28
N MET C 80 30.31 -5.29 35.53
CA MET C 80 29.94 -4.16 36.40
C MET C 80 31.06 -3.13 36.49
N GLU C 81 32.29 -3.60 36.75
CA GLU C 81 33.44 -2.71 36.86
C GLU C 81 33.65 -1.88 35.58
N SER C 82 33.61 -2.55 34.44
CA SER C 82 33.74 -1.87 33.15
C SER C 82 32.65 -0.84 32.95
N GLN C 83 31.44 -1.16 33.42
CA GLN C 83 30.32 -0.24 33.27
C GLN C 83 30.45 0.96 34.21
N VAL C 84 30.82 0.70 35.45
CA VAL C 84 31.12 1.76 36.39
C VAL C 84 32.20 2.69 35.83
N ASN C 85 33.25 2.09 35.28
CA ASN C 85 34.35 2.88 34.71
C ASN C 85 33.91 3.82 33.60
N GLU C 86 32.96 3.38 32.77
CA GLU C 86 32.43 4.25 31.72
C GLU C 86 31.69 5.43 32.33
N VAL C 87 30.87 5.15 33.34
CA VAL C 87 30.12 6.18 34.04
C VAL C 87 31.06 7.22 34.64
N LEU C 88 32.14 6.75 35.26
CA LEU C 88 33.11 7.63 35.89
C LEU C 88 33.81 8.54 34.87
N LYS C 89 34.15 7.99 33.71
CA LYS C 89 34.77 8.77 32.65
C LYS C 89 33.90 9.95 32.23
N VAL C 90 32.59 9.72 32.16
CA VAL C 90 31.66 10.78 31.79
C VAL C 90 31.56 11.80 32.93
N LYS C 91 31.52 11.31 34.16
CA LYS C 91 31.48 12.18 35.32
C LYS C 91 32.78 12.94 35.53
N ASN C 92 33.91 12.32 35.17
CA ASN C 92 35.21 13.00 35.27
C ASN C 92 35.41 14.05 34.20
N SER C 93 34.40 14.22 33.34
CA SER C 93 34.50 15.11 32.21
C SER C 93 33.58 16.33 32.38
N GLY C 94 33.55 16.88 33.59
CA GLY C 94 32.66 17.99 33.90
C GLY C 94 31.42 17.53 34.64
N GLY C 95 30.58 18.47 35.05
CA GLY C 95 29.31 18.11 35.69
C GLY C 95 28.31 17.61 34.67
N LEU C 96 28.55 16.42 34.13
CA LEU C 96 27.78 15.93 32.98
C LEU C 96 26.84 14.78 33.35
N ARG C 97 25.59 14.90 32.93
N ARG C 97 25.59 14.90 32.93
CA ARG C 97 24.59 13.85 33.13
CA ARG C 97 24.59 13.84 33.13
C ARG C 97 24.95 12.57 32.37
C ARG C 97 25.01 12.57 32.41
N VAL C 98 24.56 11.43 32.94
CA VAL C 98 24.78 10.14 32.29
C VAL C 98 23.81 9.10 32.86
N GLY C 99 23.40 8.15 32.02
CA GLY C 99 22.55 7.08 32.47
C GLY C 99 23.25 5.76 32.22
N ALA C 100 22.69 4.68 32.75
CA ALA C 100 23.22 3.35 32.51
C ALA C 100 22.11 2.31 32.61
N ALA C 101 22.17 1.28 31.77
CA ALA C 101 21.16 0.22 31.76
C ALA C 101 21.51 -0.96 32.65
N ILE C 102 20.48 -1.59 33.22
CA ILE C 102 20.61 -2.87 33.90
C ILE C 102 19.48 -3.77 33.44
N GLY C 103 19.58 -5.05 33.74
CA GLY C 103 18.52 -6.00 33.38
C GLY C 103 17.78 -6.45 34.61
N VAL C 104 16.87 -7.41 34.44
N VAL C 104 16.88 -7.42 34.43
CA VAL C 104 16.11 -7.98 35.53
CA VAL C 104 16.13 -8.03 35.53
C VAL C 104 17.05 -8.58 36.61
C VAL C 104 17.07 -8.57 36.61
N ASN C 105 16.70 -8.35 37.87
CA ASN C 105 17.46 -8.85 39.03
C ASN C 105 18.89 -8.31 39.18
N GLU C 106 19.28 -7.31 38.39
CA GLU C 106 20.65 -6.83 38.48
C GLU C 106 20.83 -5.73 39.53
N ILE C 107 20.44 -6.07 40.76
CA ILE C 107 20.46 -5.13 41.88
C ILE C 107 21.88 -4.68 42.24
N GLU C 108 22.83 -5.61 42.22
CA GLU C 108 24.20 -5.27 42.59
C GLU C 108 24.80 -4.30 41.58
N ARG C 109 24.57 -4.58 40.30
CA ARG C 109 25.03 -3.70 39.24
C ARG C 109 24.46 -2.30 39.44
N ALA C 110 23.16 -2.20 39.71
CA ALA C 110 22.50 -0.93 39.95
C ALA C 110 23.11 -0.13 41.09
N LYS C 111 23.37 -0.82 42.21
CA LYS C 111 23.96 -0.17 43.38
C LYS C 111 25.33 0.41 43.06
N LEU C 112 26.19 -0.37 42.41
CA LEU C 112 27.51 0.12 42.01
C LEU C 112 27.42 1.31 41.04
N LEU C 113 26.43 1.32 40.15
CA LEU C 113 26.27 2.43 39.23
C LEU C 113 25.82 3.70 39.94
N VAL C 114 24.91 3.54 40.89
CA VAL C 114 24.38 4.67 41.64
C VAL C 114 25.46 5.31 42.52
N GLU C 115 26.23 4.49 43.22
CA GLU C 115 27.30 5.03 44.03
C GLU C 115 28.39 5.66 43.17
N ALA C 116 28.45 5.29 41.89
CA ALA C 116 29.41 5.90 40.97
C ALA C 116 28.91 7.22 40.39
N GLY C 117 27.68 7.59 40.75
CA GLY C 117 27.15 8.89 40.38
C GLY C 117 26.28 8.93 39.12
N VAL C 118 25.75 7.80 38.70
CA VAL C 118 24.85 7.78 37.55
C VAL C 118 23.60 8.63 37.86
N ASP C 119 23.09 9.35 36.88
CA ASP C 119 21.91 10.19 37.14
C ASP C 119 20.61 9.41 37.03
N VAL C 120 20.58 8.42 36.15
CA VAL C 120 19.38 7.63 35.96
C VAL C 120 19.73 6.17 35.69
N ILE C 121 18.92 5.26 36.23
CA ILE C 121 19.02 3.86 35.91
C ILE C 121 17.94 3.49 34.90
N VAL C 122 18.34 2.84 33.81
CA VAL C 122 17.37 2.33 32.87
C VAL C 122 17.20 0.83 33.06
N LEU C 123 16.09 0.46 33.70
CA LEU C 123 15.73 -0.95 33.85
C LEU C 123 15.03 -1.41 32.59
N ASP C 124 15.74 -2.16 31.75
CA ASP C 124 15.31 -2.50 30.41
C ASP C 124 15.07 -3.99 30.18
N SER C 125 13.98 -4.31 29.48
CA SER C 125 13.68 -5.68 29.09
C SER C 125 12.87 -5.68 27.81
N ALA C 126 12.96 -6.75 27.03
CA ALA C 126 12.10 -6.91 25.85
C ALA C 126 10.64 -6.80 26.25
N HIS C 127 10.32 -7.19 27.49
CA HIS C 127 8.92 -7.18 27.91
C HIS C 127 8.79 -6.54 29.29
N GLY C 128 8.72 -5.22 29.32
CA GLY C 128 8.65 -4.48 30.56
C GLY C 128 7.50 -4.87 31.47
N HIS C 129 6.38 -5.24 30.87
CA HIS C 129 5.19 -5.53 31.68
C HIS C 129 5.23 -6.97 32.16
N SER C 130 6.19 -7.26 33.04
CA SER C 130 6.34 -8.61 33.54
C SER C 130 6.56 -8.59 35.05
N LEU C 131 6.21 -9.69 35.70
CA LEU C 131 6.33 -9.81 37.15
C LEU C 131 7.77 -9.60 37.63
N ASN C 132 8.74 -10.16 36.92
CA ASN C 132 10.14 -10.02 37.33
C ASN C 132 10.65 -8.58 37.25
N ILE C 133 10.24 -7.87 36.21
CA ILE C 133 10.60 -6.47 36.07
C ILE C 133 10.07 -5.63 37.24
N ILE C 134 8.80 -5.82 37.56
CA ILE C 134 8.15 -5.11 38.66
C ILE C 134 8.87 -5.39 40.00
N ARG C 135 9.23 -6.66 40.22
CA ARG C 135 9.94 -7.04 41.44
C ARG C 135 11.26 -6.31 41.53
N THR C 136 12.05 -6.38 40.46
CA THR C 136 13.31 -5.67 40.35
C THR C 136 13.14 -4.18 40.65
N LEU C 137 12.13 -3.57 40.04
CA LEU C 137 11.85 -2.15 40.23
C LEU C 137 11.60 -1.80 41.69
N LYS C 138 10.74 -2.58 42.35
CA LYS C 138 10.39 -2.32 43.74
C LYS C 138 11.62 -2.49 44.61
N GLU C 139 12.40 -3.53 44.31
CA GLU C 139 13.66 -3.80 45.01
C GLU C 139 14.62 -2.61 44.94
N ILE C 140 14.82 -2.06 43.74
CA ILE C 140 15.72 -0.92 43.56
C ILE C 140 15.24 0.31 44.33
N LYS C 141 13.96 0.64 44.18
CA LYS C 141 13.40 1.81 44.84
C LYS C 141 13.52 1.74 46.37
N SER C 142 13.55 0.53 46.92
CA SER C 142 13.64 0.37 48.37
C SER C 142 15.08 0.36 48.91
N LYS C 143 16.04 0.09 48.04
CA LYS C 143 17.43 -0.07 48.48
C LYS C 143 18.36 1.10 48.10
N MET C 144 17.94 1.93 47.17
CA MET C 144 18.77 3.05 46.75
C MET C 144 17.93 4.25 46.29
N ASN C 145 18.53 5.43 46.34
CA ASN C 145 17.84 6.64 45.91
C ASN C 145 18.27 7.03 44.50
N ILE C 146 17.46 6.67 43.52
CA ILE C 146 17.79 6.98 42.14
C ILE C 146 16.52 7.00 41.30
N ASP C 147 16.48 7.85 40.28
CA ASP C 147 15.40 7.79 39.30
C ASP C 147 15.54 6.56 38.40
N VAL C 148 14.46 5.78 38.28
CA VAL C 148 14.48 4.61 37.43
C VAL C 148 13.52 4.70 36.24
N ILE C 149 14.07 4.55 35.04
CA ILE C 149 13.27 4.43 33.83
C ILE C 149 13.05 2.96 33.52
N VAL C 150 11.80 2.55 33.38
CA VAL C 150 11.50 1.17 33.03
C VAL C 150 10.86 1.00 31.63
N GLY C 151 11.27 -0.05 30.94
CA GLY C 151 10.70 -0.43 29.65
C GLY C 151 11.06 -1.86 29.29
N ASN C 152 10.64 -2.33 28.12
CA ASN C 152 9.83 -1.54 27.19
C ASN C 152 8.36 -1.96 27.23
N VAL C 153 7.47 -0.98 27.20
CA VAL C 153 6.03 -1.28 27.19
C VAL C 153 5.29 -0.57 26.05
N VAL C 154 4.03 -0.95 25.81
CA VAL C 154 3.24 -0.35 24.75
C VAL C 154 1.76 -0.21 25.11
N THR C 155 1.42 -0.38 26.39
CA THR C 155 0.00 -0.35 26.75
C THR C 155 -0.30 0.52 27.95
N GLU C 156 -1.56 0.91 28.07
CA GLU C 156 -2.04 1.69 29.21
C GLU C 156 -1.84 0.93 30.52
N GLU C 157 -2.25 -0.34 30.54
CA GLU C 157 -2.18 -1.09 31.79
C GLU C 157 -0.73 -1.26 32.25
N ALA C 158 0.17 -1.48 31.32
CA ALA C 158 1.58 -1.67 31.65
C ALA C 158 2.14 -0.36 32.22
N THR C 159 1.88 0.73 31.52
CA THR C 159 2.28 2.06 31.97
C THR C 159 1.77 2.36 33.37
N LYS C 160 0.51 2.01 33.64
CA LYS C 160 -0.11 2.33 34.92
C LYS C 160 0.50 1.50 36.05
N GLU C 161 0.78 0.24 35.75
CA GLU C 161 1.29 -0.65 36.79
C GLU C 161 2.73 -0.31 37.15
N LEU C 162 3.54 0.03 36.15
CA LEU C 162 4.92 0.41 36.37
C LEU C 162 5.00 1.71 37.19
N ILE C 163 4.15 2.68 36.86
CA ILE C 163 4.13 3.94 37.61
C ILE C 163 3.75 3.69 39.07
N GLU C 164 2.76 2.83 39.30
CA GLU C 164 2.33 2.54 40.66
C GLU C 164 3.42 1.85 41.48
N ASN C 165 4.33 1.16 40.80
CA ASN C 165 5.42 0.49 41.50
C ASN C 165 6.70 1.29 41.56
N GLY C 166 6.62 2.57 41.19
CA GLY C 166 7.70 3.51 41.43
C GLY C 166 8.51 3.96 40.23
N ALA C 167 8.04 3.66 39.01
CA ALA C 167 8.79 4.09 37.83
C ALA C 167 8.85 5.62 37.76
N ASP C 168 10.01 6.15 37.40
CA ASP C 168 10.20 7.59 37.28
C ASP C 168 10.13 8.05 35.82
N GLY C 169 10.14 7.08 34.93
CA GLY C 169 10.05 7.34 33.51
C GLY C 169 9.65 6.02 32.89
N ILE C 170 8.97 6.09 31.77
CA ILE C 170 8.44 4.93 31.07
C ILE C 170 8.95 4.91 29.64
N LYS C 171 9.62 3.83 29.24
CA LYS C 171 10.15 3.73 27.90
C LYS C 171 9.25 2.87 27.00
N VAL C 172 8.82 3.47 25.91
CA VAL C 172 7.81 2.88 25.05
C VAL C 172 8.42 2.38 23.75
N GLY C 173 8.09 1.14 23.37
CA GLY C 173 8.55 0.58 22.11
C GLY C 173 8.76 -0.93 22.07
N ILE C 174 7.88 -1.62 21.36
CA ILE C 174 8.04 -3.06 21.15
C ILE C 174 7.84 -3.32 19.65
N GLY C 175 8.93 -3.67 18.97
CA GLY C 175 8.92 -3.82 17.53
C GLY C 175 9.29 -2.69 16.55
N PRO C 176 9.43 -1.41 17.01
CA PRO C 176 9.66 -0.42 15.94
C PRO C 176 11.13 -0.19 15.56
N GLY C 177 12.08 -0.71 16.32
CA GLY C 177 13.49 -0.47 16.04
C GLY C 177 13.98 -0.97 14.69
N SER C 178 14.95 -0.27 14.12
CA SER C 178 15.49 -0.60 12.80
C SER C 178 16.06 -2.02 12.69
N ILE C 179 16.62 -2.52 13.79
CA ILE C 179 17.25 -3.84 13.78
C ILE C 179 16.39 -4.92 14.40
N CYS C 180 15.18 -4.54 14.79
CA CYS C 180 14.28 -5.41 15.55
C CYS C 180 13.57 -6.43 14.64
N THR C 181 13.50 -7.69 15.08
CA THR C 181 12.74 -8.70 14.36
C THR C 181 11.68 -9.34 15.25
N THR C 182 11.38 -8.70 16.38
CA THR C 182 10.32 -9.13 17.29
C THR C 182 8.97 -9.30 16.58
N ARG C 183 8.61 -8.33 15.75
CA ARG C 183 7.34 -8.40 15.02
C ARG C 183 7.28 -9.59 14.06
N ILE C 184 8.45 -10.01 13.56
CA ILE C 184 8.54 -11.13 12.64
C ILE C 184 8.67 -12.50 13.34
N VAL C 185 9.54 -12.56 14.35
CA VAL C 185 9.86 -13.80 15.06
C VAL C 185 8.74 -14.21 16.00
N ALA C 186 8.19 -13.22 16.69
CA ALA C 186 7.19 -13.45 17.71
C ALA C 186 5.79 -12.98 17.29
N GLY C 187 5.71 -12.10 16.28
CA GLY C 187 4.42 -11.64 15.77
C GLY C 187 3.79 -10.59 16.66
N VAL C 188 4.63 -9.97 17.49
CA VAL C 188 4.18 -9.10 18.56
C VAL C 188 4.66 -7.69 18.28
N GLY C 189 3.83 -6.69 18.57
CA GLY C 189 4.28 -5.30 18.54
C GLY C 189 3.11 -4.35 18.49
N VAL C 190 3.39 -3.06 18.63
CA VAL C 190 2.40 -2.03 18.42
C VAL C 190 3.08 -0.91 17.67
N PRO C 191 2.47 -0.42 16.57
CA PRO C 191 3.00 0.74 15.84
C PRO C 191 3.28 1.91 16.78
N GLN C 192 4.42 2.54 16.59
CA GLN C 192 4.95 3.47 17.59
C GLN C 192 4.08 4.71 17.89
N ILE C 193 3.38 5.29 16.91
CA ILE C 193 2.55 6.45 17.24
C ILE C 193 1.44 6.04 18.23
N THR C 194 0.74 4.97 17.90
CA THR C 194 -0.32 4.41 18.75
C THR C 194 0.18 4.07 20.15
N ALA C 195 1.34 3.43 20.22
CA ALA C 195 1.93 3.02 21.50
C ALA C 195 2.23 4.24 22.39
N ILE C 196 2.84 5.28 21.81
CA ILE C 196 3.09 6.53 22.57
C ILE C 196 1.77 7.13 23.07
N GLU C 197 0.78 7.20 22.20
CA GLU C 197 -0.51 7.79 22.55
C GLU C 197 -1.17 7.09 23.72
N LYS C 198 -1.20 5.76 23.65
CA LYS C 198 -1.79 4.97 24.71
C LYS C 198 -1.03 5.14 26.03
N CYS C 199 0.29 5.09 25.97
CA CYS C 199 1.06 5.16 27.21
C CYS C 199 1.05 6.57 27.79
N SER C 200 1.09 7.58 26.92
CA SER C 200 1.08 8.94 27.41
C SER C 200 -0.32 9.32 27.97
N SER C 201 -1.35 8.61 27.54
CA SER C 201 -2.70 8.85 28.05
C SER C 201 -2.79 8.55 29.54
N VAL C 202 -1.93 7.65 30.01
CA VAL C 202 -1.85 7.33 31.44
C VAL C 202 -0.77 8.16 32.15
N ALA C 203 0.42 8.18 31.56
CA ALA C 203 1.60 8.76 32.19
C ALA C 203 1.44 10.24 32.48
N SER C 204 0.77 10.96 31.58
CA SER C 204 0.64 12.41 31.73
C SER C 204 -0.23 12.76 32.94
N LYS C 205 -1.15 11.88 33.29
CA LYS C 205 -1.98 12.10 34.48
C LYS C 205 -1.14 12.07 35.75
N PHE C 206 -0.06 11.28 35.74
CA PHE C 206 0.82 11.17 36.90
C PHE C 206 2.04 12.06 36.77
N GLY C 207 2.16 12.74 35.64
CA GLY C 207 3.32 13.58 35.41
C GLY C 207 4.61 12.80 35.22
N ILE C 208 4.50 11.61 34.65
CA ILE C 208 5.68 10.77 34.42
C ILE C 208 6.08 10.82 32.95
N PRO C 209 7.34 11.15 32.68
CA PRO C 209 7.84 11.29 31.31
C PRO C 209 7.82 9.98 30.53
N ILE C 210 7.41 10.06 29.26
CA ILE C 210 7.44 8.95 28.32
C ILE C 210 8.66 9.09 27.42
N ILE C 211 9.47 8.02 27.35
CA ILE C 211 10.57 7.98 26.40
C ILE C 211 10.16 7.12 25.19
N ALA C 212 10.22 7.72 24.00
CA ALA C 212 9.87 7.00 22.77
C ALA C 212 11.11 6.36 22.13
N ASP C 213 11.13 5.03 22.13
CA ASP C 213 12.34 4.30 21.80
C ASP C 213 12.21 3.41 20.57
N GLY C 214 13.04 3.71 19.57
CA GLY C 214 13.14 2.88 18.39
C GLY C 214 12.32 3.44 17.24
N GLY C 215 12.81 3.22 16.03
CA GLY C 215 12.03 3.55 14.84
C GLY C 215 12.17 5.00 14.41
N ILE C 216 13.03 5.78 15.06
CA ILE C 216 13.29 7.14 14.57
C ILE C 216 14.24 7.05 13.38
N ARG C 217 13.79 7.47 12.20
N ARG C 217 13.77 7.50 12.22
CA ARG C 217 14.66 7.44 11.03
CA ARG C 217 14.56 7.41 11.00
C ARG C 217 15.06 8.83 10.56
C ARG C 217 15.00 8.79 10.51
N TYR C 218 14.14 9.79 10.71
CA TYR C 218 14.40 11.16 10.27
C TYR C 218 13.98 12.10 11.38
N SER C 219 14.53 13.32 11.36
CA SER C 219 14.20 14.34 12.35
C SER C 219 12.68 14.56 12.53
N GLY C 220 11.92 14.52 11.43
CA GLY C 220 10.48 14.70 11.52
C GLY C 220 9.78 13.69 12.45
N ASP C 221 10.35 12.48 12.57
CA ASP C 221 9.82 11.46 13.49
C ASP C 221 9.89 11.88 14.95
N ILE C 222 10.92 12.66 15.29
CA ILE C 222 11.12 13.17 16.64
C ILE C 222 9.98 14.14 16.98
N GLY C 223 9.66 15.00 16.03
CA GLY C 223 8.56 15.93 16.18
C GLY C 223 7.26 15.19 16.45
N LYS C 224 7.00 14.21 15.60
CA LYS C 224 5.80 13.37 15.72
C LYS C 224 5.72 12.69 17.08
N ALA C 225 6.81 12.04 17.49
CA ALA C 225 6.84 11.34 18.77
C ALA C 225 6.52 12.26 19.94
N LEU C 226 7.22 13.40 20.01
CA LEU C 226 6.97 14.37 21.06
C LEU C 226 5.57 14.96 20.96
N ALA C 227 5.12 15.27 19.75
CA ALA C 227 3.80 15.86 19.57
C ALA C 227 2.67 15.00 20.13
N VAL C 228 2.77 13.69 19.99
CA VAL C 228 1.72 12.83 20.48
C VAL C 228 1.93 12.41 21.95
N GLY C 229 2.94 12.97 22.61
CA GLY C 229 3.03 12.83 24.05
C GLY C 229 4.34 12.37 24.68
N ALA C 230 5.32 11.99 23.86
CA ALA C 230 6.62 11.65 24.41
C ALA C 230 7.30 12.93 24.94
N SER C 231 8.15 12.75 25.95
CA SER C 231 8.96 13.83 26.49
C SER C 231 10.37 13.76 25.90
N SER C 232 10.75 12.60 25.39
CA SER C 232 12.05 12.46 24.77
C SER C 232 12.03 11.24 23.87
N VAL C 233 13.10 11.06 23.08
CA VAL C 233 13.20 9.92 22.20
C VAL C 233 14.59 9.30 22.33
N MET C 234 14.64 7.98 22.20
CA MET C 234 15.87 7.24 22.23
C MET C 234 16.18 6.80 20.81
N ILE C 235 17.44 6.98 20.43
CA ILE C 235 17.85 6.78 19.05
C ILE C 235 19.06 5.85 18.99
N GLY C 236 19.04 4.91 18.06
CA GLY C 236 20.16 3.98 17.92
C GLY C 236 20.86 4.05 16.59
N SER C 237 20.14 3.72 15.51
CA SER C 237 20.75 3.61 14.18
C SER C 237 21.35 4.91 13.66
N ILE C 238 20.66 6.02 13.91
CA ILE C 238 21.12 7.33 13.48
C ILE C 238 22.50 7.70 14.05
N LEU C 239 22.78 7.24 15.27
CA LEU C 239 24.03 7.60 15.95
C LEU C 239 25.11 6.53 15.79
N ALA C 240 24.69 5.35 15.36
CA ALA C 240 25.59 4.21 15.20
C ALA C 240 26.67 4.42 14.14
N GLY C 241 26.37 5.23 13.12
CA GLY C 241 27.37 5.54 12.10
C GLY C 241 28.28 6.72 12.40
N THR C 242 28.19 7.28 13.60
CA THR C 242 29.00 8.44 13.94
C THR C 242 30.38 8.04 14.48
N GLU C 243 31.31 9.00 14.47
CA GLU C 243 32.67 8.79 14.99
C GLU C 243 32.64 8.18 16.39
N GLU C 244 31.76 8.72 17.23
CA GLU C 244 31.75 8.43 18.66
C GLU C 244 31.13 7.09 19.07
N SER C 245 30.45 6.40 18.16
CA SER C 245 29.91 5.08 18.49
C SER C 245 31.04 4.08 18.62
N PRO C 246 30.90 3.11 19.54
CA PRO C 246 32.00 2.16 19.78
C PRO C 246 32.11 1.06 18.73
N GLY C 247 31.24 1.07 17.72
CA GLY C 247 31.28 0.06 16.68
C GLY C 247 32.53 0.13 15.81
N GLU C 248 32.91 -0.99 15.22
CA GLU C 248 34.08 -1.04 14.34
C GLU C 248 33.71 -0.72 12.89
N LYS C 249 34.64 -0.09 12.16
CA LYS C 249 34.43 0.27 10.77
C LYS C 249 34.78 -0.88 9.83
N GLU C 250 34.16 -0.87 8.66
CA GLU C 250 34.45 -1.88 7.65
C GLU C 250 34.20 -1.31 6.26
N LEU C 251 35.16 -1.47 5.36
CA LEU C 251 35.00 -1.01 3.99
C LEU C 251 34.33 -2.09 3.16
N ILE C 252 33.13 -1.80 2.69
CA ILE C 252 32.43 -2.70 1.78
C ILE C 252 32.12 -1.96 0.47
N GLY C 253 32.80 -2.36 -0.59
CA GLY C 253 32.70 -1.66 -1.85
C GLY C 253 33.54 -0.40 -1.79
N ASP C 254 32.91 0.75 -2.01
CA ASP C 254 33.61 2.03 -1.97
C ASP C 254 33.08 2.92 -0.86
N THR C 255 32.44 2.32 0.13
CA THR C 255 31.80 3.08 1.19
C THR C 255 32.18 2.54 2.55
N VAL C 256 32.45 3.44 3.50
CA VAL C 256 32.77 3.01 4.85
C VAL C 256 31.51 2.77 5.66
N TYR C 257 31.41 1.57 6.23
CA TYR C 257 30.30 1.20 7.09
C TYR C 257 30.75 0.93 8.50
N LYS C 258 29.84 1.14 9.44
CA LYS C 258 30.06 0.78 10.83
C LYS C 258 29.05 -0.29 11.18
N TYR C 259 29.44 -1.22 12.04
CA TYR C 259 28.52 -2.27 12.48
C TYR C 259 27.49 -1.75 13.47
N TYR C 260 26.25 -2.22 13.31
CA TYR C 260 25.16 -1.89 14.20
C TYR C 260 24.34 -3.16 14.36
N ARG C 261 24.21 -3.65 15.59
CA ARG C 261 23.49 -4.91 15.81
C ARG C 261 22.52 -4.80 16.97
N GLY C 262 21.44 -5.56 16.90
CA GLY C 262 20.51 -5.61 18.01
C GLY C 262 21.18 -6.26 19.20
N MET C 263 20.73 -5.93 20.41
CA MET C 263 21.25 -6.57 21.61
C MET C 263 20.62 -7.96 21.77
N GLY C 264 19.63 -8.24 20.94
CA GLY C 264 19.02 -9.56 20.87
C GLY C 264 19.42 -10.32 19.62
N SER C 265 20.48 -9.84 18.96
CA SER C 265 21.05 -10.57 17.83
C SER C 265 21.93 -11.68 18.36
N VAL C 266 22.23 -12.67 17.52
CA VAL C 266 22.99 -13.83 17.97
C VAL C 266 24.39 -13.45 18.44
N GLY C 267 24.96 -12.40 17.84
CA GLY C 267 26.29 -11.95 18.18
C GLY C 267 26.39 -11.13 19.47
N ALA C 268 25.33 -10.42 19.80
CA ALA C 268 25.29 -9.67 21.07
C ALA C 268 25.07 -10.61 22.24
N MET C 269 24.30 -11.66 22.02
CA MET C 269 24.03 -12.63 23.07
C MET C 269 25.20 -13.61 23.22
N LYS C 270 25.95 -13.81 22.14
CA LYS C 270 27.20 -14.56 22.21
C LYS C 270 28.24 -13.75 22.96
N SER C 271 28.13 -12.43 22.83
CA SER C 271 29.07 -11.50 23.46
C SER C 271 28.97 -11.54 24.98
N GLY C 272 27.74 -11.66 25.48
CA GLY C 272 27.50 -11.80 26.91
C GLY C 272 27.94 -10.60 27.72
N MET C 287 17.46 -19.03 24.00
CA MET C 287 16.53 -18.08 23.38
C MET C 287 16.80 -17.89 21.89
N VAL C 288 15.74 -17.72 21.13
CA VAL C 288 15.81 -17.49 19.71
C VAL C 288 15.95 -15.97 19.45
N PRO C 289 16.84 -15.56 18.52
CA PRO C 289 17.17 -14.14 18.34
C PRO C 289 16.01 -13.27 17.83
N GLU C 290 16.00 -12.00 18.23
CA GLU C 290 14.95 -11.05 17.84
C GLU C 290 15.56 -9.73 17.38
N GLY C 291 16.75 -9.81 16.82
CA GLY C 291 17.39 -8.65 16.24
C GLY C 291 18.45 -9.14 15.27
N ILE C 292 18.88 -8.27 14.37
CA ILE C 292 19.83 -8.65 13.34
C ILE C 292 21.19 -8.01 13.54
N GLU C 293 22.19 -8.54 12.84
CA GLU C 293 23.51 -7.92 12.82
C GLU C 293 23.67 -7.23 11.48
N GLY C 294 23.78 -5.91 11.51
CA GLY C 294 23.76 -5.12 10.29
C GLY C 294 24.86 -4.11 10.18
N ARG C 295 24.74 -3.24 9.18
CA ARG C 295 25.73 -2.22 8.90
C ARG C 295 25.02 -0.93 8.53
N VAL C 296 25.55 0.19 9.01
CA VAL C 296 25.05 1.50 8.59
C VAL C 296 26.20 2.29 7.96
N LYS C 297 25.85 3.28 7.14
CA LYS C 297 26.86 4.14 6.54
C LYS C 297 27.55 5.00 7.59
N TYR C 298 28.85 5.19 7.44
CA TYR C 298 29.62 6.06 8.32
C TYR C 298 29.27 7.52 8.07
N LYS C 299 29.09 8.29 9.14
CA LYS C 299 28.55 9.65 9.03
C LYS C 299 29.40 10.75 9.68
N GLY C 300 30.56 10.39 10.19
CA GLY C 300 31.44 11.37 10.83
C GLY C 300 30.98 11.81 12.21
N GLU C 301 31.21 13.08 12.53
CA GLU C 301 30.95 13.61 13.87
C GLU C 301 29.48 13.57 14.28
N MET C 302 29.23 13.15 15.51
CA MET C 302 27.86 13.12 16.03
C MET C 302 27.28 14.52 16.16
N GLU C 303 28.12 15.52 16.34
CA GLU C 303 27.62 16.89 16.51
C GLU C 303 26.79 17.36 15.32
N GLY C 304 27.32 17.15 14.12
CA GLY C 304 26.61 17.50 12.90
C GLY C 304 25.31 16.73 12.79
N VAL C 305 25.35 15.44 13.09
CA VAL C 305 24.15 14.62 13.03
C VAL C 305 23.08 15.16 13.96
N VAL C 306 23.47 15.45 15.20
CA VAL C 306 22.55 15.94 16.21
C VAL C 306 22.01 17.32 15.84
N TYR C 307 22.88 18.17 15.28
CA TYR C 307 22.45 19.50 14.86
C TYR C 307 21.27 19.43 13.89
N GLN C 308 21.38 18.56 12.89
N GLN C 308 21.38 18.56 12.90
CA GLN C 308 20.29 18.39 11.93
CA GLN C 308 20.31 18.36 11.93
C GLN C 308 19.01 17.87 12.60
C GLN C 308 19.02 17.89 12.62
N LEU C 309 19.15 16.94 13.54
CA LEU C 309 17.98 16.41 14.26
C LEU C 309 17.27 17.48 15.07
N VAL C 310 18.04 18.20 15.88
CA VAL C 310 17.52 19.34 16.63
C VAL C 310 16.95 20.39 15.68
N GLY C 311 17.68 20.71 14.62
CA GLY C 311 17.18 21.62 13.59
C GLY C 311 15.80 21.27 13.06
N GLY C 312 15.56 19.99 12.77
CA GLY C 312 14.28 19.57 12.23
C GLY C 312 13.18 19.73 13.26
N LEU C 313 13.50 19.44 14.52
CA LEU C 313 12.52 19.54 15.59
C LEU C 313 12.11 21.01 15.82
N ARG C 314 13.07 21.92 15.73
CA ARG C 314 12.77 23.35 15.87
C ARG C 314 11.85 23.79 14.75
N SER C 315 12.19 23.37 13.54
CA SER C 315 11.36 23.71 12.39
C SER C 315 9.93 23.20 12.63
N CYS C 316 9.81 21.96 13.12
CA CYS C 316 8.49 21.38 13.45
C CYS C 316 7.72 22.21 14.48
N MET C 317 8.36 22.55 15.59
CA MET C 317 7.70 23.34 16.62
C MET C 317 7.33 24.76 16.16
N GLY C 318 8.13 25.32 15.27
CA GLY C 318 7.80 26.59 14.64
C GLY C 318 6.55 26.49 13.76
N TYR C 319 6.43 25.43 12.98
CA TYR C 319 5.24 25.19 12.18
C TYR C 319 4.01 25.00 13.06
N LEU C 320 4.20 24.47 14.25
CA LEU C 320 3.09 24.19 15.15
C LEU C 320 2.80 25.30 16.16
N GLY C 321 3.53 26.40 16.05
CA GLY C 321 3.33 27.55 16.93
C GLY C 321 3.59 27.20 18.38
N SER C 322 4.49 26.26 18.60
CA SER C 322 4.75 25.77 19.95
C SER C 322 6.14 26.16 20.47
N ALA C 323 6.17 26.98 21.51
CA ALA C 323 7.42 27.51 22.06
C ALA C 323 8.09 26.57 23.07
N SER C 324 7.39 25.49 23.42
CA SER C 324 7.90 24.47 24.32
C SER C 324 7.19 23.16 24.04
N ILE C 325 7.72 22.07 24.58
CA ILE C 325 7.15 20.74 24.38
C ILE C 325 5.78 20.63 25.04
N GLU C 326 5.65 21.18 26.24
CA GLU C 326 4.33 21.24 26.86
C GLU C 326 3.30 21.93 25.96
N GLU C 327 3.69 23.01 25.30
CA GLU C 327 2.75 23.72 24.43
C GLU C 327 2.44 22.87 23.20
N LEU C 328 3.46 22.17 22.71
CA LEU C 328 3.32 21.26 21.59
C LEU C 328 2.29 20.16 21.90
N TRP C 329 2.29 19.63 23.13
CA TRP C 329 1.27 18.65 23.53
C TRP C 329 -0.13 19.23 23.49
N LYS C 330 -0.26 20.50 23.86
CA LYS C 330 -1.57 21.14 23.90
C LYS C 330 -2.10 21.43 22.50
N LYS C 331 -1.18 21.75 21.59
CA LYS C 331 -1.60 22.35 20.33
C LYS C 331 -1.58 21.39 19.16
N SER C 332 -0.89 20.27 19.28
CA SER C 332 -0.62 19.45 18.12
C SER C 332 -1.85 18.67 17.64
N SER C 333 -1.92 18.47 16.32
CA SER C 333 -2.87 17.53 15.75
C SER C 333 -2.21 16.91 14.53
N TYR C 334 -2.78 15.81 14.04
CA TYR C 334 -2.22 15.13 12.88
C TYR C 334 -3.28 14.56 11.93
N VAL C 335 -2.88 14.32 10.70
CA VAL C 335 -3.73 13.66 9.72
C VAL C 335 -3.08 12.35 9.34
N GLU C 336 -3.91 11.32 9.14
CA GLU C 336 -3.45 10.03 8.61
C GLU C 336 -3.26 10.16 7.12
N ILE C 337 -2.20 9.56 6.60
CA ILE C 337 -1.96 9.61 5.16
C ILE C 337 -1.87 8.18 4.61
N THR C 338 -2.05 8.02 3.30
CA THR C 338 -1.88 6.73 2.65
C THR C 338 -0.42 6.58 2.21
N THR C 339 -0.06 5.39 1.75
CA THR C 339 1.26 5.18 1.16
C THR C 339 1.49 6.09 -0.04
N SER C 340 0.41 6.46 -0.73
CA SER C 340 0.47 7.42 -1.82
C SER C 340 0.76 8.84 -1.30
N GLY C 341 0.26 9.14 -0.10
CA GLY C 341 0.54 10.39 0.58
C GLY C 341 1.99 10.44 1.02
N LEU C 342 2.51 9.27 1.38
CA LEU C 342 3.90 9.09 1.77
C LEU C 342 4.82 9.38 0.60
N ARG C 343 4.43 8.87 -0.58
CA ARG C 343 5.13 9.12 -1.83
C ARG C 343 5.29 10.62 -2.05
N GLU C 344 4.20 11.35 -1.80
CA GLU C 344 4.17 12.80 -1.99
C GLU C 344 5.09 13.52 -1.01
N SER C 345 5.13 13.03 0.23
CA SER C 345 5.95 13.60 1.31
C SER C 345 7.43 13.58 0.99
N HIS C 346 7.93 12.41 0.59
CA HIS C 346 9.30 12.27 0.14
C HIS C 346 9.53 13.00 -1.18
N VAL C 347 10.77 12.92 -1.67
CA VAL C 347 11.09 13.45 -2.99
C VAL C 347 10.55 12.49 -4.06
N HIS C 348 9.95 13.05 -5.10
CA HIS C 348 9.42 12.23 -6.19
C HIS C 348 9.71 12.82 -7.57
N ASP C 349 9.93 11.95 -8.55
CA ASP C 349 10.09 12.31 -9.97
C ASP C 349 11.32 13.18 -10.27
N VAL C 350 12.16 13.39 -9.26
CA VAL C 350 13.37 14.16 -9.44
C VAL C 350 14.57 13.32 -9.00
N GLU C 351 15.55 13.17 -9.89
CA GLU C 351 16.77 12.44 -9.56
C GLU C 351 17.67 13.32 -8.69
N ILE C 352 17.96 12.85 -7.48
CA ILE C 352 18.73 13.64 -6.51
C ILE C 352 20.23 13.70 -6.80
N VAL C 353 20.78 14.91 -6.75
CA VAL C 353 22.20 15.13 -6.97
C VAL C 353 22.99 14.90 -5.69
N GLY D 5 -21.14 -1.55 -2.12
CA GLY D 5 -21.49 -2.74 -2.87
C GLY D 5 -22.15 -3.81 -2.00
N THR D 6 -23.31 -4.29 -2.45
CA THR D 6 -24.11 -5.23 -1.67
C THR D 6 -23.41 -6.54 -1.32
N LYS D 7 -22.43 -6.92 -2.12
CA LYS D 7 -21.78 -8.22 -1.97
C LYS D 7 -20.54 -8.19 -1.10
N ASN D 8 -20.18 -6.98 -0.67
CA ASN D 8 -19.02 -6.76 0.17
C ASN D 8 -19.40 -7.19 1.58
N ILE D 9 -18.74 -8.22 2.09
CA ILE D 9 -19.03 -8.65 3.45
C ILE D 9 -17.97 -8.23 4.46
N GLY D 10 -17.07 -7.33 4.06
CA GLY D 10 -16.09 -6.79 5.01
C GLY D 10 -14.65 -6.92 4.55
N LYS D 11 -13.72 -6.41 5.34
CA LYS D 11 -12.31 -6.47 5.00
C LYS D 11 -11.67 -7.72 5.61
N GLY D 12 -10.92 -8.47 4.81
CA GLY D 12 -10.23 -9.65 5.31
C GLY D 12 -8.76 -9.38 5.64
N LEU D 13 -8.31 -9.89 6.77
CA LEU D 13 -6.93 -9.70 7.20
C LEU D 13 -6.09 -10.97 7.05
N THR D 14 -4.85 -10.80 6.61
CA THR D 14 -3.89 -11.90 6.56
C THR D 14 -2.91 -11.68 7.70
N PHE D 15 -1.91 -12.56 7.82
CA PHE D 15 -0.92 -12.48 8.91
C PHE D 15 -0.21 -11.12 8.89
N GLU D 16 0.19 -10.66 7.70
CA GLU D 16 0.91 -9.40 7.56
C GLU D 16 0.14 -8.14 7.98
N ASP D 17 -1.18 -8.22 8.00
CA ASP D 17 -2.03 -7.08 8.37
C ASP D 17 -2.10 -6.81 9.88
N ILE D 18 -1.60 -7.72 10.71
CA ILE D 18 -1.82 -7.62 12.15
C ILE D 18 -0.55 -7.79 12.98
N LEU D 19 -0.61 -7.33 14.23
CA LEU D 19 0.42 -7.63 15.22
C LEU D 19 -0.28 -7.95 16.52
N LEU D 20 0.25 -8.94 17.25
CA LEU D 20 -0.28 -9.26 18.56
C LEU D 20 0.19 -8.26 19.62
N VAL D 21 -0.71 -7.89 20.52
CA VAL D 21 -0.40 -6.89 21.54
C VAL D 21 0.04 -7.63 22.82
N PRO D 22 1.18 -7.21 23.40
CA PRO D 22 1.70 -7.73 24.67
C PRO D 22 0.73 -7.58 25.84
N ASN D 23 0.77 -8.56 26.74
CA ASN D 23 -0.05 -8.57 27.95
C ASN D 23 0.84 -8.59 29.20
N TYR D 24 0.27 -8.25 30.35
CA TYR D 24 0.97 -8.50 31.60
C TYR D 24 1.34 -9.99 31.63
N SER D 25 2.59 -10.29 31.95
CA SER D 25 3.06 -11.66 31.93
C SER D 25 3.81 -12.10 33.18
N GLU D 26 3.50 -13.30 33.65
CA GLU D 26 4.25 -13.94 34.72
C GLU D 26 4.84 -15.25 34.22
N VAL D 27 4.93 -15.41 32.91
CA VAL D 27 5.42 -16.68 32.37
C VAL D 27 6.49 -16.49 31.30
N LEU D 28 7.62 -17.15 31.52
CA LEU D 28 8.75 -17.14 30.60
C LEU D 28 8.45 -18.00 29.38
N PRO D 29 9.03 -17.61 28.23
CA PRO D 29 8.96 -18.42 27.01
C PRO D 29 9.30 -19.88 27.24
N ARG D 30 10.24 -20.18 28.13
CA ARG D 30 10.64 -21.57 28.38
C ARG D 30 9.63 -22.35 29.22
N GLU D 31 8.75 -21.64 29.94
CA GLU D 31 7.77 -22.28 30.82
C GLU D 31 6.45 -22.58 30.13
N VAL D 32 6.30 -22.08 28.91
CA VAL D 32 5.06 -22.19 28.18
C VAL D 32 4.79 -23.65 27.74
N SER D 33 3.54 -24.09 27.86
CA SER D 33 3.13 -25.39 27.32
C SER D 33 2.60 -25.26 25.89
N LEU D 34 3.24 -25.98 24.95
CA LEU D 34 2.85 -25.98 23.55
C LEU D 34 1.97 -27.18 23.18
N GLU D 35 1.55 -27.92 24.20
CA GLU D 35 0.67 -29.05 24.05
C GLU D 35 -0.67 -28.63 23.44
N THR D 36 -1.15 -29.37 22.46
CA THR D 36 -2.40 -28.99 21.79
C THR D 36 -3.19 -30.22 21.31
N LYS D 37 -4.36 -29.98 20.73
CA LYS D 37 -5.16 -31.07 20.15
C LYS D 37 -5.04 -31.05 18.64
N LEU D 38 -4.68 -32.18 18.05
CA LEU D 38 -4.70 -32.30 16.59
C LEU D 38 -6.12 -32.50 16.10
N THR D 39 -6.81 -33.47 16.69
CA THR D 39 -8.24 -33.68 16.46
C THR D 39 -8.88 -33.84 17.82
N LYS D 40 -10.19 -34.05 17.87
CA LYS D 40 -10.86 -34.15 19.16
C LYS D 40 -10.29 -35.29 20.03
N ASN D 41 -9.69 -36.30 19.39
CA ASN D 41 -9.14 -37.45 20.13
C ASN D 41 -7.62 -37.61 20.08
N VAL D 42 -6.93 -36.79 19.28
CA VAL D 42 -5.48 -36.89 19.17
C VAL D 42 -4.74 -35.63 19.63
N SER D 43 -3.74 -35.82 20.50
CA SER D 43 -2.94 -34.72 21.05
C SER D 43 -1.53 -34.65 20.47
N LEU D 44 -0.96 -33.45 20.47
CA LEU D 44 0.40 -33.20 20.00
C LEU D 44 1.20 -32.50 21.09
N LYS D 45 2.52 -32.70 21.11
CA LYS D 45 3.38 -31.96 22.03
C LYS D 45 3.65 -30.52 21.55
N ILE D 46 3.74 -30.34 20.22
CA ILE D 46 3.88 -29.00 19.62
C ILE D 46 2.84 -28.83 18.51
N PRO D 47 2.42 -27.58 18.24
CA PRO D 47 1.31 -27.43 17.29
C PRO D 47 1.72 -27.34 15.82
N LEU D 48 2.68 -28.16 15.39
CA LEU D 48 3.17 -28.14 14.02
C LEU D 48 2.86 -29.41 13.25
N ILE D 49 2.29 -29.24 12.05
CA ILE D 49 2.02 -30.36 11.16
C ILE D 49 2.67 -30.13 9.81
N SER D 50 3.34 -31.14 9.26
CA SER D 50 3.92 -30.98 7.92
C SER D 50 2.91 -31.33 6.82
N SER D 51 2.82 -30.45 5.83
CA SER D 51 1.86 -30.58 4.71
C SER D 51 1.88 -31.92 3.97
N ALA D 52 0.71 -32.33 3.49
CA ALA D 52 0.59 -33.55 2.69
C ALA D 52 0.94 -33.27 1.23
N MET D 53 2.22 -33.08 0.96
CA MET D 53 2.68 -32.71 -0.38
C MET D 53 3.86 -33.61 -0.76
N ASP D 54 4.00 -33.91 -2.04
CA ASP D 54 5.06 -34.84 -2.46
C ASP D 54 6.47 -34.26 -2.44
N THR D 55 6.60 -33.00 -2.04
CA THR D 55 7.92 -32.40 -1.90
C THR D 55 8.14 -31.98 -0.44
N VAL D 56 7.27 -32.45 0.44
CA VAL D 56 7.37 -32.11 1.86
C VAL D 56 7.40 -33.34 2.78
N THR D 57 6.37 -34.19 2.69
CA THR D 57 6.21 -35.23 3.70
C THR D 57 6.13 -36.66 3.18
N GLU D 58 7.20 -37.41 3.43
CA GLU D 58 7.12 -38.87 3.38
C GLU D 58 7.57 -39.38 4.75
N HIS D 59 8.06 -40.61 4.83
CA HIS D 59 8.26 -41.19 6.16
C HIS D 59 9.34 -40.45 6.95
N LEU D 60 10.44 -40.10 6.29
CA LEU D 60 11.55 -39.45 6.96
C LEU D 60 11.11 -38.14 7.61
N MET D 61 10.36 -37.33 6.88
CA MET D 61 9.82 -36.07 7.40
C MET D 61 8.82 -36.32 8.53
N ALA D 62 8.02 -37.37 8.39
CA ALA D 62 6.99 -37.68 9.36
C ALA D 62 7.57 -38.24 10.66
N VAL D 63 8.69 -38.96 10.56
CA VAL D 63 9.41 -39.41 11.75
C VAL D 63 10.00 -38.20 12.46
N GLY D 64 10.62 -37.32 11.69
CA GLY D 64 11.24 -36.13 12.25
C GLY D 64 10.23 -35.28 13.01
N MET D 65 9.08 -35.04 12.39
CA MET D 65 8.00 -34.27 13.01
C MET D 65 7.52 -34.90 14.32
N ALA D 66 7.20 -36.18 14.26
CA ALA D 66 6.71 -36.91 15.43
C ALA D 66 7.72 -36.91 16.60
N ARG D 67 9.00 -37.08 16.28
CA ARG D 67 10.05 -37.04 17.31
C ARG D 67 10.13 -35.66 17.99
N LEU D 68 9.75 -34.63 17.26
CA LEU D 68 9.78 -33.29 17.81
C LEU D 68 8.47 -32.93 18.50
N GLY D 69 7.50 -33.84 18.48
CA GLY D 69 6.25 -33.62 19.18
C GLY D 69 5.09 -33.20 18.29
N GLY D 70 5.37 -32.97 17.01
CA GLY D 70 4.34 -32.64 16.05
C GLY D 70 3.92 -33.88 15.27
N ILE D 71 3.56 -33.70 14.01
CA ILE D 71 3.08 -34.83 13.21
C ILE D 71 3.20 -34.56 11.71
N GLY D 72 3.42 -35.62 10.94
CA GLY D 72 3.50 -35.50 9.49
C GLY D 72 2.35 -36.19 8.78
N ILE D 73 1.85 -35.57 7.72
CA ILE D 73 0.81 -36.19 6.90
C ILE D 73 1.38 -36.71 5.59
N ILE D 74 1.42 -38.04 5.45
CA ILE D 74 1.92 -38.65 4.22
C ILE D 74 0.99 -38.28 3.06
N HIS D 75 1.57 -37.73 2.00
CA HIS D 75 0.78 -37.31 0.84
C HIS D 75 0.15 -38.52 0.12
N LYS D 76 -0.82 -38.24 -0.74
CA LYS D 76 -1.57 -39.28 -1.42
C LYS D 76 -1.14 -39.40 -2.88
N ASN D 77 -0.01 -38.79 -3.24
CA ASN D 77 0.46 -38.88 -4.62
C ASN D 77 1.32 -40.12 -4.81
N MET D 78 0.69 -41.27 -4.61
CA MET D 78 1.33 -42.57 -4.72
C MET D 78 0.24 -43.62 -4.57
N ASP D 79 0.56 -44.86 -4.90
CA ASP D 79 -0.40 -45.94 -4.80
C ASP D 79 -0.68 -46.25 -3.34
N MET D 80 -1.81 -46.91 -3.08
CA MET D 80 -2.24 -47.27 -1.74
C MET D 80 -1.17 -48.07 -0.98
N GLU D 81 -0.55 -49.01 -1.68
CA GLU D 81 0.50 -49.85 -1.08
C GLU D 81 1.70 -49.03 -0.62
N SER D 82 2.19 -48.14 -1.48
CA SER D 82 3.32 -47.29 -1.14
C SER D 82 3.00 -46.33 0.00
N GLN D 83 1.76 -45.87 0.07
CA GLN D 83 1.32 -45.02 1.18
C GLN D 83 1.22 -45.79 2.49
N VAL D 84 0.71 -47.01 2.43
CA VAL D 84 0.64 -47.87 3.61
C VAL D 84 2.04 -48.18 4.14
N ASN D 85 2.97 -48.49 3.24
CA ASN D 85 4.36 -48.74 3.63
C ASN D 85 5.03 -47.52 4.30
N GLU D 86 4.67 -46.32 3.88
CA GLU D 86 5.22 -45.11 4.50
C GLU D 86 4.73 -45.00 5.94
N VAL D 87 3.44 -45.26 6.13
CA VAL D 87 2.83 -45.28 7.47
C VAL D 87 3.50 -46.32 8.37
N LEU D 88 3.69 -47.53 7.83
CA LEU D 88 4.31 -48.61 8.59
C LEU D 88 5.75 -48.28 8.96
N LYS D 89 6.46 -47.60 8.08
CA LYS D 89 7.83 -47.16 8.37
C LYS D 89 7.89 -46.23 9.58
N VAL D 90 6.86 -45.42 9.76
CA VAL D 90 6.81 -44.49 10.88
C VAL D 90 6.40 -45.22 12.16
N LYS D 91 5.41 -46.11 12.04
CA LYS D 91 4.96 -46.91 13.18
C LYS D 91 6.04 -47.86 13.66
N ASN D 92 6.90 -48.31 12.75
CA ASN D 92 7.98 -49.23 13.10
C ASN D 92 9.21 -48.52 13.65
N SER D 93 9.16 -47.18 13.66
CA SER D 93 10.24 -46.38 14.23
C SER D 93 9.88 -45.91 15.63
N GLY D 94 9.18 -46.77 16.37
CA GLY D 94 8.75 -46.46 17.71
C GLY D 94 7.27 -46.14 17.77
N GLY D 95 6.77 -45.86 18.96
CA GLY D 95 5.39 -45.43 19.11
C GLY D 95 5.23 -43.98 18.68
N LEU D 96 5.18 -43.76 17.37
CA LEU D 96 5.11 -42.40 16.83
C LEU D 96 3.82 -42.17 16.06
N ARG D 97 3.13 -41.07 16.36
N ARG D 97 3.15 -41.06 16.36
CA ARG D 97 1.91 -40.73 15.63
CA ARG D 97 1.95 -40.66 15.61
C ARG D 97 2.23 -40.31 14.20
C ARG D 97 2.29 -40.44 14.16
N VAL D 98 1.29 -40.56 13.30
CA VAL D 98 1.44 -40.25 11.88
C VAL D 98 0.04 -40.10 11.28
N GLY D 99 -0.06 -39.29 10.22
CA GLY D 99 -1.31 -39.15 9.50
C GLY D 99 -1.09 -39.43 8.03
N ALA D 100 -2.18 -39.47 7.27
CA ALA D 100 -2.13 -39.71 5.83
C ALA D 100 -3.31 -39.02 5.15
N ALA D 101 -3.08 -38.57 3.91
CA ALA D 101 -4.12 -37.85 3.16
C ALA D 101 -4.84 -38.78 2.20
N ILE D 102 -6.14 -38.57 2.06
CA ILE D 102 -6.91 -39.21 1.01
C ILE D 102 -7.72 -38.16 0.28
N GLY D 103 -8.17 -38.51 -0.92
CA GLY D 103 -9.06 -37.65 -1.68
C GLY D 103 -10.49 -38.12 -1.54
N VAL D 104 -11.39 -37.40 -2.20
CA VAL D 104 -12.80 -37.71 -2.18
C VAL D 104 -13.07 -39.13 -2.73
N ASN D 105 -14.04 -39.82 -2.14
CA ASN D 105 -14.39 -41.19 -2.54
C ASN D 105 -13.30 -42.26 -2.35
N GLU D 106 -12.20 -41.91 -1.68
CA GLU D 106 -11.12 -42.87 -1.51
C GLU D 106 -11.30 -43.74 -0.27
N ILE D 107 -12.44 -44.41 -0.19
CA ILE D 107 -12.78 -45.22 0.98
C ILE D 107 -11.84 -46.42 1.15
N GLU D 108 -11.41 -47.01 0.04
CA GLU D 108 -10.55 -48.19 0.09
C GLU D 108 -9.18 -47.82 0.63
N ARG D 109 -8.64 -46.71 0.14
CA ARG D 109 -7.38 -46.19 0.64
C ARG D 109 -7.51 -45.91 2.14
N ALA D 110 -8.59 -45.22 2.52
CA ALA D 110 -8.83 -44.91 3.92
C ALA D 110 -8.81 -46.15 4.81
N LYS D 111 -9.55 -47.19 4.41
CA LYS D 111 -9.60 -48.44 5.18
C LYS D 111 -8.20 -49.03 5.38
N LEU D 112 -7.46 -49.17 4.29
CA LEU D 112 -6.10 -49.71 4.35
C LEU D 112 -5.17 -48.87 5.21
N LEU D 113 -5.27 -47.54 5.13
CA LEU D 113 -4.46 -46.69 5.97
C LEU D 113 -4.77 -46.95 7.45
N VAL D 114 -6.05 -47.03 7.79
CA VAL D 114 -6.49 -47.28 9.16
C VAL D 114 -6.01 -48.64 9.66
N GLU D 115 -6.04 -49.63 8.78
CA GLU D 115 -5.53 -50.97 9.13
C GLU D 115 -4.04 -50.90 9.45
N ALA D 116 -3.33 -49.96 8.84
CA ALA D 116 -1.88 -49.89 8.99
C ALA D 116 -1.47 -49.09 10.23
N GLY D 117 -2.44 -48.66 11.02
CA GLY D 117 -2.14 -47.96 12.26
C GLY D 117 -2.04 -46.44 12.17
N VAL D 118 -2.56 -45.86 11.11
CA VAL D 118 -2.56 -44.41 10.97
C VAL D 118 -3.39 -43.76 12.10
N ASP D 119 -2.95 -42.62 12.58
CA ASP D 119 -3.61 -42.00 13.73
C ASP D 119 -4.73 -41.06 13.32
N VAL D 120 -4.58 -40.47 12.12
CA VAL D 120 -5.58 -39.56 11.61
C VAL D 120 -5.66 -39.66 10.09
N ILE D 121 -6.87 -39.55 9.56
CA ILE D 121 -7.03 -39.42 8.12
C ILE D 121 -7.34 -37.96 7.81
N VAL D 122 -6.60 -37.39 6.86
CA VAL D 122 -6.88 -36.05 6.39
C VAL D 122 -7.59 -36.14 5.05
N LEU D 123 -8.88 -35.87 5.07
CA LEU D 123 -9.70 -35.90 3.87
C LEU D 123 -9.64 -34.51 3.28
N ASP D 124 -8.86 -34.34 2.23
CA ASP D 124 -8.67 -33.01 1.71
C ASP D 124 -9.06 -32.79 0.28
N SER D 125 -9.42 -31.54 0.01
CA SER D 125 -9.91 -31.12 -1.28
C SER D 125 -9.69 -29.61 -1.40
N ALA D 126 -9.57 -29.14 -2.63
CA ALA D 126 -9.47 -27.70 -2.86
C ALA D 126 -10.71 -27.02 -2.27
N HIS D 127 -11.84 -27.74 -2.28
CA HIS D 127 -13.08 -27.14 -1.85
C HIS D 127 -13.81 -28.06 -0.89
N GLY D 128 -13.41 -27.98 0.38
CA GLY D 128 -13.95 -28.83 1.44
C GLY D 128 -15.46 -28.76 1.56
N HIS D 129 -16.04 -27.59 1.30
CA HIS D 129 -17.47 -27.42 1.48
C HIS D 129 -18.27 -27.89 0.26
N SER D 130 -18.25 -29.20 0.03
CA SER D 130 -18.91 -29.75 -1.14
C SER D 130 -19.63 -31.07 -0.82
N LEU D 131 -20.64 -31.37 -1.62
CA LEU D 131 -21.45 -32.59 -1.48
C LEU D 131 -20.60 -33.87 -1.49
N ASN D 132 -19.68 -33.98 -2.44
CA ASN D 132 -18.84 -35.17 -2.55
C ASN D 132 -17.96 -35.39 -1.32
N ILE D 133 -17.52 -34.30 -0.70
CA ILE D 133 -16.68 -34.39 0.47
C ILE D 133 -17.47 -34.85 1.68
N ILE D 134 -18.64 -34.26 1.89
CA ILE D 134 -19.52 -34.63 3.00
C ILE D 134 -19.91 -36.10 2.91
N ARG D 135 -20.19 -36.57 1.70
CA ARG D 135 -20.54 -37.98 1.49
C ARG D 135 -19.38 -38.89 1.85
N THR D 136 -18.19 -38.54 1.39
CA THR D 136 -17.01 -39.36 1.68
C THR D 136 -16.79 -39.40 3.18
N LEU D 137 -16.95 -38.26 3.83
CA LEU D 137 -16.82 -38.15 5.28
C LEU D 137 -17.80 -39.08 5.98
N LYS D 138 -19.06 -39.08 5.53
CA LYS D 138 -20.08 -39.89 6.18
C LYS D 138 -19.81 -41.37 5.99
N GLU D 139 -19.35 -41.73 4.79
CA GLU D 139 -19.03 -43.11 4.45
C GLU D 139 -17.89 -43.64 5.33
N ILE D 140 -16.83 -42.86 5.46
CA ILE D 140 -15.71 -43.21 6.34
C ILE D 140 -16.14 -43.39 7.80
N LYS D 141 -16.89 -42.42 8.31
CA LYS D 141 -17.27 -42.45 9.72
C LYS D 141 -18.12 -43.67 10.07
N SER D 142 -18.94 -44.13 9.12
CA SER D 142 -19.81 -45.28 9.35
C SER D 142 -19.11 -46.62 9.09
N LYS D 143 -18.00 -46.59 8.37
CA LYS D 143 -17.36 -47.84 7.95
C LYS D 143 -16.03 -48.16 8.65
N MET D 144 -15.49 -47.22 9.42
CA MET D 144 -14.26 -47.48 10.15
C MET D 144 -14.12 -46.52 11.32
N ASN D 145 -13.35 -46.91 12.32
CA ASN D 145 -13.18 -46.09 13.51
C ASN D 145 -11.89 -45.27 13.48
N ILE D 146 -11.99 -44.01 13.08
CA ILE D 146 -10.82 -43.15 13.09
C ILE D 146 -11.17 -41.66 13.09
N ASP D 147 -10.24 -40.85 13.57
CA ASP D 147 -10.39 -39.41 13.52
C ASP D 147 -10.18 -38.90 12.10
N VAL D 148 -11.14 -38.14 11.60
CA VAL D 148 -10.99 -37.52 10.29
C VAL D 148 -10.92 -35.99 10.37
N ILE D 149 -9.82 -35.44 9.85
CA ILE D 149 -9.68 -34.00 9.61
C ILE D 149 -10.18 -33.73 8.20
N VAL D 150 -11.08 -32.76 8.05
CA VAL D 150 -11.58 -32.37 6.73
C VAL D 150 -11.22 -30.93 6.35
N GLY D 151 -10.87 -30.74 5.07
CA GLY D 151 -10.54 -29.43 4.54
C GLY D 151 -10.67 -29.45 3.03
N ASN D 152 -10.41 -28.31 2.39
CA ASN D 152 -10.10 -27.06 3.08
C ASN D 152 -11.29 -26.10 3.03
N VAL D 153 -11.51 -25.39 4.13
CA VAL D 153 -12.64 -24.47 4.19
C VAL D 153 -12.25 -23.10 4.73
N VAL D 154 -13.13 -22.11 4.55
CA VAL D 154 -12.87 -20.76 5.05
C VAL D 154 -14.13 -20.10 5.63
N THR D 155 -15.22 -20.84 5.75
CA THR D 155 -16.46 -20.21 6.22
C THR D 155 -17.08 -20.91 7.43
N GLU D 156 -17.86 -20.14 8.20
CA GLU D 156 -18.61 -20.68 9.33
C GLU D 156 -19.61 -21.75 8.90
N GLU D 157 -20.32 -21.50 7.79
CA GLU D 157 -21.29 -22.49 7.30
C GLU D 157 -20.62 -23.81 6.90
N ALA D 158 -19.46 -23.73 6.25
CA ALA D 158 -18.69 -24.93 5.90
C ALA D 158 -18.24 -25.66 7.16
N THR D 159 -17.79 -24.90 8.14
CA THR D 159 -17.29 -25.49 9.38
C THR D 159 -18.41 -26.21 10.09
N LYS D 160 -19.56 -25.54 10.17
CA LYS D 160 -20.70 -26.09 10.88
C LYS D 160 -21.21 -27.38 10.24
N GLU D 161 -21.28 -27.40 8.92
CA GLU D 161 -21.79 -28.56 8.24
C GLU D 161 -20.86 -29.77 8.32
N LEU D 162 -19.55 -29.54 8.21
CA LEU D 162 -18.59 -30.63 8.33
C LEU D 162 -18.62 -31.25 9.72
N ILE D 163 -18.64 -30.40 10.74
CA ILE D 163 -18.74 -30.87 12.11
C ILE D 163 -20.02 -31.68 12.31
N GLU D 164 -21.14 -31.20 11.77
CA GLU D 164 -22.41 -31.93 11.85
C GLU D 164 -22.31 -33.30 11.19
N ASN D 165 -21.48 -33.42 10.17
CA ASN D 165 -21.34 -34.70 9.51
C ASN D 165 -20.21 -35.61 10.02
N GLY D 166 -19.53 -35.21 11.10
CA GLY D 166 -18.60 -36.11 11.76
C GLY D 166 -17.14 -35.70 11.80
N ALA D 167 -16.82 -34.51 11.27
CA ALA D 167 -15.43 -34.04 11.26
C ALA D 167 -14.82 -34.01 12.67
N ASP D 168 -13.62 -34.57 12.80
CA ASP D 168 -12.92 -34.54 14.10
C ASP D 168 -11.89 -33.42 14.16
N GLY D 169 -11.69 -32.75 13.02
CA GLY D 169 -10.83 -31.59 12.90
C GLY D 169 -11.24 -30.88 11.62
N ILE D 170 -10.93 -29.58 11.53
CA ILE D 170 -11.30 -28.74 10.39
C ILE D 170 -10.07 -27.98 9.91
N LYS D 171 -9.71 -28.19 8.65
CA LYS D 171 -8.52 -27.57 8.08
C LYS D 171 -8.89 -26.33 7.27
N VAL D 172 -8.31 -25.20 7.66
CA VAL D 172 -8.69 -23.92 7.12
C VAL D 172 -7.64 -23.32 6.19
N GLY D 173 -8.06 -22.93 4.99
CA GLY D 173 -7.17 -22.23 4.09
C GLY D 173 -7.46 -22.40 2.62
N ILE D 174 -7.97 -21.33 1.99
CA ILE D 174 -8.15 -21.29 0.55
C ILE D 174 -7.48 -20.02 0.02
N GLY D 175 -6.39 -20.20 -0.74
CA GLY D 175 -5.60 -19.09 -1.20
C GLY D 175 -4.29 -18.65 -0.52
N PRO D 176 -4.05 -19.02 0.77
CA PRO D 176 -2.86 -18.38 1.36
C PRO D 176 -1.54 -19.10 1.07
N GLY D 177 -1.55 -20.32 0.56
CA GLY D 177 -0.32 -21.06 0.31
C GLY D 177 0.73 -20.29 -0.49
N SER D 178 2.00 -20.46 -0.15
CA SER D 178 3.09 -19.86 -0.93
C SER D 178 3.12 -20.27 -2.40
N ILE D 179 2.70 -21.50 -2.73
CA ILE D 179 2.71 -21.95 -4.12
C ILE D 179 1.33 -21.94 -4.76
N CYS D 180 0.36 -21.38 -4.05
CA CYS D 180 -1.03 -21.41 -4.48
C CYS D 180 -1.36 -20.24 -5.42
N THR D 181 -2.10 -20.51 -6.49
CA THR D 181 -2.52 -19.48 -7.43
C THR D 181 -4.04 -19.44 -7.59
N THR D 182 -4.74 -20.11 -6.67
CA THR D 182 -6.20 -20.11 -6.63
C THR D 182 -6.80 -18.70 -6.64
N ARG D 183 -6.19 -17.79 -5.91
CA ARG D 183 -6.70 -16.41 -5.86
C ARG D 183 -6.57 -15.70 -7.21
N ILE D 184 -5.64 -16.18 -8.03
CA ILE D 184 -5.33 -15.55 -9.31
C ILE D 184 -6.04 -16.26 -10.48
N VAL D 185 -6.10 -17.59 -10.41
CA VAL D 185 -6.73 -18.39 -11.46
C VAL D 185 -8.26 -18.37 -11.33
N ALA D 186 -8.74 -18.46 -10.09
CA ALA D 186 -10.17 -18.52 -9.84
C ALA D 186 -10.73 -17.25 -9.19
N GLY D 187 -9.86 -16.47 -8.54
CA GLY D 187 -10.30 -15.21 -7.96
C GLY D 187 -10.98 -15.41 -6.62
N VAL D 188 -10.75 -16.59 -6.06
CA VAL D 188 -11.41 -17.05 -4.86
C VAL D 188 -10.42 -17.15 -3.68
N GLY D 189 -10.88 -16.79 -2.49
CA GLY D 189 -10.10 -17.03 -1.28
C GLY D 189 -10.61 -16.19 -0.13
N VAL D 190 -10.10 -16.48 1.06
CA VAL D 190 -10.32 -15.60 2.21
C VAL D 190 -8.99 -15.42 2.92
N PRO D 191 -8.60 -14.16 3.20
CA PRO D 191 -7.39 -13.88 3.98
C PRO D 191 -7.36 -14.70 5.26
N GLN D 192 -6.20 -15.28 5.55
CA GLN D 192 -6.13 -16.38 6.51
C GLN D 192 -6.50 -16.02 7.95
N ILE D 193 -6.20 -14.82 8.42
CA ILE D 193 -6.56 -14.48 9.79
C ILE D 193 -8.08 -14.46 9.93
N THR D 194 -8.74 -13.79 9.01
CA THR D 194 -10.21 -13.75 8.99
C THR D 194 -10.82 -15.15 8.89
N ALA D 195 -10.22 -16.03 8.11
CA ALA D 195 -10.79 -17.35 7.91
C ALA D 195 -10.68 -18.21 9.20
N ILE D 196 -9.55 -18.10 9.90
CA ILE D 196 -9.38 -18.82 11.18
C ILE D 196 -10.40 -18.33 12.20
N GLU D 197 -10.56 -17.02 12.29
CA GLU D 197 -11.54 -16.40 13.17
C GLU D 197 -12.96 -16.90 12.93
N LYS D 198 -13.38 -16.90 11.65
CA LYS D 198 -14.73 -17.31 11.30
C LYS D 198 -14.97 -18.80 11.62
N CYS D 199 -14.02 -19.65 11.23
CA CYS D 199 -14.17 -21.08 11.49
C CYS D 199 -14.06 -21.43 12.98
N SER D 200 -13.14 -20.78 13.70
CA SER D 200 -13.01 -20.97 15.16
C SER D 200 -14.28 -20.62 15.89
N SER D 201 -15.00 -19.62 15.39
CA SER D 201 -16.21 -19.14 16.06
C SER D 201 -17.28 -20.23 16.13
N VAL D 202 -17.25 -21.14 15.16
CA VAL D 202 -18.16 -22.29 15.17
C VAL D 202 -17.53 -23.48 15.87
N ALA D 203 -16.32 -23.83 15.45
CA ALA D 203 -15.65 -25.04 15.86
C ALA D 203 -15.36 -25.13 17.36
N SER D 204 -14.94 -24.02 17.96
CA SER D 204 -14.47 -24.06 19.34
C SER D 204 -15.60 -24.45 20.29
N LYS D 205 -16.81 -24.01 20.00
CA LYS D 205 -17.91 -24.35 20.90
C LYS D 205 -18.32 -25.83 20.83
N PHE D 206 -17.79 -26.57 19.86
CA PHE D 206 -18.01 -28.03 19.79
C PHE D 206 -16.76 -28.82 20.16
N GLY D 207 -15.70 -28.12 20.57
CA GLY D 207 -14.47 -28.76 20.96
C GLY D 207 -13.66 -29.30 19.79
N ILE D 208 -13.92 -28.79 18.59
CA ILE D 208 -13.26 -29.28 17.38
C ILE D 208 -12.08 -28.39 16.97
N PRO D 209 -10.88 -28.96 16.90
CA PRO D 209 -9.66 -28.20 16.59
C PRO D 209 -9.66 -27.65 15.16
N ILE D 210 -9.17 -26.41 15.00
CA ILE D 210 -8.90 -25.82 13.70
C ILE D 210 -7.41 -25.99 13.37
N ILE D 211 -7.13 -26.56 12.20
CA ILE D 211 -5.77 -26.54 11.65
C ILE D 211 -5.63 -25.35 10.67
N ALA D 212 -4.71 -24.45 10.97
CA ALA D 212 -4.44 -23.34 10.06
C ALA D 212 -3.45 -23.75 8.99
N ASP D 213 -3.93 -23.87 7.76
CA ASP D 213 -3.13 -24.45 6.71
C ASP D 213 -2.75 -23.44 5.63
N GLY D 214 -1.47 -23.11 5.55
CA GLY D 214 -0.96 -22.31 4.45
C GLY D 214 -0.56 -20.89 4.84
N GLY D 215 0.46 -20.38 4.16
CA GLY D 215 0.85 -18.99 4.30
C GLY D 215 1.71 -18.69 5.51
N ILE D 216 2.15 -19.71 6.26
CA ILE D 216 3.11 -19.48 7.32
C ILE D 216 4.48 -19.18 6.70
N ARG D 217 5.00 -17.98 6.95
CA ARG D 217 6.31 -17.59 6.43
C ARG D 217 7.37 -17.48 7.53
N TYR D 218 6.95 -17.01 8.70
CA TYR D 218 7.85 -16.78 9.81
C TYR D 218 7.22 -17.33 11.06
N SER D 219 8.04 -17.52 12.10
CA SER D 219 7.55 -18.07 13.36
C SER D 219 6.44 -17.18 13.95
N GLY D 220 6.55 -15.87 13.76
CA GLY D 220 5.53 -14.94 14.24
C GLY D 220 4.13 -15.23 13.71
N ASP D 221 4.05 -15.79 12.51
CA ASP D 221 2.75 -16.18 11.92
C ASP D 221 2.09 -17.34 12.67
N ILE D 222 2.90 -18.22 13.24
CA ILE D 222 2.33 -19.35 13.98
C ILE D 222 1.58 -18.82 15.20
N GLY D 223 2.21 -17.89 15.93
CA GLY D 223 1.61 -17.30 17.10
C GLY D 223 0.29 -16.64 16.74
N LYS D 224 0.30 -15.89 15.64
CA LYS D 224 -0.89 -15.19 15.19
C LYS D 224 -2.02 -16.17 14.87
N ALA D 225 -1.69 -17.21 14.13
CA ALA D 225 -2.68 -18.23 13.74
C ALA D 225 -3.32 -18.89 14.96
N LEU D 226 -2.49 -19.30 15.93
CA LEU D 226 -3.01 -19.90 17.15
C LEU D 226 -3.79 -18.88 18.00
N ALA D 227 -3.28 -17.66 18.10
CA ALA D 227 -3.91 -16.61 18.90
C ALA D 227 -5.34 -16.31 18.52
N VAL D 228 -5.65 -16.38 17.22
CA VAL D 228 -7.00 -16.05 16.80
C VAL D 228 -7.92 -17.28 16.73
N GLY D 229 -7.41 -18.45 17.11
CA GLY D 229 -8.27 -19.60 17.29
C GLY D 229 -7.84 -20.96 16.76
N ALA D 230 -6.73 -21.01 16.05
CA ALA D 230 -6.21 -22.29 15.56
C ALA D 230 -5.61 -23.13 16.70
N SER D 231 -5.73 -24.46 16.60
CA SER D 231 -5.08 -25.38 17.53
C SER D 231 -3.72 -25.82 17.01
N SER D 232 -3.53 -25.71 15.69
CA SER D 232 -2.25 -26.06 15.08
C SER D 232 -2.15 -25.45 13.69
N VAL D 233 -0.95 -25.51 13.11
CA VAL D 233 -0.74 -24.94 11.80
C VAL D 233 -0.06 -25.98 10.94
N MET D 234 -0.38 -25.96 9.66
CA MET D 234 0.23 -26.90 8.74
C MET D 234 1.19 -26.11 7.86
N ILE D 235 2.38 -26.67 7.66
CA ILE D 235 3.48 -25.91 7.06
C ILE D 235 4.09 -26.67 5.89
N GLY D 236 4.28 -25.99 4.77
CA GLY D 236 4.85 -26.61 3.60
C GLY D 236 6.21 -26.07 3.21
N SER D 237 6.24 -24.82 2.71
CA SER D 237 7.46 -24.24 2.15
C SER D 237 8.63 -24.20 3.13
N ILE D 238 8.33 -23.91 4.38
CA ILE D 238 9.38 -23.78 5.39
C ILE D 238 10.13 -25.11 5.58
N LEU D 239 9.40 -26.22 5.43
CA LEU D 239 9.96 -27.55 5.61
C LEU D 239 10.46 -28.21 4.32
N ALA D 240 9.95 -27.76 3.17
CA ALA D 240 10.34 -28.32 1.88
C ALA D 240 11.82 -28.12 1.59
N GLY D 241 12.42 -27.12 2.23
CA GLY D 241 13.84 -26.85 2.05
C GLY D 241 14.76 -27.70 2.91
N THR D 242 14.19 -28.52 3.79
CA THR D 242 15.01 -29.28 4.73
C THR D 242 15.49 -30.62 4.17
N GLU D 243 16.46 -31.20 4.87
CA GLU D 243 17.10 -32.44 4.44
C GLU D 243 16.11 -33.62 4.34
N GLU D 244 15.06 -33.59 5.17
CA GLU D 244 14.17 -34.73 5.29
C GLU D 244 12.96 -34.71 4.36
N SER D 245 12.85 -33.68 3.52
CA SER D 245 11.77 -33.63 2.55
C SER D 245 12.16 -34.45 1.32
N PRO D 246 11.16 -34.99 0.61
CA PRO D 246 11.43 -35.87 -0.54
C PRO D 246 11.84 -35.13 -1.82
N GLY D 247 11.80 -33.81 -1.83
CA GLY D 247 12.17 -33.04 -3.00
C GLY D 247 13.58 -33.27 -3.52
N GLU D 248 13.76 -33.00 -4.81
CA GLU D 248 15.07 -33.12 -5.46
C GLU D 248 15.89 -31.84 -5.26
N LYS D 249 17.21 -31.96 -5.36
CA LYS D 249 18.12 -30.84 -5.10
C LYS D 249 18.77 -30.34 -6.39
N GLU D 250 18.73 -29.03 -6.62
CA GLU D 250 19.31 -28.47 -7.83
C GLU D 250 20.17 -27.26 -7.53
N LEU D 251 21.34 -27.19 -8.14
CA LEU D 251 22.22 -26.04 -7.95
C LEU D 251 21.90 -24.90 -8.93
N ILE D 252 21.24 -23.87 -8.42
CA ILE D 252 20.96 -22.67 -9.21
C ILE D 252 21.99 -21.58 -8.90
N GLY D 253 22.92 -21.38 -9.83
CA GLY D 253 24.00 -20.44 -9.62
C GLY D 253 25.02 -21.01 -8.64
N ASP D 254 25.05 -20.45 -7.44
CA ASP D 254 26.02 -20.88 -6.42
C ASP D 254 25.33 -21.52 -5.21
N THR D 255 24.02 -21.34 -5.11
CA THR D 255 23.27 -21.89 -3.99
C THR D 255 22.40 -23.07 -4.39
N VAL D 256 22.24 -24.01 -3.47
CA VAL D 256 21.43 -25.19 -3.74
C VAL D 256 19.97 -24.97 -3.31
N TYR D 257 19.05 -25.40 -4.17
CA TYR D 257 17.62 -25.27 -3.91
C TYR D 257 16.97 -26.63 -3.89
N LYS D 258 15.88 -26.74 -3.16
CA LYS D 258 15.04 -27.93 -3.19
C LYS D 258 13.81 -27.59 -4.03
N TYR D 259 13.32 -28.56 -4.79
CA TYR D 259 12.09 -28.37 -5.53
C TYR D 259 10.91 -28.35 -4.58
N TYR D 260 9.95 -27.47 -4.85
CA TYR D 260 8.74 -27.36 -4.05
C TYR D 260 7.60 -26.96 -4.97
N ARG D 261 6.57 -27.79 -5.04
CA ARG D 261 5.51 -27.57 -6.00
C ARG D 261 4.15 -27.83 -5.39
N GLY D 262 3.15 -27.06 -5.83
CA GLY D 262 1.80 -27.27 -5.37
C GLY D 262 1.31 -28.60 -5.90
N MET D 263 0.38 -29.21 -5.19
CA MET D 263 -0.19 -30.46 -5.62
C MET D 263 -1.21 -30.22 -6.72
N GLY D 264 -1.48 -28.94 -6.99
CA GLY D 264 -2.33 -28.56 -8.11
C GLY D 264 -1.54 -27.91 -9.23
N SER D 265 -0.24 -28.22 -9.28
CA SER D 265 0.62 -27.76 -10.36
C SER D 265 0.59 -28.77 -11.49
N VAL D 266 1.00 -28.35 -12.68
CA VAL D 266 0.99 -29.23 -13.84
C VAL D 266 1.85 -30.49 -13.66
N GLY D 267 2.99 -30.35 -12.99
CA GLY D 267 3.88 -31.47 -12.74
C GLY D 267 3.31 -32.46 -11.75
N ALA D 268 2.80 -31.94 -10.64
CA ALA D 268 2.16 -32.78 -9.63
C ALA D 268 0.90 -33.45 -10.18
N MET D 269 0.26 -32.81 -11.15
CA MET D 269 -0.95 -33.35 -11.75
C MET D 269 -0.64 -34.42 -12.81
N LYS D 270 0.52 -34.34 -13.44
CA LYS D 270 0.93 -35.34 -14.43
C LYS D 270 1.28 -36.67 -13.76
N SER D 271 1.88 -36.59 -12.57
CA SER D 271 2.27 -37.78 -11.83
C SER D 271 1.20 -38.22 -10.85
N MET D 287 -8.77 -30.01 -15.65
CA MET D 287 -8.59 -28.87 -14.74
C MET D 287 -7.32 -28.08 -15.05
N VAL D 288 -7.45 -26.76 -14.98
CA VAL D 288 -6.33 -25.84 -15.16
C VAL D 288 -5.57 -25.73 -13.82
N PRO D 289 -4.23 -25.61 -13.86
CA PRO D 289 -3.47 -25.62 -12.60
C PRO D 289 -3.77 -24.45 -11.67
N GLU D 290 -3.70 -24.71 -10.37
CA GLU D 290 -3.89 -23.69 -9.36
C GLU D 290 -2.72 -23.67 -8.39
N GLY D 291 -1.57 -24.13 -8.87
CA GLY D 291 -0.35 -24.12 -8.08
C GLY D 291 0.83 -24.07 -9.02
N ILE D 292 1.98 -23.64 -8.52
CA ILE D 292 3.16 -23.54 -9.38
C ILE D 292 4.26 -24.51 -8.97
N GLU D 293 5.23 -24.66 -9.85
CA GLU D 293 6.42 -25.44 -9.56
C GLU D 293 7.56 -24.48 -9.23
N GLY D 294 8.03 -24.53 -7.99
CA GLY D 294 9.03 -23.58 -7.54
C GLY D 294 10.25 -24.19 -6.89
N ARG D 295 11.15 -23.31 -6.46
CA ARG D 295 12.37 -23.70 -5.77
C ARG D 295 12.43 -22.96 -4.44
N VAL D 296 12.93 -23.62 -3.41
CA VAL D 296 13.25 -22.94 -2.16
C VAL D 296 14.69 -23.26 -1.78
N LYS D 297 15.34 -22.32 -1.09
CA LYS D 297 16.71 -22.51 -0.63
C LYS D 297 16.82 -23.67 0.32
N TYR D 298 17.87 -24.46 0.17
CA TYR D 298 18.16 -25.56 1.05
C TYR D 298 18.45 -25.06 2.47
N LYS D 299 17.96 -25.77 3.48
CA LYS D 299 18.05 -25.31 4.86
C LYS D 299 18.66 -26.34 5.82
N GLY D 300 19.04 -27.50 5.29
CA GLY D 300 19.64 -28.54 6.10
C GLY D 300 18.64 -29.22 7.04
N GLU D 301 19.13 -29.69 8.17
CA GLU D 301 18.33 -30.45 9.12
C GLU D 301 17.05 -29.73 9.54
N MET D 302 15.93 -30.45 9.50
CA MET D 302 14.65 -29.87 9.89
C MET D 302 14.61 -29.55 11.38
N GLU D 303 15.41 -30.26 12.17
CA GLU D 303 15.44 -30.08 13.62
C GLU D 303 15.72 -28.64 14.02
N GLY D 304 16.72 -28.04 13.38
CA GLY D 304 17.08 -26.66 13.63
C GLY D 304 16.02 -25.69 13.15
N VAL D 305 15.41 -26.01 12.01
CA VAL D 305 14.33 -25.19 11.45
C VAL D 305 13.16 -25.17 12.43
N VAL D 306 12.80 -26.34 12.94
CA VAL D 306 11.65 -26.47 13.83
C VAL D 306 11.92 -25.84 15.19
N TYR D 307 13.16 -25.97 15.66
CA TYR D 307 13.60 -25.31 16.89
C TYR D 307 13.35 -23.79 16.83
N GLN D 308 13.72 -23.15 15.72
N GLN D 308 13.72 -23.17 15.72
CA GLN D 308 13.49 -21.72 15.59
CA GLN D 308 13.51 -21.73 15.56
C GLN D 308 12.01 -21.41 15.62
C GLN D 308 12.03 -21.38 15.55
N LEU D 309 11.21 -22.25 14.97
CA LEU D 309 9.77 -22.01 14.90
C LEU D 309 9.12 -22.10 16.27
N VAL D 310 9.44 -23.18 16.98
CA VAL D 310 8.99 -23.37 18.36
C VAL D 310 9.53 -22.24 19.26
N GLY D 311 10.78 -21.85 19.05
CA GLY D 311 11.36 -20.71 19.77
C GLY D 311 10.56 -19.43 19.62
N GLY D 312 10.17 -19.08 18.39
CA GLY D 312 9.44 -17.85 18.15
C GLY D 312 8.06 -17.88 18.79
N LEU D 313 7.44 -19.04 18.78
CA LEU D 313 6.10 -19.18 19.35
C LEU D 313 6.12 -19.08 20.89
N ARG D 314 7.15 -19.64 21.51
CA ARG D 314 7.33 -19.51 22.96
C ARG D 314 7.53 -18.04 23.33
N SER D 315 8.35 -17.37 22.53
CA SER D 315 8.59 -15.95 22.74
C SER D 315 7.27 -15.18 22.67
N CYS D 316 6.47 -15.50 21.64
CA CYS D 316 5.15 -14.90 21.47
C CYS D 316 4.23 -15.12 22.68
N MET D 317 4.17 -16.36 23.16
CA MET D 317 3.33 -16.65 24.32
C MET D 317 3.81 -16.01 25.62
N GLY D 318 5.13 -15.84 25.75
CA GLY D 318 5.69 -15.07 26.86
C GLY D 318 5.25 -13.61 26.84
N TYR D 319 5.31 -12.97 25.67
CA TYR D 319 4.85 -11.59 25.52
C TYR D 319 3.38 -11.46 25.88
N LEU D 320 2.62 -12.49 25.58
CA LEU D 320 1.18 -12.49 25.81
C LEU D 320 0.74 -13.11 27.16
N GLY D 321 1.70 -13.40 28.02
CA GLY D 321 1.44 -13.95 29.34
C GLY D 321 0.58 -15.20 29.34
N SER D 322 0.76 -16.03 28.32
CA SER D 322 -0.08 -17.22 28.14
C SER D 322 0.72 -18.51 28.29
N ALA D 323 0.38 -19.29 29.31
CA ALA D 323 1.12 -20.51 29.63
C ALA D 323 0.65 -21.73 28.84
N SER D 324 -0.36 -21.55 27.99
CA SER D 324 -0.90 -22.60 27.17
C SER D 324 -1.72 -21.98 26.03
N ILE D 325 -2.03 -22.78 25.01
CA ILE D 325 -2.76 -22.30 23.87
C ILE D 325 -4.19 -21.88 24.24
N GLU D 326 -4.83 -22.65 25.10
CA GLU D 326 -6.15 -22.29 25.61
C GLU D 326 -6.15 -20.91 26.26
N GLU D 327 -5.12 -20.64 27.05
CA GLU D 327 -4.98 -19.35 27.71
C GLU D 327 -4.72 -18.26 26.67
N LEU D 328 -3.87 -18.55 25.69
CA LEU D 328 -3.57 -17.65 24.60
C LEU D 328 -4.86 -17.21 23.88
N TRP D 329 -5.79 -18.13 23.68
CA TRP D 329 -7.08 -17.81 23.05
C TRP D 329 -7.91 -16.82 23.87
N LYS D 330 -7.83 -16.92 25.20
CA LYS D 330 -8.61 -16.02 26.05
C LYS D 330 -7.93 -14.66 26.23
N LYS D 331 -6.60 -14.64 26.13
CA LYS D 331 -5.85 -13.44 26.49
C LYS D 331 -5.40 -12.59 25.31
N SER D 332 -5.46 -13.13 24.10
CA SER D 332 -4.84 -12.48 22.96
C SER D 332 -5.69 -11.35 22.38
N SER D 333 -5.01 -10.34 21.87
CA SER D 333 -5.63 -9.28 21.10
C SER D 333 -4.63 -8.83 20.05
N TYR D 334 -5.11 -8.13 19.03
CA TYR D 334 -4.23 -7.68 17.96
C TYR D 334 -4.57 -6.28 17.45
N VAL D 335 -3.56 -5.62 16.85
CA VAL D 335 -3.77 -4.36 16.14
C VAL D 335 -3.59 -4.58 14.67
N GLU D 336 -4.39 -3.87 13.88
CA GLU D 336 -4.31 -3.92 12.44
C GLU D 336 -3.31 -2.86 12.02
N ILE D 337 -2.39 -3.20 11.13
CA ILE D 337 -1.36 -2.23 10.73
C ILE D 337 -1.47 -1.89 9.25
N THR D 338 -0.71 -0.89 8.81
CA THR D 338 -0.67 -0.55 7.39
C THR D 338 0.61 -1.12 6.78
N THR D 339 0.72 -1.04 5.46
CA THR D 339 1.93 -1.50 4.77
C THR D 339 3.20 -0.80 5.28
N SER D 340 3.04 0.44 5.75
CA SER D 340 4.15 1.21 6.28
C SER D 340 4.47 0.77 7.70
N GLY D 341 3.44 0.30 8.40
CA GLY D 341 3.61 -0.29 9.71
C GLY D 341 4.40 -1.57 9.58
N LEU D 342 4.22 -2.22 8.43
CA LEU D 342 4.91 -3.46 8.08
C LEU D 342 6.39 -3.16 7.86
N ARG D 343 6.67 -2.06 7.17
CA ARG D 343 8.03 -1.55 7.02
C ARG D 343 8.74 -1.41 8.36
N GLU D 344 8.01 -0.88 9.35
CA GLU D 344 8.56 -0.63 10.69
C GLU D 344 8.83 -1.94 11.42
N SER D 345 7.98 -2.94 11.16
CA SER D 345 8.08 -4.29 11.74
C SER D 345 9.33 -5.03 11.31
N HIS D 346 9.57 -5.04 10.00
CA HIS D 346 10.77 -5.65 9.45
C HIS D 346 12.02 -4.83 9.79
N VAL D 347 13.14 -5.20 9.18
CA VAL D 347 14.37 -4.44 9.30
C VAL D 347 14.35 -3.27 8.30
N HIS D 348 14.68 -2.08 8.78
CA HIS D 348 14.69 -0.91 7.90
C HIS D 348 15.97 -0.07 7.97
N ASP D 349 16.44 0.37 6.80
CA ASP D 349 17.55 1.32 6.65
C ASP D 349 18.93 0.78 7.08
N VAL D 350 19.00 -0.51 7.36
CA VAL D 350 20.23 -1.16 7.78
C VAL D 350 20.53 -2.37 6.90
N GLU D 351 21.69 -2.40 6.25
CA GLU D 351 22.07 -3.54 5.43
C GLU D 351 22.47 -4.74 6.30
N ILE D 352 21.85 -5.89 6.07
CA ILE D 352 22.08 -7.08 6.89
C ILE D 352 23.34 -7.84 6.50
N VAL D 353 24.12 -8.24 7.51
CA VAL D 353 25.33 -9.02 7.30
C VAL D 353 25.05 -10.51 7.47
P IMP E . -7.19 -4.46 -21.58
O1P IMP E . -5.97 -4.41 -22.45
O2P IMP E . -7.00 -4.22 -20.09
O3P IMP E . -7.85 -5.80 -21.80
O5' IMP E . -8.23 -3.33 -22.03
C5' IMP E . -8.62 -3.13 -23.37
C4' IMP E . -9.67 -2.05 -23.46
O4' IMP E . -9.05 -0.75 -23.29
C3' IMP E . -10.44 -1.91 -24.76
O3' IMP E . -11.47 -2.88 -24.90
C2' IMP E . -10.96 -0.47 -24.69
O2' IMP E . -12.11 -0.39 -23.85
C1' IMP E . -9.82 0.23 -23.94
N9 IMP E . -8.97 1.03 -24.83
C8 IMP E . -8.51 0.79 -26.10
N7 IMP E . -7.72 1.83 -26.48
C5 IMP E . -7.67 2.73 -25.47
C6 IMP E . -7.02 3.96 -25.29
O6 IMP E . -6.04 4.26 -25.98
N1 IMP E . -7.18 4.62 -24.11
C2 IMP E . -7.96 4.09 -23.09
N3 IMP E . -8.59 2.89 -23.26
C4 IMP E . -8.44 2.23 -24.43
C1 EDO F . -27.05 -12.19 -19.22
O1 EDO F . -28.03 -11.15 -19.35
C2 EDO F . -27.62 -13.45 -18.56
O2 EDO F . -26.52 -14.30 -18.20
C1 EDO G . -0.54 12.49 -23.39
O1 EDO G . -1.80 13.09 -23.09
C2 EDO G . 0.32 12.38 -22.16
O2 EDO G . 0.40 11.01 -21.78
O2 Q21 H . -8.66 -28.93 -7.62
C13 Q21 H . -8.47 -27.80 -8.01
C14 Q21 H . -7.06 -27.41 -8.37
C15 Q21 H . -6.74 -27.93 -9.78
O3 Q21 H . -6.14 -28.00 -7.45
C16 Q21 H . -5.97 -27.47 -6.20
C17 Q21 H . -6.49 -26.23 -5.85
C18 Q21 H . -6.33 -25.73 -4.57
C19 Q21 H . -5.63 -26.47 -3.62
C21 Q21 H . -5.28 -28.21 -5.24
C46 Q21 H . -4.76 -29.45 -5.60
C45 Q21 H . -4.06 -30.20 -4.64
C44 Q21 H . -3.88 -29.69 -3.36
C43 Q21 H . -4.40 -28.45 -3.01
C20 Q21 H . -5.10 -27.71 -3.96
N3 Q21 H . -9.39 -26.85 -8.15
C10 Q21 H . -10.73 -26.95 -7.89
C11 Q21 H . -11.49 -25.79 -8.03
C12 Q21 H . -12.86 -25.78 -7.79
C7 Q21 H . -13.45 -26.97 -7.39
C8 Q21 H . -12.73 -28.13 -7.25
C9 Q21 H . -11.36 -28.14 -7.48
O1 Q21 H . -14.73 -27.16 -7.13
C1 Q21 H . -14.89 -28.47 -6.77
N1 Q21 H . -13.65 -29.05 -6.86
C2 Q21 H . -16.06 -29.12 -6.42
C3 Q21 H . -16.04 -30.48 -6.09
C4 Q21 H . -17.22 -31.12 -5.72
N2 Q21 H . -18.38 -30.43 -5.68
C5 Q21 H . -18.43 -29.13 -6.00
C6 Q21 H . -17.27 -28.43 -6.36
C1 EDO I . -2.87 -19.66 -15.61
O1 EDO I . -2.11 -18.51 -15.21
C2 EDO I . -2.71 -20.82 -14.63
O2 EDO I . -3.79 -21.78 -14.77
O2 Q21 J . -11.10 10.41 -27.04
C13 Q21 J . -10.36 10.63 -26.09
C14 Q21 J . -8.98 10.02 -26.09
C15 Q21 J . -8.02 10.90 -26.86
O3 Q21 J . -9.05 8.73 -26.70
C16 Q21 J . -9.52 7.66 -25.99
C17 Q21 J . -9.63 7.72 -24.60
C18 Q21 J . -10.14 6.63 -23.88
C19 Q21 J . -10.53 5.48 -24.56
C21 Q21 J . -9.92 6.50 -26.66
C46 Q21 J . -9.81 6.44 -28.05
C45 Q21 J . -10.21 5.29 -28.71
C44 Q21 J . -10.70 4.19 -28.00
C43 Q21 J . -10.81 4.25 -26.62
C20 Q21 J . -10.42 5.41 -25.95
N3 Q21 J . -10.64 11.38 -25.02
C10 Q21 J . -11.80 12.04 -24.75
C11 Q21 J . -11.90 12.65 -23.50
C12 Q21 J . -13.03 13.35 -23.12
C7 Q21 J . -14.09 13.43 -24.02
C8 Q21 J . -14.01 12.84 -25.27
C9 Q21 J . -12.87 12.14 -25.66
O1 Q21 J . -15.22 14.05 -23.83
C1 Q21 J . -15.97 13.89 -24.98
N1 Q21 J . -15.21 13.16 -25.83
C2 Q21 J . -17.24 14.38 -25.24
C3 Q21 J . -17.86 14.11 -26.45
C4 Q21 J . -19.14 14.61 -26.68
N2 Q21 J . -19.77 15.33 -25.75
C5 Q21 J . -19.20 15.61 -24.57
C6 Q21 J . -17.92 15.13 -24.27
P IMP K . 6.56 20.93 -7.72
O1P IMP K . 8.01 20.78 -8.11
O2P IMP K . 5.86 19.68 -7.22
O3P IMP K . 5.78 21.45 -8.91
O5' IMP K . 6.41 21.97 -6.52
C5' IMP K . 7.00 23.27 -6.59
C4' IMP K . 6.65 24.09 -5.36
O4' IMP K . 7.37 23.59 -4.22
C3' IMP K . 6.98 25.57 -5.40
O3' IMP K . 6.01 26.32 -6.13
C2' IMP K . 7.04 25.94 -3.92
O2' IMP K . 5.74 26.15 -3.40
C1' IMP K . 7.57 24.64 -3.29
N9 IMP K . 9.01 24.71 -2.96
C8 IMP K . 10.02 25.30 -3.66
N7 IMP K . 11.18 25.08 -2.98
C5 IMP K . 10.92 24.36 -1.88
C6 IMP K . 11.73 23.88 -0.85
O6 IMP K . 12.94 23.73 -1.04
N1 IMP K . 11.15 23.15 0.16
C2 IMP K . 9.79 22.91 0.17
N3 IMP K . 9.00 23.42 -0.84
C4 IMP K . 9.56 24.12 -1.85
O2 Q21 L . 12.02 28.07 5.77
C13 Q21 L . 12.04 26.88 6.02
C14 Q21 L . 12.80 25.96 5.10
C15 Q21 L . 14.28 26.06 5.45
O3 Q21 L . 12.59 26.38 3.75
C16 Q21 L . 11.42 26.13 3.08
C17 Q21 L . 10.49 25.23 3.59
C18 Q21 L . 9.30 24.98 2.92
C19 Q21 L . 9.02 25.64 1.73
C21 Q21 L . 11.14 26.80 1.89
C46 Q21 L . 12.06 27.71 1.37
C45 Q21 L . 11.77 28.37 0.17
C44 Q21 L . 10.58 28.12 -0.51
C43 Q21 L . 9.66 27.21 0.01
C20 Q21 L . 9.94 26.55 1.21
N3 Q21 L . 11.44 26.29 7.07
C10 Q21 L . 10.69 26.86 8.05
C11 Q21 L . 10.12 26.02 8.99
C12 Q21 L . 9.32 26.50 10.03
C7 Q21 L . 9.11 27.87 10.07
C8 Q21 L . 9.67 28.75 9.16
C9 Q21 L . 10.46 28.24 8.13
O1 Q21 L . 8.39 28.52 10.97
C1 Q21 L . 8.47 29.86 10.66
N1 Q21 L . 9.24 29.98 9.54
C2 Q21 L . 7.85 30.90 11.35
C3 Q21 L . 7.99 32.22 10.93
C4 Q21 L . 7.37 33.24 11.64
N2 Q21 L . 6.63 32.95 12.73
C5 Q21 L . 6.48 31.68 13.17
C6 Q21 L . 7.08 30.62 12.49
P IMP M . 16.51 2.33 16.24
O1P IMP M . 17.76 1.72 15.65
O2P IMP M . 15.28 2.37 15.34
O3P IMP M . 16.79 3.76 16.63
O5' IMP M . 16.04 1.51 17.53
C5' IMP M . 16.92 1.20 18.60
C4' IMP M . 16.20 0.53 19.75
O4' IMP M . 15.87 -0.83 19.39
C3' IMP M . 16.96 0.37 21.06
O3' IMP M . 17.00 1.57 21.82
C2' IMP M . 16.22 -0.76 21.75
O2' IMP M . 15.05 -0.30 22.41
C1' IMP M . 15.78 -1.63 20.57
N9 IMP M . 16.62 -2.83 20.39
C8 IMP M . 17.98 -2.97 20.60
N7 IMP M . 18.32 -4.24 20.30
C5 IMP M . 17.22 -4.92 19.91
C6 IMP M . 17.01 -6.22 19.49
O6 IMP M . 17.94 -6.94 19.12
N1 IMP M . 15.74 -6.60 19.14
C2 IMP M . 14.70 -5.72 19.20
N3 IMP M . 14.90 -4.44 19.62
C4 IMP M . 16.15 -4.04 19.97
O2 Q21 N . 14.56 -11.26 25.08
C13 Q21 N . 14.04 -11.57 24.01
C14 Q21 N . 14.87 -11.44 22.76
C15 Q21 N . 15.78 -12.65 22.62
O3 Q21 N . 15.69 -10.27 22.87
C16 Q21 N . 15.17 -9.01 22.68
C17 Q21 N . 13.90 -8.83 22.12
C18 Q21 N . 13.39 -7.55 21.93
C19 Q21 N . 14.15 -6.44 22.33
C21 Q21 N . 15.92 -7.90 23.06
C46 Q21 N . 17.19 -8.09 23.62
C45 Q21 N . 17.93 -6.97 24.00
C44 Q21 N . 17.42 -5.69 23.82
C43 Q21 N . 16.16 -5.50 23.26
C20 Q21 N . 15.41 -6.62 22.88
N3 Q21 N . 12.79 -12.01 23.84
C10 Q21 N . 11.84 -12.19 24.81
C11 Q21 N . 10.56 -12.53 24.39
C12 Q21 N . 9.53 -12.74 25.28
C7 Q21 N . 9.81 -12.59 26.63
C8 Q21 N . 11.06 -12.25 27.08
C9 Q21 N . 12.09 -12.05 26.19
O1 Q21 N . 8.96 -12.74 27.61
C1 Q21 N . 9.65 -12.50 28.78
N1 Q21 N . 10.93 -12.20 28.43
C2 Q21 N . 9.14 -12.56 30.08
C3 Q21 N . 9.98 -12.28 31.16
C4 Q21 N . 9.47 -12.34 32.46
N2 Q21 N . 8.19 -12.66 32.67
C5 Q21 N . 7.35 -12.92 31.64
C6 Q21 N . 7.81 -12.88 30.32
C1 EDO O . 0.65 14.57 27.28
O1 EDO O . -0.03 14.29 26.04
C2 EDO O . 2.05 13.97 27.30
O2 EDO O . 2.12 12.72 28.00
C1 EDO P . 8.76 17.57 29.68
O1 EDO P . 8.17 18.35 28.64
C2 EDO P . 7.64 16.86 30.43
O2 EDO P . 8.11 15.59 30.92
P IMP Q . 2.69 -23.05 2.48
O1P IMP Q . 3.66 -23.48 1.41
O2P IMP Q . 2.39 -21.57 2.56
O3P IMP Q . 3.25 -23.49 3.81
O5' IMP Q . 1.26 -23.75 2.22
C5' IMP Q . 1.14 -25.15 1.97
C4' IMP Q . -0.31 -25.53 1.73
O4' IMP Q . -0.74 -25.12 0.41
C3' IMP Q . -0.64 -27.02 1.76
O3' IMP Q . -0.73 -27.53 3.08
C2' IMP Q . -1.96 -27.09 1.00
O2' IMP Q . -3.06 -26.80 1.83
C1' IMP Q . -1.81 -25.94 -0.01
N9 IMP Q . -1.53 -26.41 -1.38
C8 IMP Q . -0.73 -27.46 -1.76
N7 IMP Q . -0.73 -27.51 -3.13
C5 IMP Q . -1.51 -26.51 -3.61
C6 IMP Q . -1.84 -26.11 -4.90
O6 IMP Q . -1.10 -26.40 -5.85
N1 IMP Q . -2.67 -25.02 -5.07
C2 IMP Q . -3.16 -24.35 -3.97
N3 IMP Q . -2.82 -24.75 -2.69
C4 IMP Q . -2.01 -25.82 -2.52
#